data_9JU6
#
_entry.id   9JU6
#
_cell.length_a   1.00
_cell.length_b   1.00
_cell.length_c   1.00
_cell.angle_alpha   90.00
_cell.angle_beta   90.00
_cell.angle_gamma   90.00
#
_symmetry.space_group_name_H-M   'P 1'
#
loop_
_entity.id
_entity.type
_entity.pdbx_description
1 polymer 'ABC transporter G family member 23-like Protein'
2 non-polymer ~{N}-[(~{E},2~{S},3~{R})-18-[(4-nitro-2,1,3-benzoxadiazol-7-yl)amino]-1,3-bis(oxidanyl)octadec-4-en-2-yl]octadecanamide
3 non-polymer '[(2~{R})-1-[2-azanylethoxy(oxidanyl)phosphoryl]oxy-3-[(5~{Z},8~{Z},11~{E},14~{E},17~{Z})-icosa-5,8,11,14,17-pentaenoxy]propan-2-yl] octadecanoate'
#
_entity_poly.entity_id   1
_entity_poly.type   'polypeptide(L)'
_entity_poly.pdbx_seq_one_letter_code
;MGEDDKLKRMFSWSSNALSEGSAMGERVEPVVPGPDLVGVNVERPPAPLVHQQSTVWSKRQHAVCVRHAFKQYGSKKNPN
HVLSDLNMTVAKGTIYGLLGASGCGKTTLLSCIVGRRRLNTGEIWVLGGKPGTKGSGVPGKRVGYMPQEIALYGEFSIKE
TMMYFGWIFGMESSEINERLQFLLNFLDLPSQNRLVKNLSGGQQRRVSFAVALMHDPELLILDEPTVGVDPLLRQSIWNH
LVQITKDGNKTVIITTHYIEEARQAHTIGLMRSGKLLAEESPHVLLSMYGCQSLEEVFLKLSRKQGQANQNDINISNNIS
LATLNWGKKDSISVTEESGVVGLNFHQSKEILIADSTNGHIDLNGLGKPSSSKSSMADACDDCSCSDMTSWGKIKALLQK
NFLRMWRNVGVMLFIFALPVMQVILFCLAIGRDPTGLKLAIVNHEKNYTNQSYQECSFDYGCKFSYLSCRYLNNLRNSTI
LKEYYPDPESAVDAVKQGHAWGALYFTENFTDALVARMALGKDADPETLDQSEVRVWLDMSNQQIGIILQRDLQLSYQDF
AKDLLGACEQNPDLAEIPISFKEPIYGSNKPSFTDFVAPGVILTIVFFLAVALTSSALIIERMEGLLDRSWVAGVTPGEI
LFSHVVTQFVVMCGQTALVLIFMILVFGVQCKGDIGWVIVLTILQGLCGMCFGFVISAICELERNAIQLALGSFYPTLLL
SGVIWPIEGMPTVLRYVSTFLPLTLATTSLRAMLTRGWSIAEPAVYYGFLATIIWIVAFLTISMLVLRFKRG
;
_entity_poly.pdbx_strand_id   A,B
#
loop_
_chem_comp.id
_chem_comp.type
_chem_comp.name
_chem_comp.formula
A1D7S non-polymer '[(2~{R})-1-[2-azanylethoxy(oxidanyl)phosphoryl]oxy-3-[(5~{Z},8~{Z},11~{E},14~{E},17~{Z})-icosa-5,8,11,14,17-pentaenoxy]propan-2-yl] octadecanoate' 'C43 H78 N O7 P'
A1EC8 non-polymer ~{N}-[(~{E},2~{S},3~{R})-18-[(4-nitro-2,1,3-benzoxadiazol-7-yl)amino]-1,3-bis(oxidanyl)octadec-4-en-2-yl]octadecanamide 'C42 H73 N5 O6'
#
# COMPACT_ATOMS: atom_id res chain seq x y z
N HIS A 62 51.21 2.13 -18.50
CA HIS A 62 50.75 2.70 -17.24
C HIS A 62 49.27 3.04 -17.30
N ALA A 63 48.43 2.10 -16.88
CA ALA A 63 46.98 2.28 -16.96
C ALA A 63 46.42 2.98 -15.74
N VAL A 64 46.65 2.43 -14.55
CA VAL A 64 46.08 2.95 -13.31
C VAL A 64 47.23 3.34 -12.38
N CYS A 65 47.16 4.56 -11.84
CA CYS A 65 48.10 5.05 -10.85
C CYS A 65 47.32 5.61 -9.67
N VAL A 66 47.66 5.16 -8.47
CA VAL A 66 47.03 5.58 -7.23
C VAL A 66 48.12 6.03 -6.28
N ARG A 67 48.01 7.26 -5.77
CA ARG A 67 49.04 7.80 -4.89
C ARG A 67 48.39 8.45 -3.67
N HIS A 68 48.72 7.92 -2.49
CA HIS A 68 48.30 8.50 -1.21
C HIS A 68 46.79 8.62 -1.12
N ALA A 69 46.07 7.57 -1.51
CA ALA A 69 44.61 7.61 -1.59
C ALA A 69 44.02 7.52 -0.20
N PHE A 70 43.68 8.67 0.39
CA PHE A 70 43.08 8.73 1.70
C PHE A 70 41.56 8.82 1.56
N LYS A 71 40.85 7.85 2.14
CA LYS A 71 39.40 7.84 2.12
C LYS A 71 38.89 7.40 3.48
N GLN A 72 37.88 8.09 4.00
CA GLN A 72 37.37 7.83 5.34
C GLN A 72 35.85 7.91 5.31
N TYR A 73 35.23 7.13 6.20
CA TYR A 73 33.78 7.09 6.36
C TYR A 73 33.43 7.46 7.79
N GLY A 74 32.39 8.28 7.94
CA GLY A 74 31.92 8.69 9.25
C GLY A 74 31.52 10.14 9.23
N SER A 75 31.40 10.71 10.43
CA SER A 75 30.99 12.11 10.60
C SER A 75 31.90 12.81 11.60
N LYS A 76 33.20 12.46 11.55
CA LYS A 76 34.23 13.09 12.39
C LYS A 76 33.97 12.88 13.88
N LYS A 77 33.21 11.86 14.25
CA LYS A 77 33.01 11.48 15.64
C LYS A 77 33.51 10.07 15.91
N ASN A 78 33.12 9.11 15.08
CA ASN A 78 33.63 7.74 15.15
C ASN A 78 34.07 7.34 13.73
N PRO A 79 35.17 7.91 13.25
CA PRO A 79 35.55 7.70 11.86
C PRO A 79 35.97 6.27 11.58
N ASN A 80 35.76 5.84 10.34
CA ASN A 80 36.23 4.56 9.84
C ASN A 80 37.24 4.82 8.74
N HIS A 81 38.45 4.31 8.92
CA HIS A 81 39.53 4.53 7.96
C HIS A 81 39.53 3.36 6.96
N VAL A 82 38.67 3.47 5.96
CA VAL A 82 38.56 2.42 4.96
C VAL A 82 39.78 2.38 4.05
N LEU A 83 40.43 3.53 3.86
CA LEU A 83 41.64 3.62 3.06
C LEU A 83 42.68 4.45 3.79
N SER A 84 43.94 4.21 3.45
CA SER A 84 45.08 4.84 4.11
C SER A 84 46.09 5.19 3.03
N ASP A 85 47.34 5.44 3.41
CA ASP A 85 48.35 5.75 2.42
C ASP A 85 48.50 4.58 1.46
N LEU A 86 47.96 4.73 0.26
CA LEU A 86 47.79 3.63 -0.69
C LEU A 86 48.45 4.02 -2.00
N ASN A 87 49.48 3.28 -2.39
CA ASN A 87 50.15 3.46 -3.67
C ASN A 87 49.94 2.19 -4.50
N MET A 88 49.55 2.37 -5.76
CA MET A 88 49.27 1.20 -6.61
C MET A 88 49.44 1.57 -8.06
N THR A 89 50.23 0.77 -8.79
CA THR A 89 50.46 1.00 -10.20
C THR A 89 50.12 -0.27 -10.99
N VAL A 90 49.34 -0.12 -12.05
CA VAL A 90 48.97 -1.23 -12.91
C VAL A 90 49.64 -1.01 -14.27
N ALA A 91 50.57 -1.91 -14.61
CA ALA A 91 51.26 -1.80 -15.88
C ALA A 91 50.36 -2.25 -17.02
N LYS A 92 50.51 -1.60 -18.17
CA LYS A 92 49.68 -1.93 -19.33
C LYS A 92 50.10 -3.25 -19.95
N GLY A 93 49.12 -4.09 -20.24
CA GLY A 93 49.39 -5.37 -20.88
C GLY A 93 49.58 -6.55 -19.95
N THR A 94 49.25 -6.41 -18.67
CA THR A 94 49.41 -7.47 -17.69
C THR A 94 48.10 -7.76 -16.98
N ILE A 95 48.06 -8.87 -16.25
CA ILE A 95 46.93 -9.23 -15.41
C ILE A 95 47.29 -8.93 -13.96
N TYR A 96 46.41 -8.20 -13.29
CA TYR A 96 46.63 -7.72 -11.94
C TYR A 96 45.60 -8.31 -11.01
N GLY A 97 46.05 -8.94 -9.94
CA GLY A 97 45.16 -9.53 -8.94
C GLY A 97 45.19 -8.68 -7.68
N LEU A 98 44.01 -8.46 -7.09
CA LEU A 98 43.86 -7.76 -5.83
C LEU A 98 43.25 -8.75 -4.84
N LEU A 99 43.98 -9.05 -3.76
CA LEU A 99 43.69 -10.22 -2.94
C LEU A 99 43.50 -9.83 -1.48
N GLY A 100 42.65 -8.83 -1.24
CA GLY A 100 42.33 -8.46 0.12
C GLY A 100 41.50 -9.51 0.84
N ALA A 101 41.34 -9.30 2.14
CA ALA A 101 40.60 -10.25 2.98
C ALA A 101 39.09 -9.98 2.92
N SER A 102 38.67 -8.83 3.41
CA SER A 102 37.25 -8.48 3.42
C SER A 102 36.83 -8.07 2.01
N GLY A 103 35.62 -7.55 1.86
CA GLY A 103 35.12 -7.22 0.54
C GLY A 103 34.73 -5.76 0.37
N CYS A 104 35.20 -4.90 1.26
CA CYS A 104 34.84 -3.49 1.24
C CYS A 104 35.98 -2.57 0.83
N GLY A 105 37.19 -2.82 1.30
CA GLY A 105 38.32 -1.99 0.89
C GLY A 105 38.62 -2.11 -0.58
N LYS A 106 38.64 -3.34 -1.09
CA LYS A 106 38.86 -3.55 -2.52
C LYS A 106 37.71 -2.97 -3.34
N THR A 107 36.47 -3.15 -2.86
CA THR A 107 35.33 -2.61 -3.59
C THR A 107 35.35 -1.09 -3.58
N THR A 108 35.76 -0.48 -2.47
CA THR A 108 35.92 0.98 -2.43
C THR A 108 36.99 1.43 -3.43
N LEU A 109 38.11 0.71 -3.49
CA LEU A 109 39.16 1.07 -4.44
C LEU A 109 38.67 0.95 -5.87
N LEU A 110 37.92 -0.11 -6.18
CA LEU A 110 37.38 -0.30 -7.53
C LEU A 110 36.37 0.78 -7.87
N SER A 111 35.54 1.18 -6.90
CA SER A 111 34.60 2.26 -7.14
C SER A 111 35.29 3.58 -7.38
N CYS A 112 36.40 3.85 -6.69
CA CYS A 112 37.18 5.04 -6.98
C CYS A 112 37.84 4.95 -8.37
N ILE A 113 38.31 3.76 -8.74
CA ILE A 113 38.96 3.58 -10.04
C ILE A 113 37.96 3.84 -11.16
N VAL A 114 36.75 3.28 -11.05
CA VAL A 114 35.74 3.44 -12.09
C VAL A 114 35.34 4.89 -12.24
N GLY A 115 35.14 5.58 -11.12
CA GLY A 115 34.76 6.98 -11.16
C GLY A 115 33.51 7.28 -10.36
N ARG A 116 32.97 6.24 -9.71
CA ARG A 116 31.73 6.40 -8.96
C ARG A 116 31.89 7.35 -7.77
N ARG A 117 33.01 7.24 -7.05
CA ARG A 117 33.22 8.00 -5.83
C ARG A 117 34.46 8.88 -5.97
N ARG A 118 34.69 9.68 -4.94
CA ARG A 118 35.81 10.62 -4.92
C ARG A 118 36.59 10.44 -3.62
N LEU A 119 37.87 10.79 -3.68
CA LEU A 119 38.76 10.60 -2.55
C LEU A 119 38.82 11.87 -1.69
N ASN A 120 39.40 11.72 -0.50
CA ASN A 120 39.64 12.86 0.37
C ASN A 120 41.03 13.47 0.16
N THR A 121 42.02 12.65 -0.15
CA THR A 121 43.36 13.12 -0.45
C THR A 121 44.01 12.13 -1.41
N GLY A 122 45.02 12.59 -2.12
CA GLY A 122 45.75 11.74 -3.04
C GLY A 122 45.30 11.93 -4.48
N GLU A 123 45.90 11.14 -5.37
CA GLU A 123 45.62 11.24 -6.79
C GLU A 123 45.26 9.87 -7.35
N ILE A 124 44.28 9.89 -8.26
CA ILE A 124 43.85 8.73 -9.03
C ILE A 124 44.00 9.10 -10.50
N TRP A 125 44.62 8.22 -11.27
CA TRP A 125 44.94 8.52 -12.66
C TRP A 125 44.73 7.25 -13.47
N VAL A 126 43.60 7.15 -14.17
CA VAL A 126 43.21 5.92 -14.85
C VAL A 126 43.09 6.17 -16.34
N LEU A 127 43.86 5.42 -17.12
CA LEU A 127 43.80 5.40 -18.59
C LEU A 127 44.09 6.76 -19.22
N GLY A 128 44.67 7.69 -18.48
CA GLY A 128 45.05 8.96 -19.07
C GLY A 128 44.72 10.18 -18.23
N GLY A 129 43.60 10.15 -17.50
CA GLY A 129 43.20 11.30 -16.73
C GLY A 129 42.32 10.88 -15.58
N LYS A 130 41.87 11.87 -14.82
CA LYS A 130 41.05 11.60 -13.66
C LYS A 130 39.73 10.96 -14.08
N PRO A 131 39.15 10.08 -13.25
CA PRO A 131 37.89 9.45 -13.62
C PRO A 131 36.74 10.44 -13.58
N GLY A 132 35.80 10.26 -14.50
CA GLY A 132 34.61 11.09 -14.53
C GLY A 132 34.84 12.51 -14.99
N THR A 133 36.05 12.87 -15.37
CA THR A 133 36.37 14.21 -15.85
C THR A 133 36.84 14.11 -17.30
N LYS A 134 37.28 15.24 -17.84
CA LYS A 134 37.78 15.28 -19.20
C LYS A 134 39.17 14.64 -19.27
N GLY A 135 39.62 14.38 -20.49
CA GLY A 135 40.92 13.77 -20.70
C GLY A 135 40.95 12.27 -20.61
N SER A 136 39.82 11.63 -20.27
CA SER A 136 39.76 10.19 -20.19
C SER A 136 38.36 9.73 -20.54
N GLY A 137 38.25 8.47 -20.95
CA GLY A 137 36.97 7.87 -21.22
C GLY A 137 36.66 6.74 -20.26
N VAL A 138 37.01 6.95 -18.98
CA VAL A 138 36.87 5.88 -18.00
C VAL A 138 35.42 5.46 -17.80
N PRO A 139 34.46 6.36 -17.52
CA PRO A 139 33.07 5.93 -17.62
C PRO A 139 32.61 5.98 -19.06
N GLY A 140 32.51 4.83 -19.70
CA GLY A 140 32.18 4.78 -21.12
C GLY A 140 32.63 3.46 -21.71
N LYS A 141 32.88 3.50 -23.02
CA LYS A 141 33.19 2.30 -23.77
C LYS A 141 34.66 1.92 -23.72
N ARG A 142 35.47 2.64 -22.94
CA ARG A 142 36.88 2.32 -22.78
C ARG A 142 37.15 1.43 -21.58
N VAL A 143 36.12 1.07 -20.80
CA VAL A 143 36.27 0.21 -19.64
C VAL A 143 35.19 -0.86 -19.66
N GLY A 144 35.48 -1.97 -19.00
CA GLY A 144 34.52 -3.05 -18.85
C GLY A 144 34.38 -3.44 -17.40
N TYR A 145 33.18 -3.29 -16.85
CA TYR A 145 32.94 -3.47 -15.42
C TYR A 145 32.03 -4.66 -15.19
N MET A 146 32.45 -5.56 -14.30
CA MET A 146 31.63 -6.68 -13.83
C MET A 146 31.42 -6.52 -12.35
N PRO A 147 30.22 -6.18 -11.88
CA PRO A 147 30.03 -5.89 -10.46
C PRO A 147 30.07 -7.14 -9.61
N GLN A 148 30.20 -6.93 -8.30
CA GLN A 148 30.22 -8.04 -7.36
C GLN A 148 28.89 -8.77 -7.34
N GLU A 149 27.79 -8.03 -7.40
CA GLU A 149 26.46 -8.62 -7.46
C GLU A 149 26.01 -8.74 -8.91
N ILE A 150 25.07 -9.66 -9.14
CA ILE A 150 24.50 -9.83 -10.48
C ILE A 150 23.58 -8.64 -10.76
N ALA A 151 24.03 -7.74 -11.63
CA ALA A 151 23.28 -6.54 -11.98
C ALA A 151 22.59 -6.67 -13.33
N LEU A 152 22.04 -7.85 -13.61
CA LEU A 152 21.32 -8.08 -14.85
C LEU A 152 19.84 -7.77 -14.69
N TYR A 153 19.18 -7.59 -15.83
CA TYR A 153 17.75 -7.35 -15.85
C TYR A 153 17.01 -8.67 -15.97
N GLY A 154 16.07 -8.91 -15.07
CA GLY A 154 15.16 -10.03 -15.24
C GLY A 154 14.25 -9.75 -16.40
N GLU A 155 13.36 -10.72 -16.67
CA GLU A 155 12.38 -10.65 -17.75
C GLU A 155 13.01 -10.18 -19.07
N PHE A 156 14.30 -10.45 -19.24
CA PHE A 156 15.03 -10.15 -20.45
C PHE A 156 15.66 -11.42 -20.97
N SER A 157 15.55 -11.68 -22.26
CA SER A 157 16.31 -12.78 -22.82
C SER A 157 17.79 -12.40 -22.89
N ILE A 158 18.64 -13.41 -23.08
CA ILE A 158 20.07 -13.15 -23.18
C ILE A 158 20.35 -12.23 -24.37
N LYS A 159 19.73 -12.54 -25.51
CA LYS A 159 19.94 -11.74 -26.72
C LYS A 159 19.49 -10.30 -26.51
N GLU A 160 18.37 -10.11 -25.83
CA GLU A 160 17.89 -8.75 -25.58
C GLU A 160 18.85 -7.98 -24.67
N THR A 161 19.42 -8.66 -23.67
CA THR A 161 20.39 -8.01 -22.80
C THR A 161 21.63 -7.58 -23.58
N MET A 162 22.16 -8.45 -24.43
CA MET A 162 23.33 -8.08 -25.21
C MET A 162 23.02 -6.96 -26.18
N MET A 163 21.85 -6.98 -26.83
CA MET A 163 21.46 -5.88 -27.71
C MET A 163 21.36 -4.57 -26.94
N TYR A 164 20.76 -4.59 -25.75
CA TYR A 164 20.61 -3.37 -24.97
C TYR A 164 21.97 -2.79 -24.62
N PHE A 165 22.86 -3.60 -24.07
CA PHE A 165 24.16 -3.07 -23.67
C PHE A 165 25.01 -2.71 -24.88
N GLY A 166 24.80 -3.36 -26.02
CA GLY A 166 25.51 -2.95 -27.23
C GLY A 166 25.04 -1.60 -27.73
N TRP A 167 23.73 -1.36 -27.70
CA TRP A 167 23.22 -0.05 -28.11
C TRP A 167 23.69 1.04 -27.18
N ILE A 168 23.87 0.73 -25.89
CA ILE A 168 24.40 1.75 -24.97
C ILE A 168 25.80 2.17 -25.39
N PHE A 169 26.61 1.25 -25.88
CA PHE A 169 27.97 1.55 -26.31
C PHE A 169 28.06 1.99 -27.76
N GLY A 170 26.95 1.99 -28.49
CA GLY A 170 26.91 2.54 -29.83
C GLY A 170 27.34 1.62 -30.94
N MET A 171 27.61 0.34 -30.66
CA MET A 171 28.00 -0.56 -31.74
C MET A 171 26.80 -0.92 -32.60
N GLU A 172 27.07 -1.21 -33.87
CA GLU A 172 26.01 -1.53 -34.81
C GLU A 172 25.37 -2.88 -34.47
N SER A 173 24.08 -2.99 -34.77
CA SER A 173 23.35 -4.21 -34.43
C SER A 173 23.78 -5.40 -35.27
N SER A 174 24.53 -5.16 -36.35
CA SER A 174 25.00 -6.28 -37.17
C SER A 174 26.13 -7.03 -36.49
N GLU A 175 27.06 -6.31 -35.86
CA GLU A 175 28.21 -6.93 -35.21
C GLU A 175 27.93 -7.36 -33.78
N ILE A 176 26.78 -7.03 -33.22
CA ILE A 176 26.41 -7.58 -31.91
C ILE A 176 26.15 -9.08 -32.04
N ASN A 177 25.63 -9.53 -33.19
CA ASN A 177 25.35 -10.95 -33.36
C ASN A 177 26.62 -11.79 -33.31
N GLU A 178 27.69 -11.33 -33.97
CA GLU A 178 28.93 -12.10 -33.96
C GLU A 178 29.48 -12.27 -32.55
N ARG A 179 29.50 -11.18 -31.79
CA ARG A 179 29.94 -11.26 -30.40
C ARG A 179 29.03 -12.17 -29.59
N LEU A 180 27.73 -12.08 -29.81
CA LEU A 180 26.79 -12.92 -29.05
C LEU A 180 27.04 -14.40 -29.31
N GLN A 181 27.18 -14.78 -30.58
CA GLN A 181 27.44 -16.19 -30.89
C GLN A 181 28.78 -16.65 -30.34
N PHE A 182 29.82 -15.82 -30.46
CA PHE A 182 31.12 -16.22 -29.94
C PHE A 182 31.06 -16.44 -28.44
N LEU A 183 30.45 -15.50 -27.71
CA LEU A 183 30.39 -15.63 -26.25
C LEU A 183 29.50 -16.79 -25.84
N LEU A 184 28.40 -17.02 -26.56
CA LEU A 184 27.55 -18.16 -26.25
C LEU A 184 28.30 -19.48 -26.41
N ASN A 185 29.07 -19.61 -27.49
CA ASN A 185 29.81 -20.84 -27.69
C ASN A 185 30.95 -20.98 -26.68
N PHE A 186 31.60 -19.88 -26.34
CA PHE A 186 32.78 -19.94 -25.48
C PHE A 186 32.42 -20.23 -24.04
N LEU A 187 31.36 -19.60 -23.53
CA LEU A 187 31.03 -19.70 -22.12
C LEU A 187 30.07 -20.84 -21.80
N ASP A 188 29.69 -21.64 -22.80
CA ASP A 188 28.84 -22.81 -22.61
C ASP A 188 27.51 -22.43 -21.95
N LEU A 189 26.75 -21.62 -22.68
CA LEU A 189 25.47 -21.09 -22.21
C LEU A 189 24.32 -21.66 -23.05
N PRO A 190 23.10 -21.65 -22.51
CA PRO A 190 21.96 -22.16 -23.27
C PRO A 190 21.56 -21.23 -24.41
N SER A 191 20.44 -21.55 -25.07
CA SER A 191 19.99 -20.75 -26.19
C SER A 191 19.70 -19.33 -25.76
N GLN A 192 19.89 -18.39 -26.70
CA GLN A 192 19.72 -16.97 -26.41
C GLN A 192 18.28 -16.58 -26.12
N ASN A 193 17.32 -17.45 -26.39
CA ASN A 193 15.91 -17.11 -26.20
C ASN A 193 15.43 -17.31 -24.77
N ARG A 194 16.23 -17.97 -23.92
CA ARG A 194 15.82 -18.22 -22.55
C ARG A 194 15.95 -16.96 -21.71
N LEU A 195 14.96 -16.72 -20.86
CA LEU A 195 14.95 -15.52 -20.02
C LEU A 195 16.04 -15.62 -18.96
N VAL A 196 16.51 -14.44 -18.51
CA VAL A 196 17.56 -14.42 -17.50
C VAL A 196 17.05 -14.98 -16.18
N LYS A 197 15.83 -14.62 -15.79
CA LYS A 197 15.27 -15.11 -14.53
C LYS A 197 15.06 -16.61 -14.53
N ASN A 198 14.94 -17.24 -15.70
CA ASN A 198 14.81 -18.68 -15.79
C ASN A 198 16.14 -19.41 -15.70
N LEU A 199 17.25 -18.69 -15.78
CA LEU A 199 18.55 -19.31 -15.65
C LEU A 199 18.86 -19.61 -14.20
N SER A 200 19.80 -20.53 -13.99
CA SER A 200 20.24 -20.87 -12.65
C SER A 200 21.16 -19.76 -12.13
N GLY A 201 21.56 -19.88 -10.87
CA GLY A 201 22.42 -18.86 -10.29
C GLY A 201 23.83 -18.87 -10.82
N GLY A 202 24.29 -20.00 -11.33
CA GLY A 202 25.64 -20.09 -11.85
C GLY A 202 25.75 -19.65 -13.30
N GLN A 203 24.61 -19.57 -13.98
CA GLN A 203 24.59 -19.12 -15.37
C GLN A 203 24.38 -17.62 -15.48
N GLN A 204 23.72 -17.00 -14.49
CA GLN A 204 23.59 -15.56 -14.49
C GLN A 204 24.94 -14.88 -14.33
N ARG A 205 25.83 -15.45 -13.54
CA ARG A 205 27.19 -14.92 -13.44
C ARG A 205 27.91 -15.00 -14.78
N ARG A 206 27.73 -16.10 -15.51
CA ARG A 206 28.36 -16.22 -16.81
C ARG A 206 27.78 -15.23 -17.80
N VAL A 207 26.48 -14.96 -17.72
CA VAL A 207 25.89 -13.95 -18.59
C VAL A 207 26.43 -12.56 -18.25
N SER A 208 26.60 -12.26 -16.96
CA SER A 208 27.18 -10.99 -16.57
C SER A 208 28.62 -10.86 -17.07
N PHE A 209 29.39 -11.93 -16.99
CA PHE A 209 30.76 -11.93 -17.52
C PHE A 209 30.76 -11.71 -19.03
N ALA A 210 29.83 -12.34 -19.73
CA ALA A 210 29.73 -12.13 -21.17
C ALA A 210 29.39 -10.67 -21.49
N VAL A 211 28.52 -10.06 -20.69
CA VAL A 211 28.18 -8.65 -20.89
C VAL A 211 29.40 -7.77 -20.71
N ALA A 212 30.21 -8.07 -19.68
CA ALA A 212 31.38 -7.24 -19.41
C ALA A 212 32.49 -7.38 -20.45
N LEU A 213 32.37 -8.33 -21.37
CA LEU A 213 33.44 -8.67 -22.30
C LEU A 213 33.08 -8.43 -23.75
N MET A 214 31.91 -7.87 -24.04
CA MET A 214 31.36 -7.96 -25.39
C MET A 214 31.77 -6.79 -26.27
N HIS A 215 31.92 -5.60 -25.69
CA HIS A 215 32.28 -4.44 -26.51
C HIS A 215 33.78 -4.27 -26.66
N ASP A 216 34.57 -5.19 -26.11
CA ASP A 216 36.03 -5.23 -26.27
C ASP A 216 36.69 -3.95 -25.76
N PRO A 217 36.68 -3.72 -24.45
CA PRO A 217 37.32 -2.51 -23.91
C PRO A 217 38.82 -2.74 -23.74
N GLU A 218 39.52 -1.67 -23.36
CA GLU A 218 40.95 -1.74 -23.10
C GLU A 218 41.28 -1.84 -21.63
N LEU A 219 40.28 -2.04 -20.77
CA LEU A 219 40.51 -2.18 -19.34
C LEU A 219 39.35 -2.96 -18.77
N LEU A 220 39.60 -4.17 -18.29
CA LEU A 220 38.57 -5.03 -17.73
C LEU A 220 38.70 -5.03 -16.21
N ILE A 221 37.63 -4.63 -15.52
CA ILE A 221 37.60 -4.67 -14.07
C ILE A 221 36.60 -5.74 -13.64
N LEU A 222 37.09 -6.95 -13.40
CA LEU A 222 36.27 -8.09 -13.05
C LEU A 222 36.28 -8.27 -11.54
N ASP A 223 35.10 -8.45 -10.96
CA ASP A 223 34.93 -8.60 -9.51
C ASP A 223 34.47 -10.02 -9.23
N GLU A 224 35.44 -10.91 -8.96
CA GLU A 224 35.22 -12.31 -8.67
C GLU A 224 34.38 -12.98 -9.77
N PRO A 225 34.91 -13.14 -10.98
CA PRO A 225 34.12 -13.75 -12.05
C PRO A 225 33.94 -15.25 -11.89
N THR A 226 34.73 -15.91 -11.06
CA THR A 226 34.70 -17.36 -10.91
C THR A 226 34.42 -17.69 -9.45
N VAL A 227 33.13 -17.76 -9.11
CA VAL A 227 32.73 -18.10 -7.75
C VAL A 227 32.35 -19.58 -7.72
N GLY A 228 31.35 -19.96 -8.51
CA GLY A 228 30.91 -21.34 -8.55
C GLY A 228 31.05 -21.95 -9.92
N VAL A 229 32.14 -21.65 -10.60
CA VAL A 229 32.36 -22.09 -11.97
C VAL A 229 33.04 -23.45 -11.97
N ASP A 230 32.61 -24.31 -12.89
CA ASP A 230 33.24 -25.61 -13.04
C ASP A 230 34.71 -25.44 -13.42
N PRO A 231 35.61 -26.25 -12.87
CA PRO A 231 37.05 -26.04 -13.16
C PRO A 231 37.40 -26.12 -14.64
N LEU A 232 36.73 -27.00 -15.39
CA LEU A 232 36.98 -27.07 -16.83
C LEU A 232 36.62 -25.79 -17.55
N LEU A 233 35.72 -24.99 -16.99
CA LEU A 233 35.42 -23.67 -17.54
C LEU A 233 36.32 -22.59 -16.97
N ARG A 234 36.75 -22.73 -15.72
CA ARG A 234 37.68 -21.78 -15.13
C ARG A 234 39.00 -21.77 -15.89
N GLN A 235 39.46 -22.95 -16.30
CA GLN A 235 40.69 -23.02 -17.08
C GLN A 235 40.56 -22.27 -18.40
N SER A 236 39.43 -22.45 -19.09
CA SER A 236 39.22 -21.76 -20.36
C SER A 236 39.10 -20.26 -20.16
N ILE A 237 38.43 -19.83 -19.10
CA ILE A 237 38.31 -18.40 -18.81
C ILE A 237 39.68 -17.79 -18.58
N TRP A 238 40.51 -18.46 -17.79
CA TRP A 238 41.83 -17.90 -17.51
C TRP A 238 42.73 -17.94 -18.74
N ASN A 239 42.59 -18.97 -19.59
CA ASN A 239 43.33 -18.98 -20.84
C ASN A 239 42.93 -17.82 -21.74
N HIS A 240 41.63 -17.54 -21.82
CA HIS A 240 41.18 -16.39 -22.59
C HIS A 240 41.73 -15.09 -22.02
N LEU A 241 41.74 -14.97 -20.69
CA LEU A 241 42.25 -13.75 -20.07
C LEU A 241 43.73 -13.55 -20.36
N VAL A 242 44.53 -14.62 -20.28
CA VAL A 242 45.95 -14.46 -20.56
C VAL A 242 46.23 -14.37 -22.06
N GLN A 243 45.27 -14.74 -22.90
CA GLN A 243 45.45 -14.66 -24.34
C GLN A 243 45.11 -13.30 -24.91
N ILE A 244 44.03 -12.67 -24.45
CA ILE A 244 43.66 -11.37 -24.99
C ILE A 244 44.68 -10.31 -24.59
N THR A 245 45.21 -10.39 -23.38
CA THR A 245 46.22 -9.44 -22.90
C THR A 245 47.62 -10.00 -23.10
N LYS A 246 47.97 -10.24 -24.36
CA LYS A 246 49.26 -10.81 -24.73
C LYS A 246 50.01 -9.79 -25.58
N ASP A 247 50.93 -9.05 -24.93
CA ASP A 247 51.73 -8.03 -25.60
C ASP A 247 50.84 -7.04 -26.34
N GLY A 248 49.77 -6.63 -25.68
CA GLY A 248 48.80 -5.72 -26.29
C GLY A 248 48.49 -4.53 -25.44
N ASN A 249 47.35 -3.89 -25.70
CA ASN A 249 46.90 -2.73 -24.94
C ASN A 249 45.95 -3.09 -23.81
N LYS A 250 45.57 -4.37 -23.68
CA LYS A 250 44.54 -4.76 -22.73
C LYS A 250 45.14 -4.99 -21.35
N THR A 251 44.35 -4.68 -20.33
CA THR A 251 44.69 -4.95 -18.94
C THR A 251 43.49 -5.55 -18.25
N VAL A 252 43.74 -6.39 -17.24
CA VAL A 252 42.70 -6.98 -16.41
C VAL A 252 43.02 -6.67 -14.96
N ILE A 253 42.04 -6.20 -14.21
CA ILE A 253 42.17 -5.96 -12.78
C ILE A 253 41.15 -6.86 -12.10
N ILE A 254 41.60 -8.04 -11.67
CA ILE A 254 40.73 -9.07 -11.12
C ILE A 254 40.91 -9.07 -9.59
N THR A 255 39.80 -8.99 -8.87
CA THR A 255 39.80 -8.97 -7.41
C THR A 255 39.07 -10.19 -6.87
N THR A 256 39.73 -10.89 -5.95
CA THR A 256 39.21 -12.15 -5.43
C THR A 256 39.49 -12.25 -3.94
N HIS A 257 38.68 -13.07 -3.27
CA HIS A 257 38.99 -13.54 -1.92
C HIS A 257 39.83 -14.81 -1.95
N TYR A 258 39.74 -15.58 -3.03
CA TYR A 258 40.39 -16.88 -3.13
C TYR A 258 41.82 -16.68 -3.60
N ILE A 259 42.78 -16.88 -2.69
CA ILE A 259 44.17 -16.57 -3.00
C ILE A 259 44.73 -17.55 -4.02
N GLU A 260 44.41 -18.83 -3.88
CA GLU A 260 45.05 -19.88 -4.66
C GLU A 260 44.72 -19.82 -6.14
N GLU A 261 43.67 -19.10 -6.54
CA GLU A 261 43.29 -19.07 -7.95
C GLU A 261 43.89 -17.90 -8.71
N ALA A 262 44.49 -16.93 -8.03
CA ALA A 262 45.10 -15.77 -8.68
C ALA A 262 46.58 -15.96 -8.90
N ARG A 263 47.02 -17.20 -9.12
CA ARG A 263 48.43 -17.46 -9.39
C ARG A 263 48.82 -17.08 -10.82
N GLN A 264 47.91 -17.28 -11.78
CA GLN A 264 48.22 -16.99 -13.17
C GLN A 264 48.36 -15.50 -13.46
N ALA A 265 47.95 -14.63 -12.53
CA ALA A 265 48.08 -13.20 -12.74
C ALA A 265 49.55 -12.80 -12.82
N HIS A 266 49.84 -11.83 -13.67
CA HIS A 266 51.22 -11.38 -13.82
C HIS A 266 51.70 -10.64 -12.58
N THR A 267 50.82 -9.84 -11.96
CA THR A 267 51.17 -9.09 -10.77
C THR A 267 50.09 -9.27 -9.72
N ILE A 268 50.50 -9.27 -8.44
CA ILE A 268 49.60 -9.54 -7.33
C ILE A 268 49.81 -8.46 -6.29
N GLY A 269 48.71 -7.90 -5.78
CA GLY A 269 48.78 -6.94 -4.70
C GLY A 269 47.95 -7.37 -3.51
N LEU A 270 48.61 -7.70 -2.40
CA LEU A 270 47.94 -8.13 -1.19
C LEU A 270 47.53 -6.90 -0.39
N MET A 271 46.26 -6.87 0.02
CA MET A 271 45.69 -5.72 0.69
C MET A 271 45.35 -6.05 2.13
N ARG A 272 45.64 -5.12 3.04
CA ARG A 272 45.29 -5.29 4.44
C ARG A 272 45.29 -3.93 5.11
N SER A 273 44.31 -3.72 5.99
CA SER A 273 44.19 -2.48 6.77
C SER A 273 44.19 -1.24 5.88
N GLY A 274 43.65 -1.38 4.67
CA GLY A 274 43.59 -0.25 3.77
C GLY A 274 44.92 0.13 3.13
N LYS A 275 45.87 -0.80 3.03
CA LYS A 275 47.11 -0.51 2.33
C LYS A 275 47.67 -1.80 1.75
N LEU A 276 48.53 -1.64 0.76
CA LEU A 276 49.14 -2.79 0.09
C LEU A 276 50.37 -3.25 0.86
N LEU A 277 50.35 -4.52 1.28
CA LEU A 277 51.50 -5.10 1.97
C LEU A 277 52.65 -5.34 1.02
N ALA A 278 52.37 -5.92 -0.15
CA ALA A 278 53.39 -6.20 -1.15
C ALA A 278 52.72 -6.24 -2.52
N GLU A 279 53.48 -5.89 -3.55
CA GLU A 279 52.96 -5.89 -4.92
C GLU A 279 54.11 -6.24 -5.84
N GLU A 280 54.25 -7.53 -6.13
CA GLU A 280 55.30 -8.03 -7.02
C GLU A 280 54.76 -9.24 -7.77
N SER A 281 55.61 -9.83 -8.60
CA SER A 281 55.21 -11.01 -9.35
C SER A 281 54.98 -12.17 -8.38
N PRO A 282 54.05 -13.08 -8.70
CA PRO A 282 53.78 -14.20 -7.78
C PRO A 282 55.01 -15.07 -7.51
N HIS A 283 55.78 -15.40 -8.54
CA HIS A 283 56.96 -16.24 -8.34
C HIS A 283 58.05 -15.49 -7.60
N VAL A 284 58.21 -14.19 -7.86
CA VAL A 284 59.16 -13.40 -7.09
C VAL A 284 58.72 -13.31 -5.63
N LEU A 285 57.41 -13.14 -5.41
CA LEU A 285 56.90 -13.09 -4.03
C LEU A 285 57.17 -14.42 -3.31
N LEU A 286 56.97 -15.54 -3.99
CA LEU A 286 57.24 -16.83 -3.37
C LEU A 286 58.72 -17.02 -3.09
N SER A 287 59.58 -16.64 -4.05
CA SER A 287 61.00 -16.91 -3.91
C SER A 287 61.65 -16.01 -2.86
N MET A 288 61.31 -14.72 -2.87
CA MET A 288 61.92 -13.77 -1.95
C MET A 288 61.59 -14.08 -0.50
N TYR A 289 60.44 -14.71 -0.22
CA TYR A 289 60.09 -15.13 1.13
C TYR A 289 60.28 -16.62 1.36
N GLY A 290 60.49 -17.41 0.30
CA GLY A 290 60.82 -18.80 0.42
C GLY A 290 59.66 -19.75 0.63
N CYS A 291 58.43 -19.25 0.70
CA CYS A 291 57.29 -20.10 0.99
C CYS A 291 56.93 -20.96 -0.22
N GLN A 292 56.08 -21.95 0.02
CA GLN A 292 55.67 -22.88 -1.03
C GLN A 292 54.41 -22.42 -1.75
N SER A 293 53.49 -21.78 -1.04
CA SER A 293 52.24 -21.28 -1.62
C SER A 293 52.02 -19.84 -1.17
N LEU A 294 51.12 -19.15 -1.88
CA LEU A 294 50.81 -17.77 -1.54
C LEU A 294 50.05 -17.64 -0.23
N GLU A 295 49.41 -18.71 0.23
CA GLU A 295 48.70 -18.65 1.52
C GLU A 295 49.68 -18.38 2.66
N GLU A 296 50.84 -19.04 2.64
CA GLU A 296 51.86 -18.78 3.65
C GLU A 296 52.47 -17.39 3.49
N VAL A 297 52.59 -16.90 2.26
CA VAL A 297 53.14 -15.57 2.04
C VAL A 297 52.21 -14.50 2.60
N PHE A 298 50.90 -14.67 2.42
CA PHE A 298 49.95 -13.71 2.97
C PHE A 298 49.90 -13.76 4.50
N LEU A 299 50.45 -14.79 5.11
CA LEU A 299 50.54 -14.82 6.57
C LEU A 299 51.60 -13.84 7.03
N LYS A 300 51.22 -12.57 7.14
CA LYS A 300 52.11 -11.49 7.57
C LYS A 300 51.60 -10.99 8.92
N LEU A 301 52.10 -11.62 10.00
CA LEU A 301 51.78 -11.15 11.34
C LEU A 301 52.31 -9.74 11.56
N SER A 302 53.52 -9.46 11.08
CA SER A 302 54.11 -8.14 11.18
C SER A 302 53.36 -7.13 10.31
N SER A 390 23.88 10.77 -28.03
CA SER A 390 22.86 10.59 -27.01
C SER A 390 21.68 9.79 -27.53
N TRP A 391 21.16 10.18 -28.70
CA TRP A 391 20.10 9.40 -29.32
C TRP A 391 20.64 8.03 -29.70
N GLY A 392 20.08 6.99 -29.11
CA GLY A 392 20.67 5.68 -29.17
C GLY A 392 20.84 5.13 -27.77
N LYS A 393 21.25 6.00 -26.85
CA LYS A 393 21.17 5.68 -25.43
C LYS A 393 19.80 5.96 -24.86
N ILE A 394 19.16 7.05 -25.28
CA ILE A 394 17.80 7.34 -24.83
C ILE A 394 16.82 6.35 -25.47
N LYS A 395 17.05 6.01 -26.74
CA LYS A 395 16.19 5.01 -27.40
C LYS A 395 16.34 3.65 -26.73
N ALA A 396 17.56 3.28 -26.34
CA ALA A 396 17.77 2.00 -25.66
C ALA A 396 17.08 1.97 -24.31
N LEU A 397 17.12 3.09 -23.57
CA LEU A 397 16.52 3.11 -22.25
C LEU A 397 15.00 3.13 -22.32
N LEU A 398 14.42 3.60 -23.42
CA LEU A 398 12.97 3.61 -23.54
C LEU A 398 12.43 2.21 -23.86
N GLN A 399 13.15 1.42 -24.66
CA GLN A 399 12.73 0.05 -24.93
C GLN A 399 12.74 -0.78 -23.65
N LYS A 400 13.79 -0.65 -22.85
CA LYS A 400 13.89 -1.38 -21.59
C LYS A 400 12.79 -0.97 -20.61
N ASN A 401 12.45 0.30 -20.55
CA ASN A 401 11.39 0.81 -19.68
C ASN A 401 10.01 0.27 -20.07
N PHE A 402 9.73 0.18 -21.37
CA PHE A 402 8.43 -0.31 -21.84
C PHE A 402 8.38 -1.83 -21.97
N LEU A 403 9.51 -2.52 -21.83
CA LEU A 403 9.52 -3.98 -21.81
C LEU A 403 9.52 -4.55 -20.41
N ARG A 404 9.98 -3.77 -19.42
CA ARG A 404 9.98 -4.24 -18.04
C ARG A 404 8.57 -4.39 -17.50
N MET A 405 7.66 -3.51 -17.90
CA MET A 405 6.28 -3.57 -17.44
C MET A 405 5.40 -4.45 -18.31
N TRP A 406 5.73 -4.60 -19.60
CA TRP A 406 4.94 -5.47 -20.47
C TRP A 406 5.13 -6.94 -20.12
N ARG A 407 6.28 -7.29 -19.56
CA ARG A 407 6.57 -8.66 -19.18
C ARG A 407 6.18 -8.97 -17.74
N ASN A 408 5.54 -8.03 -17.05
CA ASN A 408 5.02 -8.24 -15.70
C ASN A 408 3.50 -8.12 -15.79
N VAL A 409 2.81 -9.25 -15.78
CA VAL A 409 1.35 -9.22 -15.86
C VAL A 409 0.75 -8.60 -14.61
N GLY A 410 1.40 -8.76 -13.46
CA GLY A 410 0.91 -8.13 -12.25
C GLY A 410 0.97 -6.62 -12.30
N VAL A 411 2.03 -6.08 -12.90
CA VAL A 411 2.19 -4.62 -12.97
C VAL A 411 1.18 -4.04 -13.95
N MET A 412 0.93 -4.71 -15.07
CA MET A 412 -0.06 -4.21 -16.03
C MET A 412 -1.45 -4.18 -15.42
N LEU A 413 -1.82 -5.22 -14.67
CA LEU A 413 -3.14 -5.26 -14.06
C LEU A 413 -3.30 -4.21 -12.98
N PHE A 414 -2.22 -3.85 -12.29
CA PHE A 414 -2.34 -2.92 -11.17
C PHE A 414 -2.59 -1.49 -11.64
N ILE A 415 -1.94 -1.07 -12.71
CA ILE A 415 -1.96 0.32 -13.14
C ILE A 415 -2.84 0.56 -14.36
N PHE A 416 -3.44 -0.49 -14.93
CA PHE A 416 -4.25 -0.28 -16.12
C PHE A 416 -5.64 -0.90 -15.97
N ALA A 417 -5.74 -1.98 -15.19
CA ALA A 417 -7.01 -2.65 -14.99
C ALA A 417 -7.68 -2.31 -13.67
N LEU A 418 -6.93 -1.86 -12.68
CA LEU A 418 -7.51 -1.48 -11.39
C LEU A 418 -8.19 -0.11 -11.46
N PRO A 419 -7.59 0.91 -12.08
CA PRO A 419 -8.33 2.17 -12.25
C PRO A 419 -9.61 2.02 -13.05
N VAL A 420 -9.65 1.11 -14.03
CA VAL A 420 -10.89 0.89 -14.78
C VAL A 420 -11.93 0.22 -13.91
N MET A 421 -11.53 -0.82 -13.16
CA MET A 421 -12.47 -1.52 -12.29
C MET A 421 -12.94 -0.62 -11.15
N GLN A 422 -12.08 0.26 -10.66
CA GLN A 422 -12.47 1.18 -9.59
C GLN A 422 -13.53 2.16 -10.06
N VAL A 423 -13.41 2.66 -11.29
CA VAL A 423 -14.36 3.64 -11.81
C VAL A 423 -15.72 3.00 -12.02
N ILE A 424 -15.75 1.75 -12.49
CA ILE A 424 -17.02 1.07 -12.71
C ILE A 424 -17.75 0.86 -11.39
N LEU A 425 -17.03 0.41 -10.36
CA LEU A 425 -17.69 0.12 -9.08
C LEU A 425 -18.16 1.38 -8.39
N PHE A 426 -17.41 2.47 -8.50
CA PHE A 426 -17.82 3.72 -7.89
C PHE A 426 -19.10 4.26 -8.53
N CYS A 427 -19.18 4.21 -9.85
CA CYS A 427 -20.32 4.78 -10.57
C CYS A 427 -21.57 3.92 -10.46
N LEU A 428 -21.47 2.70 -9.94
CA LEU A 428 -22.62 1.82 -9.80
C LEU A 428 -23.14 1.70 -8.38
N ALA A 429 -22.36 2.08 -7.39
CA ALA A 429 -22.71 1.86 -5.99
C ALA A 429 -22.77 3.14 -5.16
N ILE A 430 -21.98 4.15 -5.47
CA ILE A 430 -21.86 5.36 -4.66
C ILE A 430 -22.58 6.50 -5.34
N GLY A 431 -23.40 7.23 -4.57
CA GLY A 431 -24.06 8.42 -5.04
C GLY A 431 -25.49 8.23 -5.46
N ARG A 432 -25.92 6.99 -5.71
CA ARG A 432 -27.26 6.74 -6.22
C ARG A 432 -28.29 6.83 -5.10
N ASP A 433 -29.55 7.02 -5.49
CA ASP A 433 -30.66 7.18 -4.56
C ASP A 433 -31.18 5.82 -4.11
N PRO A 434 -31.49 5.66 -2.82
CA PRO A 434 -32.09 4.41 -2.35
C PRO A 434 -33.43 4.15 -3.03
N THR A 435 -33.73 2.86 -3.21
CA THR A 435 -34.82 2.50 -4.11
C THR A 435 -35.85 1.55 -3.50
N GLY A 436 -35.44 0.61 -2.67
CA GLY A 436 -36.37 -0.42 -2.24
C GLY A 436 -37.03 -0.16 -0.90
N LEU A 437 -37.07 1.10 -0.46
CA LEU A 437 -37.56 1.41 0.88
C LEU A 437 -39.00 0.98 1.04
N LYS A 438 -39.29 0.29 2.14
CA LYS A 438 -40.60 -0.27 2.42
C LYS A 438 -41.34 0.58 3.45
N LEU A 439 -42.65 0.69 3.27
CA LEU A 439 -43.50 1.46 4.17
C LEU A 439 -44.67 0.61 4.60
N ALA A 440 -45.13 0.81 5.83
CA ALA A 440 -46.23 0.05 6.41
C ALA A 440 -47.45 0.96 6.47
N ILE A 441 -48.42 0.70 5.60
CA ILE A 441 -49.59 1.56 5.48
C ILE A 441 -50.73 0.98 6.31
N VAL A 442 -51.31 1.82 7.15
CA VAL A 442 -52.51 1.49 7.90
C VAL A 442 -53.62 2.40 7.39
N ASN A 443 -54.61 1.84 6.72
CA ASN A 443 -55.67 2.60 6.07
C ASN A 443 -57.00 2.12 6.64
N HIS A 444 -57.56 2.87 7.58
CA HIS A 444 -58.74 2.41 8.29
C HIS A 444 -60.04 2.73 7.57
N GLU A 445 -59.97 3.28 6.37
CA GLU A 445 -61.15 3.52 5.55
C GLU A 445 -61.50 2.32 4.67
N LYS A 446 -60.67 1.30 4.61
CA LYS A 446 -60.88 0.17 3.72
C LYS A 446 -60.69 -1.14 4.49
N ASN A 447 -61.21 -2.21 3.92
CA ASN A 447 -61.06 -3.53 4.50
C ASN A 447 -59.64 -4.05 4.30
N TYR A 448 -59.22 -4.94 5.19
CA TYR A 448 -57.87 -5.51 5.17
C TYR A 448 -57.95 -6.92 4.60
N THR A 449 -57.17 -7.18 3.55
CA THR A 449 -57.19 -8.47 2.87
C THR A 449 -55.89 -9.24 3.01
N ASN A 450 -54.78 -8.68 2.53
CA ASN A 450 -53.49 -9.34 2.54
C ASN A 450 -52.46 -8.36 3.11
N GLN A 451 -51.22 -8.82 3.25
CA GLN A 451 -50.14 -7.91 3.54
C GLN A 451 -49.58 -7.25 2.29
N SER A 452 -50.12 -7.58 1.12
CA SER A 452 -49.66 -7.01 -0.13
C SER A 452 -50.78 -6.48 -1.01
N TYR A 453 -52.04 -6.57 -0.58
CA TYR A 453 -53.16 -6.09 -1.38
C TYR A 453 -54.12 -5.33 -0.48
N GLN A 454 -54.67 -4.23 -1.00
CA GLN A 454 -55.61 -3.39 -0.27
C GLN A 454 -56.84 -2.98 -1.06
N GLU A 455 -56.86 -3.18 -2.38
CA GLU A 455 -57.93 -2.74 -3.27
C GLU A 455 -58.30 -1.27 -3.03
N CYS A 456 -57.35 -0.40 -3.36
CA CYS A 456 -57.53 1.04 -3.26
C CYS A 456 -58.15 1.55 -4.56
N SER A 457 -59.35 2.11 -4.47
CA SER A 457 -60.03 2.68 -5.62
C SER A 457 -60.84 3.89 -5.17
N PHE A 458 -61.04 4.83 -6.10
CA PHE A 458 -61.72 6.08 -5.82
C PHE A 458 -62.23 6.64 -7.15
N ASP A 459 -62.81 7.83 -7.09
CA ASP A 459 -63.34 8.51 -8.27
C ASP A 459 -62.41 9.64 -8.66
N TYR A 460 -61.99 9.65 -9.93
CA TYR A 460 -60.97 10.59 -10.37
C TYR A 460 -61.50 12.00 -10.55
N GLY A 461 -62.78 12.14 -10.87
CA GLY A 461 -63.31 13.46 -11.19
C GLY A 461 -63.40 14.42 -10.02
N CYS A 462 -64.33 14.16 -9.11
CA CYS A 462 -64.60 15.06 -8.00
C CYS A 462 -65.40 14.31 -6.95
N LYS A 463 -65.98 15.04 -6.00
CA LYS A 463 -66.85 14.60 -4.92
C LYS A 463 -66.07 13.92 -3.79
N PHE A 464 -64.76 13.67 -3.95
CA PHE A 464 -63.86 13.31 -2.85
C PHE A 464 -64.34 12.06 -2.12
N SER A 465 -64.28 10.94 -2.83
CA SER A 465 -64.78 9.68 -2.30
C SER A 465 -63.97 9.23 -1.08
N TYR A 466 -62.68 8.98 -1.26
CA TYR A 466 -61.87 8.43 -0.17
C TYR A 466 -60.70 9.29 0.25
N LEU A 467 -59.96 9.87 -0.70
CA LEU A 467 -58.92 10.85 -0.40
C LEU A 467 -57.75 10.28 0.38
N SER A 468 -57.81 9.01 0.77
CA SER A 468 -56.67 8.33 1.36
C SER A 468 -56.04 7.34 0.40
N CYS A 469 -56.84 6.68 -0.42
CA CYS A 469 -56.31 5.97 -1.57
C CYS A 469 -55.91 6.92 -2.69
N ARG A 470 -56.41 8.15 -2.67
CA ARG A 470 -56.02 9.14 -3.68
C ARG A 470 -54.62 9.68 -3.41
N TYR A 471 -54.29 9.89 -2.14
CA TYR A 471 -52.95 10.37 -1.79
C TYR A 471 -51.89 9.32 -2.10
N LEU A 472 -52.23 8.04 -1.92
CA LEU A 472 -51.24 6.99 -2.11
C LEU A 472 -50.92 6.78 -3.59
N ASN A 473 -51.85 7.12 -4.48
CA ASN A 473 -51.55 7.02 -5.91
C ASN A 473 -50.48 8.01 -6.34
N ASN A 474 -50.37 9.13 -5.63
CA ASN A 474 -49.36 10.15 -5.92
C ASN A 474 -48.02 9.85 -5.29
N LEU A 475 -47.91 8.80 -4.48
CA LEU A 475 -46.64 8.41 -3.90
C LEU A 475 -45.70 7.91 -5.01
N ARG A 476 -44.42 8.18 -4.84
CA ARG A 476 -43.45 7.83 -5.88
C ARG A 476 -43.25 6.32 -5.91
N ASN A 477 -43.48 5.72 -7.08
CA ASN A 477 -43.42 4.27 -7.21
C ASN A 477 -41.99 3.75 -7.18
N SER A 478 -41.00 4.60 -7.47
CA SER A 478 -39.63 4.11 -7.62
C SER A 478 -39.00 3.77 -6.28
N THR A 479 -39.19 4.62 -5.27
CA THR A 479 -38.44 4.52 -4.02
C THR A 479 -39.21 3.86 -2.89
N ILE A 480 -40.54 3.88 -2.92
CA ILE A 480 -41.35 3.45 -1.79
C ILE A 480 -42.15 2.21 -2.18
N LEU A 481 -42.04 1.17 -1.37
CA LEU A 481 -42.82 -0.06 -1.51
C LEU A 481 -43.89 -0.08 -0.44
N LYS A 482 -45.12 -0.40 -0.82
CA LYS A 482 -46.27 -0.29 0.05
C LYS A 482 -46.63 -1.65 0.66
N GLU A 483 -46.74 -1.69 1.98
CA GLU A 483 -47.19 -2.85 2.72
C GLU A 483 -48.31 -2.43 3.65
N TYR A 484 -49.26 -3.33 3.86
CA TYR A 484 -50.49 -3.01 4.57
C TYR A 484 -50.60 -3.83 5.85
N TYR A 485 -50.95 -3.16 6.95
CA TYR A 485 -51.08 -3.76 8.26
C TYR A 485 -52.43 -3.39 8.87
N PRO A 486 -52.95 -4.22 9.78
CA PRO A 486 -54.32 -4.00 10.26
C PRO A 486 -54.47 -2.99 11.39
N ASP A 487 -53.41 -2.74 12.16
CA ASP A 487 -53.54 -1.92 13.34
C ASP A 487 -52.48 -0.83 13.38
N PRO A 488 -52.79 0.33 13.97
CA PRO A 488 -51.76 1.36 14.13
C PRO A 488 -50.59 0.94 15.01
N GLU A 489 -50.85 0.12 16.02
CA GLU A 489 -49.81 -0.37 16.90
C GLU A 489 -49.15 -1.65 16.40
N SER A 490 -49.67 -2.27 15.36
CA SER A 490 -49.06 -3.44 14.75
C SER A 490 -48.04 -3.07 13.69
N ALA A 491 -48.26 -1.98 12.97
CA ALA A 491 -47.31 -1.53 11.97
C ALA A 491 -46.09 -0.88 12.59
N VAL A 492 -46.23 -0.27 13.77
CA VAL A 492 -45.07 0.27 14.47
C VAL A 492 -44.13 -0.84 14.92
N ASP A 493 -44.69 -2.00 15.26
CA ASP A 493 -43.86 -3.16 15.59
C ASP A 493 -43.00 -3.59 14.40
N ALA A 494 -43.51 -3.42 13.17
CA ALA A 494 -42.71 -3.71 11.99
C ALA A 494 -41.54 -2.75 11.88
N VAL A 495 -41.76 -1.48 12.20
CA VAL A 495 -40.68 -0.49 12.15
C VAL A 495 -39.66 -0.75 13.24
N LYS A 496 -40.10 -1.21 14.42
CA LYS A 496 -39.16 -1.49 15.50
C LYS A 496 -38.19 -2.59 15.10
N GLN A 497 -38.68 -3.60 14.39
CA GLN A 497 -37.83 -4.58 13.74
C GLN A 497 -37.41 -4.01 12.37
N GLY A 498 -36.81 -4.84 11.53
CA GLY A 498 -36.29 -4.32 10.28
C GLY A 498 -37.21 -4.47 9.10
N HIS A 499 -38.50 -4.63 9.35
CA HIS A 499 -39.45 -4.96 8.30
C HIS A 499 -40.07 -3.74 7.62
N ALA A 500 -39.74 -2.53 8.06
CA ALA A 500 -40.25 -1.32 7.43
C ALA A 500 -39.38 -0.16 7.83
N TRP A 501 -39.60 0.98 7.17
CA TRP A 501 -38.91 2.21 7.51
C TRP A 501 -39.84 3.27 8.11
N GLY A 502 -41.16 3.09 8.03
CA GLY A 502 -42.08 4.05 8.59
C GLY A 502 -43.50 3.50 8.55
N ALA A 503 -44.41 4.28 9.13
CA ALA A 503 -45.82 3.95 9.18
C ALA A 503 -46.64 5.19 8.79
N LEU A 504 -47.87 4.97 8.31
CA LEU A 504 -48.67 6.05 7.78
C LEU A 504 -49.94 6.31 8.58
N TYR A 505 -50.80 5.31 8.78
CA TYR A 505 -51.96 5.41 9.67
C TYR A 505 -52.91 6.55 9.24
N PHE A 506 -53.61 6.30 8.14
CA PHE A 506 -54.78 7.13 7.82
C PHE A 506 -55.94 6.76 8.72
N THR A 507 -56.57 7.76 9.32
CA THR A 507 -57.69 7.53 10.23
C THR A 507 -58.95 7.17 9.43
N GLU A 508 -59.94 6.61 10.14
CA GLU A 508 -61.20 6.27 9.49
C GLU A 508 -62.04 7.50 9.17
N ASN A 509 -61.74 8.64 9.79
CA ASN A 509 -62.43 9.90 9.52
C ASN A 509 -61.60 10.84 8.67
N PHE A 510 -60.62 10.33 7.93
CA PHE A 510 -59.71 11.18 7.19
C PHE A 510 -60.42 11.93 6.07
N THR A 511 -61.24 11.23 5.29
CA THR A 511 -61.89 11.86 4.15
C THR A 511 -62.81 12.99 4.58
N ASP A 512 -63.61 12.76 5.61
CA ASP A 512 -64.58 13.77 6.03
C ASP A 512 -63.91 14.93 6.76
N ALA A 513 -62.84 14.65 7.51
CA ALA A 513 -62.14 15.71 8.23
C ALA A 513 -61.29 16.55 7.31
N LEU A 514 -60.73 15.97 6.24
CA LEU A 514 -59.93 16.75 5.31
C LEU A 514 -60.81 17.67 4.47
N VAL A 515 -61.96 17.17 3.98
CA VAL A 515 -62.84 18.02 3.19
C VAL A 515 -63.49 19.10 4.04
N ALA A 516 -63.53 18.92 5.36
CA ALA A 516 -64.06 19.93 6.27
C ALA A 516 -62.98 20.86 6.82
N ARG A 517 -61.71 20.60 6.51
CA ARG A 517 -60.62 21.46 6.92
C ARG A 517 -60.22 22.44 5.83
N MET A 518 -60.05 21.96 4.60
CA MET A 518 -59.73 22.84 3.50
C MET A 518 -60.91 23.71 3.09
N ALA A 519 -62.13 23.31 3.44
CA ALA A 519 -63.31 24.09 3.12
C ALA A 519 -63.71 25.06 4.22
N LEU A 520 -62.96 25.09 5.33
CA LEU A 520 -63.22 26.03 6.42
C LEU A 520 -62.21 27.16 6.46
N GLY A 521 -60.93 26.85 6.56
CA GLY A 521 -59.91 27.88 6.59
C GLY A 521 -59.23 28.02 7.94
N LYS A 522 -59.34 29.21 8.54
CA LYS A 522 -58.67 29.53 9.79
C LYS A 522 -59.55 29.33 11.01
N ASP A 523 -60.78 28.84 10.83
CA ASP A 523 -61.72 28.67 11.94
C ASP A 523 -61.98 27.21 12.26
N ALA A 524 -61.10 26.30 11.83
CA ALA A 524 -61.28 24.89 12.11
C ALA A 524 -61.09 24.61 13.59
N ASP A 525 -61.97 23.79 14.14
CA ASP A 525 -61.87 23.42 15.54
C ASP A 525 -60.69 22.46 15.75
N PRO A 526 -60.13 22.42 16.96
CA PRO A 526 -58.97 21.55 17.20
C PRO A 526 -59.25 20.08 16.95
N GLU A 527 -60.50 19.63 17.08
CA GLU A 527 -60.82 18.24 16.81
C GLU A 527 -60.61 17.89 15.35
N THR A 528 -61.03 18.77 14.43
CA THR A 528 -60.86 18.51 13.01
C THR A 528 -59.38 18.48 12.62
N LEU A 529 -58.59 19.38 13.20
CA LEU A 529 -57.16 19.41 12.88
C LEU A 529 -56.43 18.15 13.28
N ASP A 530 -57.01 17.33 14.15
CA ASP A 530 -56.41 16.08 14.58
C ASP A 530 -56.89 14.88 13.78
N GLN A 531 -58.10 14.93 13.24
CA GLN A 531 -58.66 13.83 12.47
C GLN A 531 -58.39 13.92 10.98
N SER A 532 -57.75 14.99 10.52
CA SER A 532 -57.48 15.19 9.11
C SER A 532 -55.99 15.12 8.78
N GLU A 533 -55.18 14.59 9.68
CA GLU A 533 -53.74 14.58 9.51
C GLU A 533 -53.23 13.14 9.43
N VAL A 534 -52.17 12.95 8.65
CA VAL A 534 -51.50 11.66 8.54
C VAL A 534 -50.34 11.66 9.52
N ARG A 535 -50.20 10.57 10.27
CA ARG A 535 -49.19 10.46 11.31
C ARG A 535 -48.07 9.53 10.84
N VAL A 536 -46.86 10.05 10.74
CA VAL A 536 -45.73 9.29 10.23
C VAL A 536 -44.73 9.11 11.36
N TRP A 537 -44.46 7.85 11.71
CA TRP A 537 -43.38 7.49 12.62
C TRP A 537 -42.24 6.95 11.78
N LEU A 538 -41.14 7.70 11.69
CA LEU A 538 -40.05 7.38 10.78
C LEU A 538 -38.86 6.82 11.54
N ASP A 539 -38.07 6.02 10.83
CA ASP A 539 -36.81 5.48 11.33
C ASP A 539 -35.70 6.39 10.81
N MET A 540 -35.27 7.34 11.65
CA MET A 540 -34.31 8.36 11.23
C MET A 540 -32.89 8.04 11.68
N SER A 541 -32.57 6.76 11.87
CA SER A 541 -31.20 6.39 12.23
C SER A 541 -30.26 6.55 11.05
N ASN A 542 -30.77 6.44 9.83
CA ASN A 542 -29.99 6.63 8.61
C ASN A 542 -30.25 8.02 8.07
N GLN A 543 -29.20 8.80 7.87
CA GLN A 543 -29.38 10.19 7.47
C GLN A 543 -29.86 10.30 6.03
N GLN A 544 -29.26 9.54 5.12
CA GLN A 544 -29.61 9.68 3.71
C GLN A 544 -30.98 9.09 3.42
N ILE A 545 -31.30 7.94 3.98
CA ILE A 545 -32.61 7.34 3.78
C ILE A 545 -33.69 8.20 4.44
N GLY A 546 -33.36 8.84 5.56
CA GLY A 546 -34.31 9.73 6.20
C GLY A 546 -34.68 10.93 5.36
N ILE A 547 -33.73 11.44 4.57
CA ILE A 547 -33.99 12.59 3.72
C ILE A 547 -34.95 12.22 2.59
N ILE A 548 -34.71 11.08 1.94
CA ILE A 548 -35.56 10.66 0.82
C ILE A 548 -36.99 10.40 1.29
N LEU A 549 -37.13 9.73 2.43
CA LEU A 549 -38.47 9.40 2.92
C LEU A 549 -39.26 10.65 3.26
N GLN A 550 -38.62 11.64 3.88
CA GLN A 550 -39.32 12.87 4.22
C GLN A 550 -39.60 13.70 2.96
N ARG A 551 -38.65 13.74 2.03
CA ARG A 551 -38.84 14.50 0.80
C ARG A 551 -39.95 13.92 -0.05
N ASP A 552 -40.00 12.59 -0.19
CA ASP A 552 -41.03 11.96 -1.02
C ASP A 552 -42.41 12.09 -0.40
N LEU A 553 -42.51 12.04 0.93
CA LEU A 553 -43.81 12.12 1.57
C LEU A 553 -44.39 13.53 1.52
N GLN A 554 -43.53 14.55 1.63
CA GLN A 554 -44.01 15.93 1.53
C GLN A 554 -44.27 16.34 0.09
N LEU A 555 -43.45 15.85 -0.84
CA LEU A 555 -43.64 16.20 -2.25
C LEU A 555 -44.94 15.63 -2.80
N SER A 556 -45.27 14.39 -2.41
CA SER A 556 -46.49 13.76 -2.89
C SER A 556 -47.74 14.48 -2.40
N TYR A 557 -47.67 15.18 -1.27
CA TYR A 557 -48.82 15.93 -0.82
C TYR A 557 -49.04 17.17 -1.69
N GLN A 558 -47.97 17.78 -2.20
CA GLN A 558 -48.12 18.91 -3.11
C GLN A 558 -48.80 18.48 -4.40
N ASP A 559 -48.37 17.36 -4.98
CA ASP A 559 -49.00 16.86 -6.20
C ASP A 559 -50.44 16.41 -5.92
N PHE A 560 -50.68 15.86 -4.74
CA PHE A 560 -52.05 15.52 -4.35
C PHE A 560 -52.90 16.78 -4.21
N ALA A 561 -52.36 17.82 -3.59
CA ALA A 561 -53.12 19.05 -3.40
C ALA A 561 -53.29 19.81 -4.72
N LYS A 562 -52.25 19.81 -5.56
CA LYS A 562 -52.35 20.45 -6.87
C LYS A 562 -53.29 19.70 -7.80
N ASP A 563 -53.70 18.49 -7.44
CA ASP A 563 -54.65 17.71 -8.22
C ASP A 563 -56.08 17.86 -7.74
N LEU A 564 -56.28 18.09 -6.43
CA LEU A 564 -57.63 18.34 -5.92
C LEU A 564 -58.24 19.57 -6.57
N LEU A 565 -57.50 20.69 -6.54
CA LEU A 565 -57.89 21.87 -7.29
C LEU A 565 -57.25 21.82 -8.66
N GLY A 566 -58.02 22.15 -9.68
CA GLY A 566 -57.60 21.89 -11.05
C GLY A 566 -58.54 20.87 -11.65
N ALA A 567 -58.91 19.89 -10.84
CA ALA A 567 -60.04 19.02 -11.15
C ALA A 567 -61.37 19.64 -10.77
N CYS A 568 -61.36 20.69 -9.95
CA CYS A 568 -62.57 21.43 -9.58
C CYS A 568 -62.49 22.87 -10.06
N GLU A 569 -61.65 23.13 -11.06
CA GLU A 569 -61.55 24.43 -11.72
C GLU A 569 -61.18 25.53 -10.73
N GLN A 570 -60.01 25.39 -10.13
CA GLN A 570 -59.43 26.40 -9.26
C GLN A 570 -57.99 26.67 -9.71
N ASN A 571 -57.36 27.68 -9.09
CA ASN A 571 -56.00 28.05 -9.44
C ASN A 571 -55.02 27.16 -8.70
N PRO A 572 -54.23 26.34 -9.39
CA PRO A 572 -53.29 25.46 -8.68
C PRO A 572 -52.21 26.21 -7.91
N ASP A 573 -51.97 27.48 -8.21
CA ASP A 573 -50.99 28.26 -7.47
C ASP A 573 -51.42 28.54 -6.03
N LEU A 574 -52.68 28.27 -5.68
CA LEU A 574 -53.15 28.49 -4.33
C LEU A 574 -52.53 27.52 -3.33
N ALA A 575 -51.98 26.40 -3.79
CA ALA A 575 -51.43 25.36 -2.93
C ALA A 575 -49.92 25.48 -2.80
N GLU A 576 -49.39 26.69 -2.77
CA GLU A 576 -47.95 26.91 -2.73
C GLU A 576 -47.59 27.79 -1.53
N ILE A 577 -46.48 27.43 -0.87
CA ILE A 577 -45.89 28.22 0.19
C ILE A 577 -45.31 29.49 -0.44
N PRO A 578 -45.27 30.63 0.25
CA PRO A 578 -44.68 31.82 -0.36
C PRO A 578 -43.22 31.66 -0.76
N ILE A 579 -42.47 30.77 -0.13
CA ILE A 579 -41.08 30.55 -0.52
C ILE A 579 -41.09 29.75 -1.82
N SER A 580 -40.93 30.44 -2.94
CA SER A 580 -41.00 29.81 -4.26
C SER A 580 -39.60 29.76 -4.86
N PHE A 581 -39.16 28.56 -5.21
CA PHE A 581 -37.84 28.36 -5.79
C PHE A 581 -37.94 28.43 -7.31
N LYS A 582 -37.26 29.40 -7.90
CA LYS A 582 -37.24 29.55 -9.35
C LYS A 582 -36.24 28.57 -9.95
N GLU A 583 -35.98 28.71 -11.25
CA GLU A 583 -35.07 27.80 -11.93
C GLU A 583 -33.66 27.96 -11.39
N PRO A 584 -32.96 26.87 -11.09
CA PRO A 584 -31.61 26.99 -10.52
C PRO A 584 -30.66 27.68 -11.49
N ILE A 585 -29.77 28.49 -10.94
CA ILE A 585 -28.77 29.16 -11.77
C ILE A 585 -27.77 28.14 -12.30
N TYR A 586 -27.34 27.21 -11.46
CA TYR A 586 -26.45 26.14 -11.87
C TYR A 586 -27.02 24.80 -11.43
N GLY A 587 -26.81 23.78 -12.23
CA GLY A 587 -27.35 22.48 -11.90
C GLY A 587 -28.85 22.41 -12.14
N SER A 588 -29.46 21.35 -11.60
CA SER A 588 -30.88 21.12 -11.71
C SER A 588 -31.46 20.90 -10.32
N ASN A 589 -32.78 20.74 -10.25
CA ASN A 589 -33.46 20.60 -8.98
C ASN A 589 -33.28 19.22 -8.35
N LYS A 590 -32.66 18.28 -9.06
CA LYS A 590 -32.41 16.92 -8.55
C LYS A 590 -30.93 16.62 -8.71
N PRO A 591 -30.08 17.19 -7.85
CA PRO A 591 -28.64 16.94 -7.96
C PRO A 591 -28.29 15.53 -7.50
N SER A 592 -27.13 15.07 -7.95
CA SER A 592 -26.63 13.73 -7.65
C SER A 592 -25.35 13.84 -6.85
N PHE A 593 -25.21 12.97 -5.84
CA PHE A 593 -24.00 12.99 -5.03
C PHE A 593 -22.80 12.42 -5.77
N THR A 594 -23.02 11.46 -6.67
CA THR A 594 -21.91 10.90 -7.42
C THR A 594 -21.28 11.90 -8.36
N ASP A 595 -22.01 12.97 -8.72
CA ASP A 595 -21.42 14.07 -9.47
C ASP A 595 -20.55 14.97 -8.60
N PHE A 596 -20.77 14.96 -7.29
CA PHE A 596 -19.92 15.74 -6.39
C PHE A 596 -18.59 15.02 -6.13
N VAL A 597 -18.60 13.70 -6.07
CA VAL A 597 -17.39 12.95 -5.75
C VAL A 597 -16.59 12.56 -7.00
N ALA A 598 -17.22 12.55 -8.17
CA ALA A 598 -16.52 12.14 -9.39
C ALA A 598 -15.30 13.02 -9.70
N PRO A 599 -15.38 14.35 -9.65
CA PRO A 599 -14.15 15.14 -9.86
C PRO A 599 -13.05 14.86 -8.87
N GLY A 600 -13.39 14.52 -7.62
CA GLY A 600 -12.37 14.20 -6.64
C GLY A 600 -11.77 12.82 -6.78
N VAL A 601 -12.47 11.90 -7.44
CA VAL A 601 -11.96 10.54 -7.60
C VAL A 601 -11.00 10.46 -8.79
N ILE A 602 -11.22 11.26 -9.83
CA ILE A 602 -10.33 11.24 -10.99
C ILE A 602 -8.92 11.67 -10.59
N LEU A 603 -8.81 12.75 -9.83
CA LEU A 603 -7.50 13.25 -9.44
C LEU A 603 -6.80 12.31 -8.47
N THR A 604 -7.54 11.67 -7.57
CA THR A 604 -6.94 10.79 -6.58
C THR A 604 -6.33 9.55 -7.23
N ILE A 605 -7.02 8.98 -8.22
CA ILE A 605 -6.50 7.79 -8.89
C ILE A 605 -5.20 8.09 -9.61
N VAL A 606 -5.16 9.20 -10.35
CA VAL A 606 -3.99 9.52 -11.16
C VAL A 606 -2.82 9.92 -10.28
N PHE A 607 -3.07 10.69 -9.22
CA PHE A 607 -1.98 11.16 -8.36
C PHE A 607 -1.28 9.99 -7.68
N PHE A 608 -2.04 9.10 -7.06
CA PHE A 608 -1.47 8.05 -6.23
C PHE A 608 -1.10 6.79 -6.99
N LEU A 609 -1.47 6.69 -8.26
CA LEU A 609 -0.96 5.62 -9.11
C LEU A 609 0.38 5.98 -9.74
N ALA A 610 0.82 7.23 -9.61
CA ALA A 610 2.13 7.65 -10.04
C ALA A 610 3.16 7.66 -8.92
N VAL A 611 2.73 7.97 -7.70
CA VAL A 611 3.62 7.83 -6.54
C VAL A 611 4.01 6.38 -6.35
N ALA A 612 3.08 5.46 -6.63
CA ALA A 612 3.38 4.04 -6.49
C ALA A 612 4.34 3.56 -7.57
N LEU A 613 4.15 3.99 -8.81
CA LEU A 613 4.96 3.47 -9.90
C LEU A 613 6.36 4.08 -9.89
N THR A 614 6.48 5.36 -9.55
CA THR A 614 7.79 6.02 -9.59
C THR A 614 8.68 5.58 -8.43
N SER A 615 8.12 5.51 -7.22
CA SER A 615 8.93 5.14 -6.06
C SER A 615 9.44 3.71 -6.18
N SER A 616 8.61 2.80 -6.66
CA SER A 616 9.01 1.40 -6.75
C SER A 616 10.05 1.19 -7.84
N ALA A 617 9.89 1.86 -8.98
CA ALA A 617 10.84 1.68 -10.08
C ALA A 617 12.22 2.19 -9.72
N LEU A 618 12.31 3.34 -9.05
CA LEU A 618 13.59 3.94 -8.73
C LEU A 618 14.25 3.33 -7.51
N ILE A 619 13.53 2.52 -6.73
CA ILE A 619 14.11 1.87 -5.57
C ILE A 619 14.64 0.49 -5.92
N ILE A 620 13.91 -0.25 -6.76
CA ILE A 620 14.39 -1.55 -7.22
C ILE A 620 15.66 -1.38 -8.04
N GLU A 621 15.70 -0.37 -8.90
CA GLU A 621 16.87 -0.16 -9.75
C GLU A 621 18.11 0.19 -8.94
N ARG A 622 17.96 1.07 -7.95
CA ARG A 622 19.14 1.52 -7.21
C ARG A 622 19.66 0.44 -6.28
N MET A 623 18.76 -0.31 -5.65
CA MET A 623 19.16 -1.33 -4.68
C MET A 623 19.73 -2.58 -5.35
N GLU A 624 19.45 -2.81 -6.62
CA GLU A 624 19.91 -3.99 -7.32
C GLU A 624 21.22 -3.77 -8.07
N GLY A 625 21.77 -2.57 -8.04
CA GLY A 625 23.01 -2.28 -8.76
C GLY A 625 22.85 -2.01 -10.23
N LEU A 626 21.63 -1.88 -10.73
CA LEU A 626 21.41 -1.62 -12.15
C LEU A 626 21.68 -0.15 -12.50
N LEU A 627 21.37 0.78 -11.60
CA LEU A 627 21.68 2.19 -11.85
C LEU A 627 23.18 2.42 -11.98
N ASP A 628 23.97 1.78 -11.10
CA ASP A 628 25.41 2.01 -11.13
C ASP A 628 26.08 1.29 -12.28
N ARG A 629 25.56 0.13 -12.69
CA ARG A 629 26.17 -0.59 -13.80
C ARG A 629 26.04 0.18 -15.11
N SER A 630 24.89 0.83 -15.32
CA SER A 630 24.72 1.61 -16.55
C SER A 630 25.43 2.95 -16.49
N TRP A 631 25.75 3.44 -15.29
CA TRP A 631 26.50 4.70 -15.20
C TRP A 631 27.92 4.53 -15.72
N VAL A 632 28.54 3.40 -15.41
CA VAL A 632 29.86 3.10 -15.94
C VAL A 632 29.81 2.89 -17.45
N ALA A 633 28.65 2.47 -17.97
CA ALA A 633 28.47 2.34 -19.41
C ALA A 633 28.38 3.68 -20.12
N GLY A 634 28.28 4.77 -19.40
CA GLY A 634 28.24 6.09 -19.99
C GLY A 634 26.90 6.76 -20.01
N VAL A 635 25.88 6.19 -19.36
CA VAL A 635 24.54 6.75 -19.37
C VAL A 635 24.48 7.83 -18.29
N THR A 636 24.45 9.09 -18.73
CA THR A 636 24.44 10.21 -17.82
C THR A 636 23.15 10.21 -17.00
N PRO A 637 23.20 10.70 -15.75
CA PRO A 637 21.95 10.78 -14.96
C PRO A 637 20.89 11.67 -15.59
N GLY A 638 21.25 12.56 -16.51
CA GLY A 638 20.25 13.32 -17.22
C GLY A 638 19.40 12.46 -18.14
N GLU A 639 20.02 11.50 -18.83
CA GLU A 639 19.28 10.63 -19.73
C GLU A 639 18.50 9.55 -19.00
N ILE A 640 18.91 9.18 -17.80
CA ILE A 640 18.11 8.25 -17.00
C ILE A 640 16.84 8.94 -16.51
N LEU A 641 16.97 10.19 -16.06
CA LEU A 641 15.81 10.92 -15.56
C LEU A 641 14.89 11.36 -16.70
N PHE A 642 15.47 11.76 -17.84
CA PHE A 642 14.63 12.17 -18.96
C PHE A 642 13.80 11.01 -19.48
N SER A 643 14.40 9.83 -19.61
CA SER A 643 13.67 8.68 -20.13
C SER A 643 12.67 8.13 -19.15
N HIS A 644 12.81 8.41 -17.86
CA HIS A 644 11.79 8.01 -16.90
C HIS A 644 10.58 8.92 -16.95
N VAL A 645 10.79 10.22 -17.11
CA VAL A 645 9.68 11.16 -17.20
C VAL A 645 8.84 10.88 -18.44
N VAL A 646 9.50 10.55 -19.56
CA VAL A 646 8.78 10.21 -20.77
C VAL A 646 7.96 8.93 -20.58
N THR A 647 8.54 7.93 -19.91
CA THR A 647 7.84 6.67 -19.72
C THR A 647 6.59 6.86 -18.87
N GLN A 648 6.70 7.63 -17.78
CA GLN A 648 5.55 7.85 -16.92
C GLN A 648 4.51 8.75 -17.58
N PHE A 649 4.95 9.74 -18.36
CA PHE A 649 4.00 10.63 -19.02
C PHE A 649 3.11 9.88 -19.99
N VAL A 650 3.66 8.92 -20.74
CA VAL A 650 2.84 8.13 -21.64
C VAL A 650 1.88 7.24 -20.86
N VAL A 651 2.33 6.68 -19.74
CA VAL A 651 1.46 5.84 -18.93
C VAL A 651 0.31 6.63 -18.33
N MET A 652 0.59 7.82 -17.79
CA MET A 652 -0.46 8.63 -17.18
C MET A 652 -1.42 9.19 -18.21
N CYS A 653 -1.01 9.26 -19.48
CA CYS A 653 -1.93 9.66 -20.54
C CYS A 653 -2.90 8.54 -20.88
N GLY A 654 -2.42 7.30 -20.88
CA GLY A 654 -3.32 6.17 -21.09
C GLY A 654 -4.29 5.98 -19.95
N GLN A 655 -3.84 6.21 -18.72
CA GLN A 655 -4.73 6.12 -17.56
C GLN A 655 -5.81 7.19 -17.62
N THR A 656 -5.44 8.41 -18.03
CA THR A 656 -6.42 9.48 -18.12
C THR A 656 -7.48 9.18 -19.17
N ALA A 657 -7.08 8.64 -20.32
CA ALA A 657 -8.03 8.32 -21.37
C ALA A 657 -9.02 7.25 -20.92
N LEU A 658 -8.53 6.22 -20.22
CA LEU A 658 -9.41 5.16 -19.74
C LEU A 658 -10.39 5.67 -18.70
N VAL A 659 -9.91 6.48 -17.75
CA VAL A 659 -10.76 6.97 -16.68
C VAL A 659 -11.79 7.95 -17.20
N LEU A 660 -11.39 8.85 -18.11
CA LEU A 660 -12.32 9.85 -18.63
C LEU A 660 -13.37 9.23 -19.55
N ILE A 661 -13.00 8.19 -20.31
CA ILE A 661 -13.96 7.55 -21.20
C ILE A 661 -15.00 6.78 -20.40
N PHE A 662 -14.57 6.03 -19.39
CA PHE A 662 -15.48 5.21 -18.60
C PHE A 662 -16.31 6.04 -17.62
N MET A 663 -16.01 7.33 -17.48
CA MET A 663 -16.74 8.19 -16.57
C MET A 663 -17.76 9.08 -17.27
N ILE A 664 -17.42 9.57 -18.46
CA ILE A 664 -18.27 10.50 -19.20
C ILE A 664 -19.05 9.80 -20.29
N LEU A 665 -18.35 9.05 -21.16
CA LEU A 665 -19.03 8.36 -22.25
C LEU A 665 -19.94 7.26 -21.73
N VAL A 666 -19.49 6.52 -20.73
CA VAL A 666 -20.32 5.53 -20.03
C VAL A 666 -20.62 6.09 -18.65
N PHE A 667 -21.81 5.75 -18.15
CA PHE A 667 -22.31 6.19 -16.85
C PHE A 667 -22.70 7.67 -16.88
N GLY A 668 -22.37 8.36 -17.97
CA GLY A 668 -22.94 9.67 -18.26
C GLY A 668 -22.74 10.73 -17.20
N VAL A 669 -21.54 10.86 -16.65
CA VAL A 669 -21.25 11.96 -15.75
C VAL A 669 -21.15 13.24 -16.58
N GLN A 670 -21.88 14.28 -16.16
CA GLN A 670 -21.97 15.49 -16.97
C GLN A 670 -20.63 16.21 -17.02
N CYS A 671 -20.31 16.75 -18.19
CA CYS A 671 -19.13 17.59 -18.41
C CYS A 671 -19.60 18.86 -19.09
N LYS A 672 -19.93 19.88 -18.30
CA LYS A 672 -20.44 21.12 -18.87
C LYS A 672 -19.33 21.94 -19.52
N GLY A 673 -18.15 21.98 -18.91
CA GLY A 673 -17.10 22.88 -19.33
C GLY A 673 -16.26 22.33 -20.47
N ASP A 674 -15.15 23.01 -20.71
CA ASP A 674 -14.24 22.62 -21.78
C ASP A 674 -13.53 21.32 -21.44
N ILE A 675 -13.50 20.39 -22.40
CA ILE A 675 -12.80 19.12 -22.19
C ILE A 675 -11.30 19.27 -22.44
N GLY A 676 -10.86 20.33 -23.10
CA GLY A 676 -9.44 20.52 -23.32
C GLY A 676 -8.68 20.80 -22.03
N TRP A 677 -9.29 21.55 -21.12
CA TRP A 677 -8.64 21.89 -19.86
C TRP A 677 -8.85 20.86 -18.77
N VAL A 678 -9.84 19.98 -18.91
CA VAL A 678 -9.99 18.87 -17.97
C VAL A 678 -8.86 17.87 -18.17
N ILE A 679 -8.46 17.64 -19.42
CA ILE A 679 -7.35 16.73 -19.70
C ILE A 679 -6.03 17.31 -19.21
N VAL A 680 -5.84 18.62 -19.40
CA VAL A 680 -4.58 19.25 -19.00
C VAL A 680 -4.41 19.20 -17.49
N LEU A 681 -5.47 19.51 -16.75
CA LEU A 681 -5.37 19.52 -15.28
C LEU A 681 -5.15 18.12 -14.74
N THR A 682 -5.80 17.12 -15.34
CA THR A 682 -5.64 15.75 -14.87
C THR A 682 -4.21 15.27 -15.09
N ILE A 683 -3.60 15.64 -16.22
CA ILE A 683 -2.22 15.25 -16.47
C ILE A 683 -1.26 16.00 -15.55
N LEU A 684 -1.54 17.28 -15.29
CA LEU A 684 -0.69 18.06 -14.41
C LEU A 684 -0.68 17.50 -12.99
N GLN A 685 -1.79 16.90 -12.55
CA GLN A 685 -1.79 16.24 -11.25
C GLN A 685 -1.03 14.92 -11.29
N GLY A 686 -0.94 14.29 -12.46
CA GLY A 686 -0.11 13.11 -12.58
C GLY A 686 1.37 13.42 -12.44
N LEU A 687 1.82 14.55 -13.00
CA LEU A 687 3.21 14.94 -12.87
C LEU A 687 3.56 15.35 -11.45
N CYS A 688 2.62 15.95 -10.73
CA CYS A 688 2.85 16.23 -9.32
C CYS A 688 2.99 14.95 -8.52
N GLY A 689 2.27 13.91 -8.91
CA GLY A 689 2.41 12.62 -8.24
C GLY A 689 3.76 11.97 -8.49
N MET A 690 4.25 12.05 -9.72
CA MET A 690 5.57 11.50 -10.03
C MET A 690 6.67 12.23 -9.27
N CYS A 691 6.56 13.56 -9.14
CA CYS A 691 7.55 14.33 -8.41
C CYS A 691 7.52 14.02 -6.92
N PHE A 692 6.38 13.55 -6.39
CA PHE A 692 6.35 13.07 -5.02
C PHE A 692 7.01 11.71 -4.89
N GLY A 693 7.07 10.94 -5.98
CA GLY A 693 7.81 9.70 -5.95
C GLY A 693 9.31 9.90 -5.92
N PHE A 694 9.79 11.03 -6.44
CA PHE A 694 11.21 11.34 -6.34
C PHE A 694 11.61 11.61 -4.89
N VAL A 695 10.75 12.30 -4.13
CA VAL A 695 11.04 12.56 -2.73
C VAL A 695 11.06 11.28 -1.93
N ILE A 696 10.08 10.40 -2.16
CA ILE A 696 10.01 9.15 -1.41
C ILE A 696 11.20 8.26 -1.72
N SER A 697 11.57 8.13 -3.00
CA SER A 697 12.67 7.25 -3.36
C SER A 697 14.03 7.80 -2.96
N ALA A 698 14.16 9.11 -2.83
CA ALA A 698 15.42 9.70 -2.37
C ALA A 698 15.56 9.71 -0.87
N ILE A 699 14.50 9.45 -0.13
CA ILE A 699 14.54 9.41 1.33
C ILE A 699 14.63 7.98 1.83
N CYS A 700 13.78 7.10 1.32
CA CYS A 700 13.72 5.72 1.77
C CYS A 700 14.69 4.85 0.98
N GLU A 701 15.27 3.81 1.58
CA GLU A 701 16.16 2.91 0.82
C GLU A 701 15.57 1.50 0.75
N LEU A 702 14.73 1.12 1.71
CA LEU A 702 14.10 -0.19 1.60
C LEU A 702 12.75 -0.08 0.94
N GLU A 703 12.27 -1.20 0.40
CA GLU A 703 10.96 -1.22 -0.24
C GLU A 703 9.85 -0.95 0.76
N ARG A 704 9.90 -1.60 1.92
CA ARG A 704 8.82 -1.51 2.89
C ARG A 704 8.75 -0.14 3.55
N ASN A 705 9.80 0.65 3.55
CA ASN A 705 9.64 1.96 4.22
C ASN A 705 9.05 2.97 3.23
N ALA A 706 9.19 2.75 1.93
CA ALA A 706 8.50 3.64 0.99
C ALA A 706 7.01 3.37 0.98
N ILE A 707 6.59 2.13 1.23
CA ILE A 707 5.18 1.79 1.25
C ILE A 707 4.48 2.50 2.40
N GLN A 708 5.07 2.46 3.59
CA GLN A 708 4.47 3.10 4.75
C GLN A 708 4.45 4.61 4.60
N LEU A 709 5.53 5.19 4.06
CA LEU A 709 5.58 6.63 3.86
C LEU A 709 4.56 7.10 2.83
N ALA A 710 4.33 6.31 1.78
CA ALA A 710 3.33 6.68 0.78
C ALA A 710 1.92 6.54 1.34
N LEU A 711 1.64 5.44 2.04
CA LEU A 711 0.31 5.24 2.60
C LEU A 711 0.06 6.15 3.80
N GLY A 712 1.11 6.56 4.50
CA GLY A 712 0.95 7.44 5.64
C GLY A 712 0.61 8.87 5.28
N SER A 713 0.71 9.24 4.02
CA SER A 713 0.29 10.54 3.54
C SER A 713 -0.89 10.47 2.58
N PHE A 714 -1.22 9.27 2.08
CA PHE A 714 -2.39 9.12 1.22
C PHE A 714 -3.68 9.26 2.01
N TYR A 715 -3.77 8.57 3.15
CA TYR A 715 -5.01 8.63 3.94
C TYR A 715 -5.27 10.02 4.52
N PRO A 716 -4.32 10.68 5.19
CA PRO A 716 -4.64 12.02 5.72
C PRO A 716 -5.00 13.04 4.67
N THR A 717 -4.46 12.93 3.45
CA THR A 717 -4.77 13.91 2.42
C THR A 717 -6.16 13.67 1.82
N LEU A 718 -6.64 12.43 1.83
CA LEU A 718 -7.98 12.16 1.34
C LEU A 718 -9.04 12.79 2.24
N LEU A 719 -8.81 12.79 3.55
CA LEU A 719 -9.78 13.29 4.51
C LEU A 719 -9.73 14.80 4.68
N LEU A 720 -8.79 15.48 4.02
CA LEU A 720 -8.65 16.92 4.16
C LEU A 720 -8.79 17.68 2.85
N SER A 721 -8.96 16.98 1.73
CA SER A 721 -9.04 17.62 0.43
C SER A 721 -10.47 17.80 -0.07
N GLY A 722 -11.46 17.49 0.75
CA GLY A 722 -12.85 17.68 0.33
C GLY A 722 -13.26 16.84 -0.85
N VAL A 723 -12.85 15.57 -0.86
CA VAL A 723 -13.21 14.68 -1.96
C VAL A 723 -14.57 14.02 -1.71
N ILE A 724 -14.81 13.53 -0.49
CA ILE A 724 -16.02 12.80 -0.18
C ILE A 724 -17.06 13.63 0.56
N TRP A 725 -16.68 14.78 1.11
CA TRP A 725 -17.61 15.67 1.79
C TRP A 725 -17.27 17.09 1.43
N PRO A 726 -18.26 18.00 1.44
CA PRO A 726 -17.96 19.41 1.20
C PRO A 726 -16.93 19.95 2.19
N ILE A 727 -16.04 20.81 1.70
CA ILE A 727 -15.02 21.40 2.57
C ILE A 727 -15.58 22.47 3.47
N GLU A 728 -16.84 22.87 3.26
CA GLU A 728 -17.45 23.89 4.11
C GLU A 728 -17.81 23.34 5.49
N GLY A 729 -17.87 22.02 5.65
CA GLY A 729 -18.17 21.44 6.95
C GLY A 729 -17.02 21.46 7.93
N MET A 730 -15.80 21.61 7.46
CA MET A 730 -14.65 21.58 8.33
C MET A 730 -14.58 22.84 9.19
N PRO A 731 -13.95 22.76 10.37
CA PRO A 731 -13.73 23.97 11.17
C PRO A 731 -12.82 24.95 10.45
N THR A 732 -12.96 26.23 10.81
CA THR A 732 -12.29 27.29 10.06
C THR A 732 -10.77 27.13 10.09
N VAL A 733 -10.21 26.79 11.25
CA VAL A 733 -8.76 26.65 11.35
C VAL A 733 -8.27 25.49 10.49
N LEU A 734 -8.99 24.37 10.52
CA LEU A 734 -8.63 23.24 9.67
C LEU A 734 -8.87 23.55 8.19
N ARG A 735 -9.83 24.44 7.89
CA ARG A 735 -10.07 24.81 6.50
C ARG A 735 -8.89 25.54 5.90
N TYR A 736 -8.26 26.44 6.66
CA TYR A 736 -7.12 27.18 6.15
C TYR A 736 -5.94 26.25 5.86
N VAL A 737 -5.69 25.29 6.75
CA VAL A 737 -4.57 24.38 6.56
C VAL A 737 -4.79 23.52 5.32
N SER A 738 -6.03 23.12 5.07
CA SER A 738 -6.32 22.17 4.00
C SER A 738 -6.09 22.77 2.61
N THR A 739 -6.28 24.07 2.44
CA THR A 739 -6.13 24.67 1.13
C THR A 739 -4.69 24.63 0.62
N PHE A 740 -3.72 24.40 1.50
CA PHE A 740 -2.32 24.33 1.11
C PHE A 740 -1.89 22.93 0.73
N LEU A 741 -2.77 21.95 0.85
CA LEU A 741 -2.47 20.57 0.53
C LEU A 741 -2.47 20.37 -0.99
N PRO A 742 -1.77 19.34 -1.47
CA PRO A 742 -1.58 19.20 -2.94
C PRO A 742 -2.86 19.08 -3.73
N LEU A 743 -3.87 18.40 -3.21
CA LEU A 743 -5.05 18.01 -3.99
C LEU A 743 -6.28 18.85 -3.70
N THR A 744 -6.21 19.80 -2.77
CA THR A 744 -7.41 20.52 -2.34
C THR A 744 -7.88 21.50 -3.40
N LEU A 745 -7.02 22.44 -3.78
CA LEU A 745 -7.41 23.44 -4.76
C LEU A 745 -7.56 22.87 -6.15
N ALA A 746 -6.95 21.71 -6.44
CA ALA A 746 -7.12 21.08 -7.74
C ALA A 746 -8.48 20.38 -7.85
N THR A 747 -8.94 19.77 -6.77
CA THR A 747 -10.28 19.15 -6.77
C THR A 747 -11.37 20.21 -6.92
N THR A 748 -11.22 21.34 -6.24
CA THR A 748 -12.20 22.41 -6.34
C THR A 748 -12.23 22.99 -7.75
N SER A 749 -11.06 23.13 -8.38
CA SER A 749 -11.00 23.70 -9.73
C SER A 749 -11.61 22.76 -10.75
N LEU A 750 -11.40 21.46 -10.60
CA LEU A 750 -11.98 20.50 -11.55
C LEU A 750 -13.48 20.35 -11.35
N ARG A 751 -13.97 20.49 -10.12
CA ARG A 751 -15.40 20.40 -9.86
C ARG A 751 -16.16 21.53 -10.54
N ALA A 752 -15.59 22.75 -10.53
CA ALA A 752 -16.26 23.87 -11.17
C ALA A 752 -16.26 23.75 -12.69
N MET A 753 -15.21 23.15 -13.26
CA MET A 753 -15.16 22.96 -14.71
C MET A 753 -16.14 21.90 -15.20
N LEU A 754 -16.54 20.98 -14.34
CA LEU A 754 -17.45 19.90 -14.70
C LEU A 754 -18.90 20.20 -14.39
N THR A 755 -19.18 20.79 -13.23
CA THR A 755 -20.56 20.97 -12.78
C THR A 755 -21.13 22.34 -13.08
N ARG A 756 -20.30 23.33 -13.41
CA ARG A 756 -20.78 24.66 -13.76
C ARG A 756 -20.32 25.15 -15.13
N GLY A 757 -19.29 24.55 -15.71
CA GLY A 757 -18.83 25.00 -17.01
C GLY A 757 -18.01 26.26 -16.99
N TRP A 758 -17.33 26.54 -15.88
CA TRP A 758 -16.49 27.73 -15.80
C TRP A 758 -15.23 27.56 -16.64
N SER A 759 -14.67 28.69 -17.06
CA SER A 759 -13.51 28.71 -17.95
C SER A 759 -12.24 28.97 -17.15
N ILE A 760 -11.13 29.06 -17.88
CA ILE A 760 -9.83 29.27 -17.24
C ILE A 760 -9.71 30.66 -16.63
N ALA A 761 -10.55 31.60 -17.04
CA ALA A 761 -10.45 32.97 -16.55
C ALA A 761 -11.03 33.16 -15.15
N GLU A 762 -11.78 32.20 -14.63
CA GLU A 762 -12.35 32.34 -13.30
C GLU A 762 -11.28 32.07 -12.24
N PRO A 763 -11.17 32.91 -11.21
CA PRO A 763 -10.16 32.66 -10.17
C PRO A 763 -10.31 31.31 -9.50
N ALA A 764 -11.53 30.81 -9.35
CA ALA A 764 -11.72 29.51 -8.73
C ALA A 764 -11.21 28.36 -9.58
N VAL A 765 -10.92 28.61 -10.85
CA VAL A 765 -10.49 27.56 -11.77
C VAL A 765 -8.98 27.54 -11.94
N TYR A 766 -8.36 28.71 -12.17
CA TYR A 766 -6.92 28.72 -12.39
C TYR A 766 -6.12 28.69 -11.10
N TYR A 767 -6.77 28.78 -9.94
CA TYR A 767 -6.06 28.59 -8.68
C TYR A 767 -5.65 27.13 -8.51
N GLY A 768 -6.41 26.21 -9.10
CA GLY A 768 -6.02 24.81 -9.08
C GLY A 768 -4.88 24.49 -10.03
N PHE A 769 -4.69 25.31 -11.06
CA PHE A 769 -3.51 25.19 -11.90
C PHE A 769 -2.27 25.75 -11.22
N LEU A 770 -2.41 26.87 -10.50
CA LEU A 770 -1.28 27.45 -9.80
C LEU A 770 -0.78 26.54 -8.68
N ALA A 771 -1.69 25.95 -7.91
CA ALA A 771 -1.27 25.12 -6.78
C ALA A 771 -0.55 23.87 -7.26
N THR A 772 -0.97 23.30 -8.39
CA THR A 772 -0.27 22.13 -8.93
C THR A 772 1.12 22.50 -9.41
N ILE A 773 1.28 23.67 -10.03
CA ILE A 773 2.59 24.10 -10.52
C ILE A 773 3.53 24.36 -9.36
N ILE A 774 3.05 25.03 -8.31
CA ILE A 774 3.90 25.35 -7.17
C ILE A 774 4.34 24.09 -6.44
N TRP A 775 3.44 23.13 -6.26
CA TRP A 775 3.80 21.89 -5.58
C TRP A 775 4.73 21.03 -6.40
N ILE A 776 4.69 21.16 -7.73
CA ILE A 776 5.67 20.46 -8.57
C ILE A 776 7.07 21.00 -8.30
N VAL A 777 7.21 22.32 -8.19
CA VAL A 777 8.52 22.92 -7.94
C VAL A 777 8.99 22.62 -6.54
N ALA A 778 8.07 22.68 -5.56
CA ALA A 778 8.45 22.40 -4.18
C ALA A 778 8.92 20.96 -4.01
N PHE A 779 8.25 20.02 -4.67
CA PHE A 779 8.65 18.62 -4.59
C PHE A 779 10.02 18.40 -5.22
N LEU A 780 10.29 19.08 -6.34
CA LEU A 780 11.60 18.95 -6.98
C LEU A 780 12.71 19.56 -6.14
N THR A 781 12.42 20.69 -5.48
CA THR A 781 13.42 21.30 -4.60
C THR A 781 13.73 20.42 -3.41
N ILE A 782 12.71 19.80 -2.82
CA ILE A 782 12.92 18.96 -1.65
C ILE A 782 13.79 17.75 -1.98
N SER A 783 13.56 17.15 -3.15
CA SER A 783 14.33 15.98 -3.54
C SER A 783 15.79 16.31 -3.77
N MET A 784 16.09 17.52 -4.25
CA MET A 784 17.48 17.91 -4.46
C MET A 784 18.20 18.16 -3.14
N LEU A 785 17.53 18.83 -2.20
CA LEU A 785 18.15 19.09 -0.90
C LEU A 785 18.41 17.80 -0.16
N VAL A 786 17.49 16.84 -0.25
CA VAL A 786 17.71 15.54 0.40
C VAL A 786 18.90 14.83 -0.21
N LEU A 787 19.03 14.88 -1.53
CA LEU A 787 20.17 14.25 -2.21
C LEU A 787 21.48 14.96 -1.94
N ARG A 788 21.44 16.18 -1.41
CA ARG A 788 22.69 16.91 -1.13
C ARG A 788 23.39 16.35 0.10
N PHE A 789 22.68 16.27 1.23
CA PHE A 789 23.28 15.87 2.48
C PHE A 789 23.20 14.36 2.74
N LYS A 790 22.53 13.61 1.85
CA LYS A 790 22.44 12.17 2.02
C LYS A 790 23.53 11.47 1.22
N HIS B 62 28.36 -44.13 12.68
CA HIS B 62 28.33 -43.30 11.48
C HIS B 62 27.54 -42.03 11.70
N ALA B 63 28.20 -40.88 11.52
CA ALA B 63 27.50 -39.61 11.67
C ALA B 63 26.43 -39.44 10.60
N VAL B 64 26.70 -39.88 9.38
CA VAL B 64 25.70 -39.82 8.33
C VAL B 64 25.94 -40.92 7.31
N CYS B 65 24.85 -41.50 6.79
CA CYS B 65 24.93 -42.54 5.78
C CYS B 65 23.82 -42.29 4.76
N VAL B 66 24.19 -41.86 3.56
CA VAL B 66 23.24 -41.60 2.49
C VAL B 66 23.48 -42.65 1.40
N ARG B 67 22.46 -43.45 1.10
CA ARG B 67 22.61 -44.54 0.16
C ARG B 67 21.58 -44.43 -0.94
N HIS B 68 22.06 -44.46 -2.19
CA HIS B 68 21.21 -44.46 -3.39
C HIS B 68 20.24 -43.29 -3.40
N ALA B 69 20.74 -42.10 -3.03
CA ALA B 69 19.88 -40.93 -3.02
C ALA B 69 19.55 -40.50 -4.44
N PHE B 70 18.26 -40.28 -4.71
CA PHE B 70 17.79 -39.65 -5.93
C PHE B 70 16.92 -38.45 -5.57
N LYS B 71 16.90 -37.45 -6.45
CA LYS B 71 16.07 -36.28 -6.21
C LYS B 71 15.76 -35.62 -7.55
N GLN B 72 14.54 -35.11 -7.67
CA GLN B 72 14.08 -34.42 -8.87
C GLN B 72 13.52 -33.06 -8.51
N TYR B 73 13.60 -32.14 -9.46
CA TYR B 73 13.07 -30.80 -9.26
C TYR B 73 12.25 -30.39 -10.48
N GLY B 74 11.26 -29.54 -10.24
CA GLY B 74 10.40 -29.06 -11.31
C GLY B 74 9.41 -30.11 -11.76
N SER B 75 8.75 -29.80 -12.88
CA SER B 75 7.78 -30.70 -13.47
C SER B 75 8.44 -31.60 -14.51
N LYS B 76 7.63 -32.42 -15.17
CA LYS B 76 8.16 -33.33 -16.18
C LYS B 76 8.66 -32.59 -17.41
N LYS B 77 8.14 -31.38 -17.67
CA LYS B 77 8.56 -30.62 -18.82
C LYS B 77 10.04 -30.24 -18.73
N ASN B 78 10.48 -29.81 -17.54
CA ASN B 78 11.87 -29.42 -17.31
C ASN B 78 12.39 -30.17 -16.09
N PRO B 79 12.67 -31.47 -16.22
CA PRO B 79 13.21 -32.22 -15.08
C PRO B 79 14.60 -31.74 -14.72
N ASN B 80 14.89 -31.77 -13.42
CA ASN B 80 16.17 -31.35 -12.87
C ASN B 80 16.68 -32.47 -11.96
N HIS B 81 17.66 -33.23 -12.44
CA HIS B 81 18.23 -34.34 -11.67
C HIS B 81 19.36 -33.78 -10.80
N VAL B 82 18.96 -33.13 -9.71
CA VAL B 82 19.93 -32.52 -8.81
C VAL B 82 20.81 -33.60 -8.16
N LEU B 83 20.19 -34.67 -7.68
CA LEU B 83 20.92 -35.80 -7.13
C LEU B 83 20.50 -37.07 -7.87
N SER B 84 21.48 -37.91 -8.20
CA SER B 84 21.20 -39.14 -8.93
C SER B 84 22.19 -40.20 -8.46
N ASP B 85 21.68 -41.21 -7.76
CA ASP B 85 22.48 -42.33 -7.27
C ASP B 85 23.65 -41.83 -6.42
N LEU B 86 23.32 -41.00 -5.44
CA LEU B 86 24.33 -40.43 -4.55
C LEU B 86 24.59 -41.37 -3.38
N ASN B 87 25.87 -41.63 -3.11
CA ASN B 87 26.34 -42.37 -1.95
C ASN B 87 27.26 -41.48 -1.13
N MET B 88 27.13 -41.54 0.18
CA MET B 88 27.92 -40.70 1.06
C MET B 88 27.99 -41.34 2.44
N THR B 89 29.15 -41.22 3.08
CA THR B 89 29.32 -41.72 4.44
C THR B 89 30.21 -40.76 5.22
N VAL B 90 29.76 -40.40 6.42
CA VAL B 90 30.50 -39.53 7.32
C VAL B 90 30.62 -40.24 8.66
N ALA B 91 31.85 -40.56 9.05
CA ALA B 91 32.11 -41.26 10.29
C ALA B 91 32.13 -40.28 11.46
N LYS B 92 32.36 -40.82 12.66
CA LYS B 92 32.36 -40.03 13.87
C LYS B 92 33.78 -39.68 14.28
N GLY B 93 33.98 -38.41 14.65
CA GLY B 93 35.28 -37.95 15.11
C GLY B 93 36.20 -37.40 14.05
N THR B 94 35.68 -37.13 12.84
CA THR B 94 36.50 -36.65 11.75
C THR B 94 35.91 -35.36 11.18
N ILE B 95 36.66 -34.74 10.28
CA ILE B 95 36.18 -33.60 9.51
C ILE B 95 35.98 -34.04 8.06
N TYR B 96 34.80 -33.76 7.53
CA TYR B 96 34.40 -34.18 6.19
C TYR B 96 34.15 -32.94 5.35
N GLY B 97 35.07 -32.66 4.42
CA GLY B 97 34.91 -31.56 3.49
C GLY B 97 34.17 -32.03 2.26
N LEU B 98 33.25 -31.20 1.78
CA LEU B 98 32.44 -31.50 0.60
C LEU B 98 32.66 -30.40 -0.43
N LEU B 99 33.49 -30.66 -1.43
CA LEU B 99 33.87 -29.66 -2.42
C LEU B 99 33.08 -29.90 -3.69
N GLY B 100 32.34 -28.88 -4.14
CA GLY B 100 31.51 -29.00 -5.31
C GLY B 100 31.71 -27.83 -6.26
N ALA B 101 31.23 -28.03 -7.49
CA ALA B 101 31.39 -27.01 -8.51
C ALA B 101 30.42 -25.84 -8.29
N SER B 102 29.13 -26.10 -8.41
CA SER B 102 28.11 -25.07 -8.24
C SER B 102 27.85 -24.87 -6.75
N GLY B 103 26.73 -24.23 -6.43
CA GLY B 103 26.34 -24.08 -5.04
C GLY B 103 24.93 -24.57 -4.75
N CYS B 104 24.50 -25.61 -5.46
CA CYS B 104 23.14 -26.12 -5.34
C CYS B 104 23.08 -27.56 -4.86
N GLY B 105 23.90 -28.45 -5.43
CA GLY B 105 23.86 -29.84 -5.01
C GLY B 105 24.24 -30.02 -3.56
N LYS B 106 25.29 -29.33 -3.12
CA LYS B 106 25.70 -29.42 -1.73
C LYS B 106 24.65 -28.85 -0.80
N THR B 107 24.06 -27.71 -1.17
CA THR B 107 23.02 -27.12 -0.33
C THR B 107 21.79 -28.01 -0.26
N THR B 108 21.39 -28.61 -1.39
CA THR B 108 20.27 -29.53 -1.39
C THR B 108 20.56 -30.76 -0.54
N LEU B 109 21.78 -31.28 -0.62
CA LEU B 109 22.15 -32.43 0.21
C LEU B 109 22.12 -32.08 1.68
N LEU B 110 22.60 -30.90 2.05
CA LEU B 110 22.57 -30.48 3.45
C LEU B 110 21.13 -30.32 3.93
N SER B 111 20.26 -29.76 3.08
CA SER B 111 18.86 -29.61 3.45
C SER B 111 18.19 -30.96 3.63
N CYS B 112 18.53 -31.94 2.79
CA CYS B 112 18.01 -33.29 2.99
C CYS B 112 18.53 -33.90 4.28
N ILE B 113 19.78 -33.59 4.64
CA ILE B 113 20.37 -34.14 5.86
C ILE B 113 19.67 -33.58 7.09
N VAL B 114 19.47 -32.26 7.14
CA VAL B 114 18.86 -31.67 8.33
C VAL B 114 17.38 -32.04 8.47
N GLY B 115 16.72 -32.41 7.37
CA GLY B 115 15.33 -32.79 7.42
C GLY B 115 14.36 -31.83 6.76
N ARG B 116 14.86 -30.70 6.22
CA ARG B 116 13.97 -29.75 5.56
C ARG B 116 13.31 -30.35 4.34
N ARG B 117 14.07 -31.07 3.53
CA ARG B 117 13.58 -31.66 2.28
C ARG B 117 13.44 -33.17 2.46
N ARG B 118 12.98 -33.82 1.39
CA ARG B 118 12.80 -35.26 1.39
C ARG B 118 13.31 -35.82 0.08
N LEU B 119 13.85 -37.04 0.14
CA LEU B 119 14.39 -37.71 -1.03
C LEU B 119 13.30 -38.48 -1.75
N ASN B 120 13.32 -38.41 -3.08
CA ASN B 120 12.37 -39.19 -3.88
C ASN B 120 12.66 -40.68 -3.79
N THR B 121 13.94 -41.05 -3.72
CA THR B 121 14.32 -42.46 -3.66
C THR B 121 15.68 -42.57 -2.99
N GLY B 122 15.80 -43.47 -2.04
CA GLY B 122 17.05 -43.69 -1.31
C GLY B 122 16.82 -43.73 0.18
N GLU B 123 17.94 -43.85 0.90
CA GLU B 123 17.87 -43.92 2.36
C GLU B 123 18.89 -42.98 2.99
N ILE B 124 18.53 -42.45 4.15
CA ILE B 124 19.39 -41.57 4.94
C ILE B 124 19.36 -42.04 6.38
N TRP B 125 20.53 -42.08 7.02
CA TRP B 125 20.65 -42.41 8.44
C TRP B 125 21.59 -41.36 9.04
N VAL B 126 21.05 -40.41 9.79
CA VAL B 126 21.85 -39.34 10.39
C VAL B 126 21.69 -39.40 11.90
N LEU B 127 22.82 -39.50 12.60
CA LEU B 127 22.91 -39.50 14.05
C LEU B 127 22.17 -40.66 14.71
N GLY B 128 21.70 -41.64 13.92
CA GLY B 128 21.05 -42.80 14.48
C GLY B 128 19.77 -43.21 13.79
N GLY B 129 19.00 -42.26 13.28
CA GLY B 129 17.72 -42.57 12.67
C GLY B 129 17.42 -41.62 11.53
N LYS B 130 16.23 -41.78 10.97
CA LYS B 130 15.83 -40.97 9.82
C LYS B 130 15.73 -39.50 10.23
N PRO B 131 16.01 -38.58 9.31
CA PRO B 131 15.91 -37.15 9.64
C PRO B 131 14.48 -36.75 9.97
N GLY B 132 14.29 -36.13 11.12
CA GLY B 132 13.00 -35.60 11.52
C GLY B 132 11.91 -36.63 11.64
N THR B 133 12.19 -37.74 12.33
CA THR B 133 11.22 -38.83 12.47
C THR B 133 11.03 -39.25 13.92
N LYS B 134 11.60 -38.52 14.88
CA LYS B 134 11.59 -38.82 16.31
C LYS B 134 12.40 -40.07 16.64
N GLY B 135 12.99 -40.73 15.66
CA GLY B 135 13.93 -41.80 15.93
C GLY B 135 15.30 -41.23 16.24
N SER B 136 15.48 -39.94 15.95
CA SER B 136 16.71 -39.24 16.23
C SER B 136 16.39 -37.77 16.50
N GLY B 137 17.38 -37.06 17.03
CA GLY B 137 17.23 -35.66 17.32
C GLY B 137 17.88 -34.76 16.29
N VAL B 138 17.68 -35.05 15.01
CA VAL B 138 18.34 -34.28 13.95
C VAL B 138 17.97 -32.82 14.00
N PRO B 139 16.67 -32.42 14.02
CA PRO B 139 16.35 -31.03 14.37
C PRO B 139 16.25 -30.87 15.87
N GLY B 140 17.25 -30.20 16.46
CA GLY B 140 17.25 -30.00 17.89
C GLY B 140 18.64 -29.66 18.39
N LYS B 141 18.84 -29.86 19.69
CA LYS B 141 20.07 -29.49 20.35
C LYS B 141 21.26 -30.33 19.89
N ARG B 142 21.01 -31.42 19.17
CA ARG B 142 22.06 -32.34 18.76
C ARG B 142 22.69 -31.98 17.42
N VAL B 143 22.28 -30.90 16.79
CA VAL B 143 22.86 -30.48 15.52
C VAL B 143 23.22 -29.01 15.59
N GLY B 144 24.23 -28.62 14.79
CA GLY B 144 24.64 -27.24 14.71
C GLY B 144 24.67 -26.77 13.28
N TYR B 145 23.87 -25.75 12.96
CA TYR B 145 23.61 -25.36 11.59
C TYR B 145 24.09 -23.92 11.35
N MET B 146 24.85 -23.73 10.28
CA MET B 146 25.26 -22.41 9.81
C MET B 146 24.81 -22.26 8.37
N PRO B 147 23.75 -21.49 8.10
CA PRO B 147 23.25 -21.41 6.72
C PRO B 147 24.19 -20.63 5.83
N GLN B 148 24.00 -20.82 4.52
CA GLN B 148 24.82 -20.10 3.55
C GLN B 148 24.64 -18.60 3.67
N GLU B 149 23.40 -18.15 3.81
CA GLU B 149 23.11 -16.74 4.03
C GLU B 149 23.18 -16.41 5.51
N ILE B 150 23.29 -15.12 5.80
CA ILE B 150 23.28 -14.65 7.18
C ILE B 150 21.85 -14.62 7.67
N ALA B 151 21.40 -15.72 8.27
CA ALA B 151 20.03 -15.81 8.73
C ALA B 151 19.92 -15.30 10.17
N LEU B 152 20.36 -14.06 10.35
CA LEU B 152 20.36 -13.42 11.65
C LEU B 152 19.25 -12.37 11.72
N TYR B 153 18.93 -11.96 12.95
CA TYR B 153 17.96 -10.92 13.19
C TYR B 153 18.69 -9.59 13.34
N GLY B 154 18.24 -8.58 12.61
CA GLY B 154 18.67 -7.23 12.85
C GLY B 154 18.08 -6.73 14.16
N GLU B 155 18.36 -5.45 14.45
CA GLU B 155 17.87 -4.78 15.65
C GLU B 155 18.05 -5.64 16.91
N PHE B 156 19.02 -6.53 16.88
CA PHE B 156 19.31 -7.44 17.97
C PHE B 156 20.77 -7.30 18.33
N SER B 157 21.07 -7.08 19.61
CA SER B 157 22.45 -7.10 20.05
C SER B 157 22.97 -8.53 20.02
N ILE B 158 24.30 -8.66 20.02
CA ILE B 158 24.91 -9.99 20.00
C ILE B 158 24.51 -10.77 21.25
N LYS B 159 24.46 -10.10 22.39
CA LYS B 159 24.02 -10.75 23.62
C LYS B 159 22.58 -11.22 23.50
N GLU B 160 21.70 -10.39 22.91
CA GLU B 160 20.31 -10.79 22.75
C GLU B 160 20.17 -11.98 21.82
N THR B 161 20.96 -12.02 20.74
CA THR B 161 20.93 -13.17 19.84
C THR B 161 21.36 -14.44 20.55
N MET B 162 22.43 -14.35 21.35
CA MET B 162 22.88 -15.50 22.12
C MET B 162 21.80 -15.95 23.09
N MET B 163 21.16 -15.01 23.78
CA MET B 163 20.12 -15.37 24.74
C MET B 163 18.94 -16.06 24.05
N TYR B 164 18.51 -15.51 22.91
CA TYR B 164 17.39 -16.08 22.19
C TYR B 164 17.68 -17.51 21.78
N PHE B 165 18.84 -17.75 21.17
CA PHE B 165 19.12 -19.10 20.70
C PHE B 165 19.38 -20.06 21.86
N GLY B 166 20.01 -19.59 22.93
CA GLY B 166 20.20 -20.44 24.08
C GLY B 166 18.89 -20.86 24.72
N TRP B 167 17.93 -19.93 24.80
CA TRP B 167 16.62 -20.27 25.32
C TRP B 167 15.91 -21.27 24.41
N ILE B 168 16.05 -21.09 23.09
CA ILE B 168 15.45 -22.06 22.18
C ILE B 168 16.04 -23.45 22.40
N PHE B 169 17.34 -23.53 22.68
CA PHE B 169 17.99 -24.81 22.89
C PHE B 169 17.86 -25.33 24.31
N GLY B 170 17.22 -24.59 25.21
CA GLY B 170 17.05 -25.05 26.57
C GLY B 170 18.19 -24.77 27.51
N MET B 171 19.20 -24.02 27.07
CA MET B 171 20.32 -23.69 27.94
C MET B 171 19.88 -22.77 29.06
N GLU B 172 20.48 -22.96 30.23
CA GLU B 172 20.25 -22.04 31.33
C GLU B 172 21.01 -20.73 31.10
N SER B 173 20.51 -19.65 31.71
CA SER B 173 21.08 -18.34 31.48
C SER B 173 22.48 -18.18 32.07
N SER B 174 22.89 -19.07 32.98
CA SER B 174 24.21 -18.97 33.56
C SER B 174 25.29 -19.38 32.56
N GLU B 175 25.09 -20.49 31.86
CA GLU B 175 26.09 -20.99 30.93
C GLU B 175 26.12 -20.21 29.61
N ILE B 176 25.01 -19.57 29.24
CA ILE B 176 25.01 -18.76 28.02
C ILE B 176 26.02 -17.63 28.15
N ASN B 177 26.12 -17.03 29.33
CA ASN B 177 27.05 -15.92 29.51
C ASN B 177 28.50 -16.38 29.38
N GLU B 178 28.83 -17.53 29.96
CA GLU B 178 30.18 -18.06 29.83
C GLU B 178 30.51 -18.36 28.37
N ARG B 179 29.58 -19.02 27.66
CA ARG B 179 29.82 -19.32 26.26
C ARG B 179 29.96 -18.05 25.43
N LEU B 180 29.14 -17.05 25.73
CA LEU B 180 29.20 -15.78 25.01
C LEU B 180 30.53 -15.08 25.23
N GLN B 181 31.01 -15.04 26.48
CA GLN B 181 32.29 -14.40 26.74
C GLN B 181 33.43 -15.14 26.04
N PHE B 182 33.39 -16.48 26.05
CA PHE B 182 34.43 -17.23 25.38
C PHE B 182 34.42 -16.97 23.88
N LEU B 183 33.24 -16.97 23.26
CA LEU B 183 33.17 -16.79 21.81
C LEU B 183 33.54 -15.37 21.41
N LEU B 184 33.15 -14.37 22.21
CA LEU B 184 33.56 -13.00 21.92
C LEU B 184 35.07 -12.84 22.04
N ASN B 185 35.69 -13.49 23.02
CA ASN B 185 37.14 -13.42 23.12
C ASN B 185 37.84 -14.19 22.00
N PHE B 186 37.22 -15.26 21.51
CA PHE B 186 37.90 -16.14 20.56
C PHE B 186 37.73 -15.67 19.12
N LEU B 187 36.56 -15.16 18.76
CA LEU B 187 36.26 -14.83 17.36
C LEU B 187 36.59 -13.39 16.98
N ASP B 188 37.20 -12.62 17.89
CA ASP B 188 37.60 -11.25 17.60
C ASP B 188 36.37 -10.42 17.18
N LEU B 189 35.47 -10.26 18.13
CA LEU B 189 34.21 -9.57 17.90
C LEU B 189 34.12 -8.33 18.77
N PRO B 190 33.33 -7.33 18.37
CA PRO B 190 33.20 -6.12 19.19
C PRO B 190 32.32 -6.34 20.41
N SER B 191 31.97 -5.26 21.11
CA SER B 191 31.20 -5.37 22.34
C SER B 191 29.85 -6.04 22.08
N GLN B 192 29.37 -6.75 23.09
CA GLN B 192 28.13 -7.52 22.97
C GLN B 192 26.91 -6.63 22.76
N ASN B 193 26.97 -5.37 23.17
CA ASN B 193 25.81 -4.49 23.07
C ASN B 193 25.59 -3.94 21.67
N ARG B 194 26.56 -4.06 20.77
CA ARG B 194 26.41 -3.49 19.44
C ARG B 194 25.36 -4.26 18.67
N LEU B 195 24.41 -3.53 18.07
CA LEU B 195 23.36 -4.18 17.29
C LEU B 195 23.94 -4.85 16.06
N VAL B 196 23.32 -5.96 15.67
CA VAL B 196 23.82 -6.72 14.52
C VAL B 196 23.68 -5.90 13.24
N LYS B 197 22.63 -5.08 13.15
CA LYS B 197 22.43 -4.26 11.96
C LYS B 197 23.50 -3.20 11.77
N ASN B 198 24.29 -2.91 12.81
CA ASN B 198 25.36 -1.93 12.73
C ASN B 198 26.71 -2.54 12.38
N LEU B 199 26.78 -3.86 12.24
CA LEU B 199 28.02 -4.54 11.94
C LEU B 199 28.24 -4.68 10.44
N SER B 200 29.47 -5.01 10.07
CA SER B 200 29.82 -5.20 8.67
C SER B 200 29.50 -6.64 8.26
N GLY B 201 29.85 -6.99 7.02
CA GLY B 201 29.58 -8.33 6.54
C GLY B 201 30.38 -9.40 7.25
N GLY B 202 31.67 -9.15 7.46
CA GLY B 202 32.51 -10.13 8.11
C GLY B 202 32.12 -10.37 9.56
N GLN B 203 31.81 -9.30 10.29
CA GLN B 203 31.41 -9.45 11.67
C GLN B 203 30.05 -10.15 11.78
N GLN B 204 29.13 -9.85 10.86
CA GLN B 204 27.85 -10.54 10.85
C GLN B 204 28.03 -12.03 10.58
N ARG B 205 28.91 -12.39 9.64
CA ARG B 205 29.17 -13.80 9.40
C ARG B 205 29.83 -14.47 10.60
N ARG B 206 30.72 -13.75 11.29
CA ARG B 206 31.33 -14.31 12.49
C ARG B 206 30.29 -14.56 13.58
N VAL B 207 29.33 -13.65 13.74
CA VAL B 207 28.26 -13.85 14.72
C VAL B 207 27.40 -15.04 14.33
N SER B 208 27.08 -15.17 13.03
CA SER B 208 26.33 -16.33 12.58
C SER B 208 27.09 -17.63 12.83
N PHE B 209 28.42 -17.59 12.75
CA PHE B 209 29.22 -18.77 13.07
C PHE B 209 29.22 -19.05 14.57
N ALA B 210 29.26 -18.00 15.39
CA ALA B 210 29.25 -18.19 16.84
C ALA B 210 27.92 -18.74 17.32
N VAL B 211 26.83 -18.43 16.62
CA VAL B 211 25.52 -18.96 17.01
C VAL B 211 25.49 -20.48 16.90
N ALA B 212 26.17 -21.04 15.89
CA ALA B 212 26.17 -22.47 15.65
C ALA B 212 27.09 -23.25 16.57
N LEU B 213 27.89 -22.57 17.39
CA LEU B 213 28.85 -23.21 18.27
C LEU B 213 28.46 -23.14 19.74
N MET B 214 27.40 -22.42 20.09
CA MET B 214 27.16 -22.07 21.49
C MET B 214 26.61 -23.25 22.29
N HIS B 215 25.79 -24.09 21.69
CA HIS B 215 25.16 -25.17 22.44
C HIS B 215 25.99 -26.46 22.44
N ASP B 216 27.16 -26.44 21.82
CA ASP B 216 28.06 -27.59 21.75
C ASP B 216 27.35 -28.81 21.18
N PRO B 217 26.99 -28.79 19.91
CA PRO B 217 26.31 -29.95 19.32
C PRO B 217 27.29 -31.04 18.95
N GLU B 218 26.75 -32.25 18.79
CA GLU B 218 27.56 -33.39 18.39
C GLU B 218 27.64 -33.55 16.88
N LEU B 219 27.13 -32.57 16.14
CA LEU B 219 27.27 -32.55 14.68
C LEU B 219 27.18 -31.11 14.22
N LEU B 220 28.25 -30.61 13.62
CA LEU B 220 28.28 -29.26 13.07
C LEU B 220 28.16 -29.34 11.56
N ILE B 221 27.28 -28.52 10.99
CA ILE B 221 27.12 -28.43 9.54
C ILE B 221 27.43 -26.99 9.16
N LEU B 222 28.63 -26.75 8.64
CA LEU B 222 29.09 -25.41 8.32
C LEU B 222 29.06 -25.20 6.81
N ASP B 223 28.48 -24.09 6.39
CA ASP B 223 28.32 -23.75 4.99
C ASP B 223 29.21 -22.54 4.69
N GLU B 224 30.42 -22.81 4.23
CA GLU B 224 31.43 -21.79 3.93
C GLU B 224 31.71 -20.97 5.19
N PRO B 225 32.26 -21.57 6.24
CA PRO B 225 32.46 -20.82 7.49
C PRO B 225 33.46 -19.69 7.37
N THR B 226 34.44 -19.79 6.47
CA THR B 226 35.51 -18.80 6.32
C THR B 226 35.63 -18.46 4.85
N VAL B 227 34.95 -17.40 4.43
CA VAL B 227 34.95 -16.98 3.03
C VAL B 227 35.84 -15.76 2.82
N GLY B 228 35.85 -14.83 3.78
CA GLY B 228 36.69 -13.64 3.69
C GLY B 228 37.30 -13.30 5.03
N VAL B 229 37.41 -14.32 5.89
CA VAL B 229 37.92 -14.12 7.23
C VAL B 229 39.42 -13.87 7.18
N ASP B 230 39.90 -13.03 8.10
CA ASP B 230 41.33 -12.71 8.16
C ASP B 230 42.15 -13.98 8.31
N PRO B 231 43.29 -14.09 7.61
CA PRO B 231 44.03 -15.38 7.61
C PRO B 231 44.43 -15.87 9.00
N LEU B 232 44.80 -14.98 9.90
CA LEU B 232 45.10 -15.40 11.27
C LEU B 232 43.85 -15.97 11.95
N LEU B 233 42.71 -15.30 11.75
CA LEU B 233 41.46 -15.81 12.29
C LEU B 233 41.09 -17.15 11.65
N ARG B 234 41.38 -17.31 10.36
CA ARG B 234 41.13 -18.59 9.70
C ARG B 234 41.97 -19.69 10.32
N GLN B 235 43.25 -19.40 10.58
CA GLN B 235 44.10 -20.39 11.22
C GLN B 235 43.58 -20.75 12.61
N SER B 236 43.14 -19.75 13.38
CA SER B 236 42.59 -20.03 14.70
C SER B 236 41.32 -20.88 14.61
N ILE B 237 40.46 -20.58 13.64
CA ILE B 237 39.22 -21.32 13.49
C ILE B 237 39.50 -22.78 13.14
N TRP B 238 40.43 -23.01 12.22
CA TRP B 238 40.74 -24.38 11.84
C TRP B 238 41.41 -25.13 12.99
N ASN B 239 42.25 -24.45 13.77
CA ASN B 239 42.84 -25.08 14.93
C ASN B 239 41.77 -25.47 15.95
N HIS B 240 40.78 -24.60 16.16
CA HIS B 240 39.71 -24.90 17.09
C HIS B 240 38.87 -26.09 16.62
N LEU B 241 38.56 -26.13 15.32
CA LEU B 241 37.80 -27.26 14.78
C LEU B 241 38.58 -28.56 14.96
N VAL B 242 39.88 -28.52 14.70
CA VAL B 242 40.72 -29.71 14.90
C VAL B 242 40.71 -30.13 16.37
N GLN B 243 40.78 -29.16 17.28
CA GLN B 243 40.78 -29.48 18.71
C GLN B 243 39.49 -30.14 19.13
N ILE B 244 38.34 -29.60 18.70
CA ILE B 244 37.08 -30.15 19.17
C ILE B 244 36.73 -31.48 18.50
N THR B 245 37.18 -31.72 17.27
CA THR B 245 36.80 -32.95 16.59
C THR B 245 37.66 -34.15 16.97
N LYS B 246 38.88 -33.92 17.44
CA LYS B 246 39.84 -35.01 17.65
C LYS B 246 39.46 -35.87 18.85
N ASP B 247 39.53 -37.19 18.65
CA ASP B 247 39.33 -38.18 19.70
C ASP B 247 38.07 -37.91 20.51
N GLY B 248 36.95 -37.80 19.81
CA GLY B 248 35.70 -37.49 20.46
C GLY B 248 34.52 -37.90 19.62
N ASN B 249 33.34 -37.45 20.06
CA ASN B 249 32.08 -37.75 19.37
C ASN B 249 31.69 -36.67 18.38
N LYS B 250 32.38 -35.54 18.35
CA LYS B 250 31.99 -34.45 17.47
C LYS B 250 32.33 -34.77 16.01
N THR B 251 31.51 -34.27 15.11
CA THR B 251 31.73 -34.38 13.67
C THR B 251 31.46 -33.02 13.04
N VAL B 252 32.20 -32.71 11.97
CA VAL B 252 32.05 -31.46 11.25
C VAL B 252 31.88 -31.77 9.78
N ILE B 253 30.91 -31.13 9.13
CA ILE B 253 30.67 -31.26 7.70
C ILE B 253 30.74 -29.86 7.11
N ILE B 254 31.81 -29.57 6.37
CA ILE B 254 32.07 -28.24 5.82
C ILE B 254 31.79 -28.27 4.33
N THR B 255 31.03 -27.29 3.85
CA THR B 255 30.72 -27.14 2.43
C THR B 255 31.33 -25.85 1.92
N THR B 256 32.08 -25.91 0.82
CA THR B 256 32.81 -24.73 0.37
C THR B 256 33.07 -24.80 -1.12
N HIS B 257 33.30 -23.63 -1.71
CA HIS B 257 33.80 -23.49 -3.08
C HIS B 257 35.31 -23.46 -3.13
N TYR B 258 35.96 -23.04 -2.05
CA TYR B 258 37.41 -23.19 -1.90
C TYR B 258 37.79 -24.63 -2.18
N ILE B 259 38.77 -24.85 -3.03
CA ILE B 259 39.34 -26.18 -3.17
C ILE B 259 40.54 -26.35 -2.26
N GLU B 260 41.26 -25.27 -1.99
CA GLU B 260 42.54 -25.35 -1.28
C GLU B 260 42.45 -25.08 0.21
N GLU B 261 41.26 -24.85 0.76
CA GLU B 261 41.17 -24.70 2.20
C GLU B 261 40.93 -26.02 2.91
N ALA B 262 40.28 -26.97 2.25
CA ALA B 262 39.90 -28.23 2.88
C ALA B 262 40.98 -29.28 2.71
N ARG B 263 42.21 -28.91 3.04
CA ARG B 263 43.29 -29.89 3.18
C ARG B 263 43.29 -30.55 4.54
N GLN B 264 42.91 -29.83 5.59
CA GLN B 264 42.86 -30.37 6.94
C GLN B 264 41.64 -31.24 7.18
N ALA B 265 40.67 -31.24 6.27
CA ALA B 265 39.55 -32.16 6.38
C ALA B 265 40.04 -33.60 6.31
N HIS B 266 39.56 -34.44 7.23
CA HIS B 266 40.03 -35.81 7.27
C HIS B 266 39.50 -36.64 6.10
N THR B 267 38.44 -36.19 5.44
CA THR B 267 37.94 -36.91 4.26
C THR B 267 37.26 -35.94 3.31
N ILE B 268 37.60 -36.03 2.03
CA ILE B 268 37.16 -35.08 1.02
C ILE B 268 36.19 -35.77 0.08
N GLY B 269 35.06 -35.14 -0.19
CA GLY B 269 34.13 -35.64 -1.18
C GLY B 269 33.92 -34.64 -2.30
N LEU B 270 34.27 -35.03 -3.53
CA LEU B 270 34.18 -34.15 -4.69
C LEU B 270 32.86 -34.39 -5.40
N MET B 271 32.11 -33.31 -5.63
CA MET B 271 30.77 -33.37 -6.20
C MET B 271 30.80 -32.96 -7.65
N ARG B 272 30.03 -33.67 -8.48
CA ARG B 272 29.86 -33.30 -9.87
C ARG B 272 28.68 -34.07 -10.43
N SER B 273 27.84 -33.38 -11.20
CA SER B 273 26.69 -33.98 -11.88
C SER B 273 25.77 -34.70 -10.89
N GLY B 274 25.71 -34.23 -9.66
CA GLY B 274 24.86 -34.85 -8.66
C GLY B 274 25.37 -36.16 -8.12
N LYS B 275 26.68 -36.39 -8.16
CA LYS B 275 27.24 -37.57 -7.52
C LYS B 275 28.68 -37.30 -7.13
N LEU B 276 29.20 -38.15 -6.27
CA LEU B 276 30.57 -38.02 -5.77
C LEU B 276 31.53 -38.70 -6.76
N LEU B 277 32.44 -37.91 -7.33
CA LEU B 277 33.47 -38.48 -8.19
C LEU B 277 34.41 -39.39 -7.41
N ALA B 278 34.85 -38.94 -6.23
CA ALA B 278 35.74 -39.72 -5.39
C ALA B 278 35.57 -39.24 -3.96
N GLU B 279 35.97 -40.10 -3.02
CA GLU B 279 35.87 -39.77 -1.60
C GLU B 279 36.97 -40.53 -0.86
N GLU B 280 38.08 -39.85 -0.60
CA GLU B 280 39.23 -40.45 0.07
C GLU B 280 39.90 -39.40 0.94
N SER B 281 40.94 -39.83 1.65
CA SER B 281 41.76 -38.92 2.41
C SER B 281 42.52 -37.99 1.46
N PRO B 282 42.80 -36.75 1.87
CA PRO B 282 43.44 -35.80 0.95
C PRO B 282 44.77 -36.27 0.39
N HIS B 283 45.71 -36.59 1.27
CA HIS B 283 47.02 -37.05 0.79
C HIS B 283 46.91 -38.36 0.06
N VAL B 284 45.95 -39.21 0.42
CA VAL B 284 45.73 -40.44 -0.31
C VAL B 284 45.29 -40.14 -1.74
N LEU B 285 44.37 -39.18 -1.91
CA LEU B 285 43.95 -38.78 -3.25
C LEU B 285 45.13 -38.22 -4.05
N LEU B 286 45.93 -37.34 -3.42
CA LEU B 286 47.06 -36.74 -4.11
C LEU B 286 48.06 -37.80 -4.55
N SER B 287 48.34 -38.78 -3.70
CA SER B 287 49.30 -39.82 -4.03
C SER B 287 48.74 -40.75 -5.11
N MET B 288 47.50 -41.20 -4.95
CA MET B 288 46.94 -42.18 -5.87
C MET B 288 46.79 -41.59 -7.27
N TYR B 289 46.36 -40.34 -7.37
CA TYR B 289 46.21 -39.72 -8.68
C TYR B 289 47.44 -38.94 -9.12
N GLY B 290 48.48 -38.89 -8.27
CA GLY B 290 49.77 -38.33 -8.67
C GLY B 290 49.75 -36.88 -9.10
N CYS B 291 49.10 -36.02 -8.32
CA CYS B 291 48.98 -34.61 -8.63
C CYS B 291 49.56 -33.77 -7.51
N GLN B 292 50.15 -32.63 -7.86
CA GLN B 292 50.83 -31.80 -6.87
C GLN B 292 49.84 -31.14 -5.92
N SER B 293 48.68 -30.74 -6.42
CA SER B 293 47.69 -30.04 -5.62
C SER B 293 46.32 -30.66 -5.83
N LEU B 294 45.35 -30.21 -5.01
CA LEU B 294 44.01 -30.79 -5.07
C LEU B 294 43.25 -30.38 -6.33
N GLU B 295 43.54 -29.20 -6.88
CA GLU B 295 42.86 -28.76 -8.08
C GLU B 295 43.15 -29.69 -9.25
N GLU B 296 44.39 -30.17 -9.37
CA GLU B 296 44.72 -31.08 -10.46
C GLU B 296 43.93 -32.39 -10.35
N VAL B 297 43.75 -32.88 -9.12
CA VAL B 297 42.92 -34.07 -8.91
C VAL B 297 41.48 -33.78 -9.31
N PHE B 298 40.95 -32.63 -8.87
CA PHE B 298 39.61 -32.23 -9.26
C PHE B 298 39.50 -31.93 -10.74
N LEU B 299 40.58 -31.44 -11.36
CA LEU B 299 40.56 -31.13 -12.80
C LEU B 299 40.78 -32.45 -13.56
N LYS B 300 39.71 -33.24 -13.59
CA LYS B 300 39.67 -34.49 -14.32
C LYS B 300 38.56 -34.41 -15.36
N LEU B 301 38.80 -35.00 -16.53
CA LEU B 301 37.91 -34.89 -17.67
C LEU B 301 36.99 -36.09 -17.80
N SER B 302 36.56 -36.66 -16.67
CA SER B 302 35.69 -37.84 -16.64
C SER B 302 36.32 -39.00 -17.40
N SER B 390 8.46 -26.95 26.22
CA SER B 390 7.84 -26.33 25.07
C SER B 390 7.41 -24.90 25.37
N TRP B 391 7.39 -24.55 26.66
CA TRP B 391 7.09 -23.18 27.07
C TRP B 391 8.30 -22.28 27.10
N GLY B 392 9.51 -22.85 27.06
CA GLY B 392 10.69 -22.03 26.91
C GLY B 392 10.91 -21.54 25.49
N LYS B 393 10.42 -22.27 24.49
CA LYS B 393 10.48 -21.81 23.11
C LYS B 393 9.46 -20.71 22.85
N ILE B 394 8.25 -20.86 23.38
CA ILE B 394 7.22 -19.85 23.17
C ILE B 394 7.58 -18.56 23.88
N LYS B 395 8.13 -18.66 25.10
CA LYS B 395 8.56 -17.45 25.81
C LYS B 395 9.70 -16.76 25.06
N ALA B 396 10.62 -17.53 24.50
CA ALA B 396 11.68 -16.93 23.68
C ALA B 396 11.11 -16.28 22.42
N LEU B 397 10.11 -16.91 21.81
CA LEU B 397 9.52 -16.36 20.59
C LEU B 397 8.63 -15.15 20.87
N LEU B 398 8.04 -15.08 22.06
CA LEU B 398 7.19 -13.94 22.39
C LEU B 398 8.02 -12.69 22.63
N GLN B 399 9.16 -12.82 23.30
CA GLN B 399 10.03 -11.68 23.52
C GLN B 399 10.73 -11.23 22.25
N LYS B 400 10.85 -12.11 21.26
CA LYS B 400 11.40 -11.71 19.97
C LYS B 400 10.40 -10.90 19.16
N ASN B 401 9.14 -11.34 19.15
CA ASN B 401 8.12 -10.68 18.33
C ASN B 401 7.85 -9.26 18.79
N PHE B 402 7.76 -9.05 20.10
CA PHE B 402 7.47 -7.72 20.61
C PHE B 402 8.68 -6.80 20.48
N LEU B 403 9.88 -7.35 20.61
CA LEU B 403 11.11 -6.57 20.49
C LEU B 403 11.47 -6.25 19.04
N ARG B 404 10.89 -6.97 18.08
CA ARG B 404 11.05 -6.64 16.67
C ARG B 404 10.19 -5.48 16.24
N MET B 405 9.21 -5.09 17.06
CA MET B 405 8.37 -3.92 16.80
C MET B 405 8.83 -2.69 17.58
N TRP B 406 9.38 -2.89 18.78
CA TRP B 406 9.81 -1.77 19.60
C TRP B 406 11.01 -1.05 19.00
N ARG B 407 11.86 -1.77 18.27
CA ARG B 407 13.06 -1.18 17.68
C ARG B 407 12.81 -0.61 16.29
N ASN B 408 11.57 -0.63 15.81
CA ASN B 408 11.20 -0.03 14.53
C ASN B 408 10.22 1.11 14.82
N VAL B 409 10.72 2.34 14.83
CA VAL B 409 9.86 3.48 15.08
C VAL B 409 8.86 3.65 13.94
N GLY B 410 9.27 3.34 12.72
CA GLY B 410 8.35 3.44 11.60
C GLY B 410 7.18 2.48 11.71
N VAL B 411 7.44 1.27 12.18
CA VAL B 411 6.37 0.28 12.33
C VAL B 411 5.39 0.72 13.42
N MET B 412 5.91 1.21 14.55
CA MET B 412 5.01 1.64 15.63
C MET B 412 4.19 2.85 15.21
N LEU B 413 4.78 3.79 14.50
CA LEU B 413 4.01 4.94 14.03
C LEU B 413 2.94 4.52 13.03
N PHE B 414 3.19 3.48 12.25
CA PHE B 414 2.24 3.07 11.22
C PHE B 414 1.04 2.34 11.79
N ILE B 415 1.24 1.54 12.84
CA ILE B 415 0.16 0.70 13.38
C ILE B 415 -0.40 1.21 14.69
N PHE B 416 0.13 2.31 15.25
CA PHE B 416 -0.38 2.85 16.49
C PHE B 416 -0.66 4.34 16.45
N ALA B 417 0.03 5.11 15.60
CA ALA B 417 -0.21 6.55 15.50
C ALA B 417 -0.95 6.94 14.24
N LEU B 418 -1.10 6.04 13.28
CA LEU B 418 -1.88 6.32 12.09
C LEU B 418 -3.38 6.15 12.36
N PRO B 419 -3.84 5.08 13.03
CA PRO B 419 -5.26 5.01 13.36
C PRO B 419 -5.74 6.16 14.24
N VAL B 420 -4.91 6.61 15.18
CA VAL B 420 -5.30 7.73 16.03
C VAL B 420 -5.48 8.99 15.20
N MET B 421 -4.54 9.25 14.27
CA MET B 421 -4.64 10.42 13.42
C MET B 421 -5.78 10.29 12.41
N GLN B 422 -6.01 9.08 11.90
CA GLN B 422 -7.11 8.88 10.96
C GLN B 422 -8.46 9.13 11.62
N VAL B 423 -8.62 8.66 12.85
CA VAL B 423 -9.90 8.82 13.55
C VAL B 423 -10.12 10.29 13.91
N ILE B 424 -9.05 11.00 14.28
CA ILE B 424 -9.18 12.41 14.62
C ILE B 424 -9.60 13.22 13.41
N LEU B 425 -8.98 12.96 12.26
CA LEU B 425 -9.27 13.75 11.06
C LEU B 425 -10.65 13.43 10.50
N PHE B 426 -11.07 12.17 10.57
CA PHE B 426 -12.39 11.80 10.07
C PHE B 426 -13.49 12.47 10.88
N CYS B 427 -13.36 12.48 12.21
CA CYS B 427 -14.40 13.05 13.06
C CYS B 427 -14.44 14.56 13.01
N LEU B 428 -13.46 15.20 12.39
CA LEU B 428 -13.42 16.65 12.29
C LEU B 428 -13.74 17.18 10.89
N ALA B 429 -13.85 16.32 9.89
CA ALA B 429 -13.98 16.78 8.52
C ALA B 429 -15.19 16.18 7.80
N ILE B 430 -15.59 14.98 8.19
CA ILE B 430 -16.61 14.22 7.46
C ILE B 430 -17.90 14.21 8.25
N GLY B 431 -19.00 14.53 7.58
CA GLY B 431 -20.34 14.42 8.13
C GLY B 431 -20.91 15.70 8.70
N ARG B 432 -20.07 16.68 9.01
CA ARG B 432 -20.54 17.90 9.65
C ARG B 432 -21.32 18.76 8.66
N ASP B 433 -22.22 19.58 9.21
CA ASP B 433 -23.05 20.46 8.39
C ASP B 433 -22.25 21.69 7.95
N PRO B 434 -22.38 22.08 6.67
CA PRO B 434 -21.73 23.32 6.23
C PRO B 434 -22.25 24.52 7.02
N THR B 435 -21.35 25.46 7.32
CA THR B 435 -21.70 26.50 8.28
C THR B 435 -21.12 27.87 7.92
N GLY B 436 -20.97 28.17 6.64
CA GLY B 436 -20.49 29.48 6.25
C GLY B 436 -21.16 30.03 5.02
N LEU B 437 -22.28 29.43 4.63
CA LEU B 437 -22.92 29.74 3.36
C LEU B 437 -23.45 31.17 3.35
N LYS B 438 -23.29 31.84 2.22
CA LYS B 438 -23.67 33.23 2.06
C LYS B 438 -24.85 33.35 1.10
N LEU B 439 -25.73 34.29 1.38
CA LEU B 439 -26.90 34.54 0.55
C LEU B 439 -27.00 36.02 0.24
N ALA B 440 -27.36 36.34 -1.00
CA ALA B 440 -27.50 37.71 -1.46
C ALA B 440 -28.96 38.11 -1.32
N ILE B 441 -29.25 39.07 -0.46
CA ILE B 441 -30.62 39.44 -0.12
C ILE B 441 -30.94 40.78 -0.74
N VAL B 442 -32.06 40.86 -1.43
CA VAL B 442 -32.53 42.09 -2.06
C VAL B 442 -33.87 42.44 -1.40
N ASN B 443 -33.81 43.24 -0.33
CA ASN B 443 -35.00 43.66 0.40
C ASN B 443 -35.39 45.05 -0.10
N HIS B 444 -36.46 45.10 -0.89
CA HIS B 444 -36.90 46.36 -1.49
C HIS B 444 -37.88 47.11 -0.61
N GLU B 445 -38.13 46.63 0.60
CA GLU B 445 -38.92 47.37 1.58
C GLU B 445 -38.08 48.28 2.46
N LYS B 446 -36.76 48.24 2.33
CA LYS B 446 -35.88 49.07 3.12
C LYS B 446 -34.82 49.69 2.22
N ASN B 447 -34.31 50.85 2.64
CA ASN B 447 -33.27 51.52 1.86
C ASN B 447 -31.96 50.76 1.94
N TYR B 448 -31.18 50.86 0.86
CA TYR B 448 -29.89 50.20 0.75
C TYR B 448 -28.81 51.07 1.39
N THR B 449 -28.01 50.48 2.28
CA THR B 449 -26.95 51.21 2.97
C THR B 449 -25.56 50.69 2.61
N ASN B 450 -25.30 49.41 2.84
CA ASN B 450 -24.00 48.80 2.55
C ASN B 450 -24.24 47.40 2.01
N GLN B 451 -23.15 46.68 1.76
CA GLN B 451 -23.22 45.26 1.46
C GLN B 451 -23.18 44.41 2.73
N SER B 452 -23.16 45.04 3.90
CA SER B 452 -23.16 44.33 5.17
C SER B 452 -24.14 44.90 6.18
N TYR B 453 -24.95 45.89 5.79
CA TYR B 453 -25.89 46.52 6.70
C TYR B 453 -27.21 46.75 5.99
N GLN B 454 -28.32 46.52 6.69
CA GLN B 454 -29.66 46.76 6.15
C GLN B 454 -30.60 47.49 7.10
N GLU B 455 -30.31 47.52 8.39
CA GLU B 455 -31.21 48.06 9.43
C GLU B 455 -32.60 47.44 9.35
N CYS B 456 -32.61 46.11 9.49
CA CYS B 456 -33.84 45.34 9.53
C CYS B 456 -34.51 45.58 10.88
N SER B 457 -35.51 46.46 10.91
CA SER B 457 -36.21 46.81 12.13
C SER B 457 -37.71 46.73 11.91
N PHE B 458 -38.43 46.31 12.94
CA PHE B 458 -39.87 46.10 12.86
C PHE B 458 -40.42 46.04 14.28
N ASP B 459 -41.75 45.95 14.38
CA ASP B 459 -42.41 45.82 15.67
C ASP B 459 -42.75 44.36 15.93
N TYR B 460 -42.43 43.88 17.13
CA TYR B 460 -42.56 42.47 17.43
C TYR B 460 -44.00 42.04 17.68
N GLY B 461 -44.84 42.96 18.16
CA GLY B 461 -46.17 42.57 18.60
C GLY B 461 -47.15 42.17 17.51
N CYS B 462 -47.60 43.14 16.72
CA CYS B 462 -48.68 42.89 15.78
C CYS B 462 -48.64 43.97 14.69
N LYS B 463 -49.75 44.11 13.96
CA LYS B 463 -49.96 45.11 12.93
C LYS B 463 -49.19 44.80 11.65
N PHE B 464 -48.30 43.81 11.71
CA PHE B 464 -47.58 43.32 10.54
C PHE B 464 -46.93 44.48 9.77
N SER B 465 -45.98 45.15 10.43
CA SER B 465 -45.39 46.35 9.87
C SER B 465 -44.61 46.06 8.59
N TYR B 466 -43.69 45.11 8.64
CA TYR B 466 -42.83 44.84 7.49
C TYR B 466 -42.94 43.41 6.98
N LEU B 467 -42.84 42.41 7.85
CA LEU B 467 -42.98 40.99 7.53
C LEU B 467 -41.88 40.47 6.62
N SER B 468 -40.99 41.33 6.13
CA SER B 468 -39.82 40.88 5.39
C SER B 468 -38.56 40.85 6.25
N CYS B 469 -38.41 41.83 7.15
CA CYS B 469 -37.39 41.73 8.18
C CYS B 469 -37.79 40.77 9.28
N ARG B 470 -39.08 40.48 9.43
CA ARG B 470 -39.54 39.52 10.43
C ARG B 470 -39.24 38.10 10.00
N TYR B 471 -39.34 37.80 8.70
CA TYR B 471 -38.98 36.48 8.22
C TYR B 471 -37.48 36.24 8.35
N LEU B 472 -36.68 37.25 8.02
CA LEU B 472 -35.23 37.10 8.09
C LEU B 472 -34.73 36.95 9.52
N ASN B 473 -35.50 37.43 10.50
CA ASN B 473 -35.11 37.24 11.90
C ASN B 473 -35.15 35.76 12.28
N ASN B 474 -36.12 35.02 11.77
CA ASN B 474 -36.27 33.61 12.09
C ASN B 474 -35.31 32.71 11.31
N LEU B 475 -34.58 33.26 10.34
CA LEU B 475 -33.60 32.47 9.61
C LEU B 475 -32.50 32.01 10.56
N ARG B 476 -32.03 30.79 10.35
CA ARG B 476 -31.00 30.23 11.22
C ARG B 476 -29.69 30.97 11.05
N ASN B 477 -29.00 31.23 12.16
CA ASN B 477 -27.85 32.11 12.16
C ASN B 477 -26.52 31.38 11.95
N SER B 478 -26.46 30.08 12.24
CA SER B 478 -25.18 29.40 12.24
C SER B 478 -24.66 29.13 10.83
N THR B 479 -25.55 28.80 9.90
CA THR B 479 -25.10 28.34 8.59
C THR B 479 -25.29 29.35 7.47
N ILE B 480 -26.05 30.41 7.68
CA ILE B 480 -26.35 31.36 6.61
C ILE B 480 -25.83 32.73 7.01
N LEU B 481 -24.99 33.31 6.16
CA LEU B 481 -24.55 34.69 6.28
C LEU B 481 -25.34 35.55 5.32
N LYS B 482 -25.65 36.77 5.72
CA LYS B 482 -26.54 37.64 4.98
C LYS B 482 -25.74 38.74 4.28
N GLU B 483 -25.95 38.88 2.98
CA GLU B 483 -25.36 39.94 2.18
C GLU B 483 -26.48 40.67 1.44
N TYR B 484 -26.26 41.95 1.15
CA TYR B 484 -27.30 42.81 0.62
C TYR B 484 -26.88 43.43 -0.70
N TYR B 485 -27.77 43.36 -1.68
CA TYR B 485 -27.59 43.90 -3.01
C TYR B 485 -28.82 44.70 -3.40
N PRO B 486 -28.66 45.79 -4.16
CA PRO B 486 -29.80 46.66 -4.46
C PRO B 486 -30.61 46.30 -5.70
N ASP B 487 -30.29 45.20 -6.39
CA ASP B 487 -30.94 44.88 -7.65
C ASP B 487 -30.96 43.36 -7.79
N PRO B 488 -32.07 42.76 -8.20
CA PRO B 488 -32.06 41.30 -8.45
C PRO B 488 -31.07 40.90 -9.52
N GLU B 489 -30.81 41.76 -10.51
CA GLU B 489 -29.76 41.48 -11.49
C GLU B 489 -28.38 41.51 -10.85
N SER B 490 -28.18 42.38 -9.86
CA SER B 490 -26.89 42.48 -9.19
C SER B 490 -26.68 41.37 -8.16
N ALA B 491 -27.74 40.68 -7.75
CA ALA B 491 -27.62 39.59 -6.80
C ALA B 491 -27.48 38.24 -7.49
N VAL B 492 -28.19 38.05 -8.61
CA VAL B 492 -28.01 36.84 -9.41
C VAL B 492 -26.61 36.82 -10.00
N ASP B 493 -26.05 37.98 -10.34
CA ASP B 493 -24.69 38.04 -10.85
C ASP B 493 -23.70 37.53 -9.81
N ALA B 494 -23.92 37.86 -8.53
CA ALA B 494 -23.05 37.37 -7.47
C ALA B 494 -23.11 35.84 -7.39
N VAL B 495 -24.31 35.26 -7.57
CA VAL B 495 -24.43 33.81 -7.55
C VAL B 495 -23.69 33.19 -8.73
N LYS B 496 -23.74 33.83 -9.89
CA LYS B 496 -23.06 33.30 -11.07
C LYS B 496 -21.55 33.29 -10.90
N GLN B 497 -21.03 34.07 -9.98
CA GLN B 497 -19.65 33.97 -9.54
C GLN B 497 -19.61 33.33 -8.15
N GLY B 498 -18.42 33.24 -7.57
CA GLY B 498 -18.31 32.56 -6.30
C GLY B 498 -18.47 33.46 -5.10
N HIS B 499 -19.56 34.24 -5.07
CA HIS B 499 -19.78 35.20 -3.99
C HIS B 499 -21.05 34.96 -3.21
N ALA B 500 -21.89 34.02 -3.62
CA ALA B 500 -23.10 33.69 -2.90
C ALA B 500 -23.58 32.32 -3.36
N TRP B 501 -24.54 31.77 -2.61
CA TRP B 501 -25.17 30.52 -2.99
C TRP B 501 -26.62 30.68 -3.41
N GLY B 502 -27.18 31.88 -3.32
CA GLY B 502 -28.56 32.10 -3.71
C GLY B 502 -28.93 33.56 -3.60
N ALA B 503 -30.17 33.85 -4.00
CA ALA B 503 -30.72 35.19 -3.94
C ALA B 503 -32.14 35.12 -3.38
N LEU B 504 -32.59 36.21 -2.76
CA LEU B 504 -33.88 36.21 -2.09
C LEU B 504 -34.89 37.15 -2.72
N TYR B 505 -34.60 38.44 -2.86
CA TYR B 505 -35.45 39.38 -3.60
C TYR B 505 -36.87 39.44 -3.03
N PHE B 506 -36.98 40.05 -1.86
CA PHE B 506 -38.29 40.49 -1.38
C PHE B 506 -38.77 41.68 -2.20
N THR B 507 -40.02 41.63 -2.66
CA THR B 507 -40.58 42.72 -3.44
C THR B 507 -41.00 43.86 -2.53
N GLU B 508 -41.12 45.06 -3.09
CA GLU B 508 -41.38 46.25 -2.28
C GLU B 508 -42.77 46.26 -1.67
N ASN B 509 -43.69 45.46 -2.17
CA ASN B 509 -45.04 45.36 -1.61
C ASN B 509 -45.30 43.97 -1.07
N PHE B 510 -44.28 43.37 -0.45
CA PHE B 510 -44.42 42.04 0.13
C PHE B 510 -45.38 42.06 1.30
N THR B 511 -45.34 43.12 2.13
CA THR B 511 -46.18 43.14 3.33
C THR B 511 -47.65 43.22 2.99
N ASP B 512 -48.03 44.16 2.11
CA ASP B 512 -49.44 44.34 1.79
C ASP B 512 -50.02 43.11 1.11
N ALA B 513 -49.25 42.48 0.22
CA ALA B 513 -49.76 41.33 -0.52
C ALA B 513 -49.83 40.08 0.35
N LEU B 514 -48.97 39.96 1.36
CA LEU B 514 -48.99 38.78 2.21
C LEU B 514 -50.17 38.82 3.18
N VAL B 515 -50.45 39.99 3.77
CA VAL B 515 -51.60 40.10 4.66
C VAL B 515 -52.89 39.92 3.88
N ALA B 516 -52.98 40.49 2.68
CA ALA B 516 -54.16 40.32 1.85
C ALA B 516 -54.32 38.90 1.33
N ARG B 517 -53.27 38.08 1.41
CA ARG B 517 -53.35 36.69 0.99
C ARG B 517 -53.87 35.78 2.11
N MET B 518 -53.35 35.98 3.32
CA MET B 518 -53.85 35.20 4.45
C MET B 518 -55.29 35.57 4.80
N ALA B 519 -55.61 36.87 4.80
CA ALA B 519 -56.97 37.29 5.12
C ALA B 519 -57.96 36.82 4.06
N LEU B 520 -57.60 36.95 2.79
CA LEU B 520 -58.46 36.53 1.68
C LEU B 520 -57.90 35.21 1.17
N GLY B 521 -58.29 34.11 1.82
CA GLY B 521 -57.79 32.80 1.49
C GLY B 521 -58.74 32.01 0.62
N LYS B 522 -58.17 31.06 -0.13
CA LYS B 522 -58.87 30.09 -0.96
C LYS B 522 -59.52 30.76 -2.17
N ASP B 523 -59.46 32.10 -2.23
CA ASP B 523 -59.97 32.83 -3.37
C ASP B 523 -59.09 34.02 -3.74
N ALA B 524 -57.80 33.96 -3.42
CA ALA B 524 -56.91 35.08 -3.68
C ALA B 524 -56.74 35.32 -5.18
N ASP B 525 -56.71 36.59 -5.56
CA ASP B 525 -56.53 36.94 -6.96
C ASP B 525 -55.11 36.62 -7.40
N PRO B 526 -54.90 36.35 -8.69
CA PRO B 526 -53.53 36.02 -9.15
C PRO B 526 -52.53 37.12 -8.92
N GLU B 527 -52.98 38.38 -8.85
CA GLU B 527 -52.06 39.49 -8.59
C GLU B 527 -51.41 39.34 -7.22
N THR B 528 -52.20 39.02 -6.20
CA THR B 528 -51.66 38.86 -4.85
C THR B 528 -50.72 37.66 -4.78
N LEU B 529 -51.07 36.56 -5.45
CA LEU B 529 -50.23 35.37 -5.41
C LEU B 529 -48.86 35.61 -6.04
N ASP B 530 -48.72 36.66 -6.84
CA ASP B 530 -47.44 36.95 -7.48
C ASP B 530 -46.61 37.97 -6.72
N GLN B 531 -47.26 38.86 -5.97
CA GLN B 531 -46.57 39.90 -5.22
C GLN B 531 -46.33 39.52 -3.77
N SER B 532 -46.72 38.33 -3.34
CA SER B 532 -46.59 37.90 -1.96
C SER B 532 -45.70 36.68 -1.80
N GLU B 533 -44.86 36.38 -2.78
CA GLU B 533 -44.00 35.22 -2.72
C GLU B 533 -42.53 35.64 -2.82
N VAL B 534 -41.68 34.90 -2.12
CA VAL B 534 -40.24 35.13 -2.12
C VAL B 534 -39.63 34.30 -3.24
N ARG B 535 -38.79 34.93 -4.05
CA ARG B 535 -38.23 34.30 -5.24
C ARG B 535 -36.77 33.93 -4.98
N VAL B 536 -36.49 32.64 -4.90
CA VAL B 536 -35.17 32.13 -4.56
C VAL B 536 -34.58 31.45 -5.78
N TRP B 537 -33.42 31.95 -6.22
CA TRP B 537 -32.61 31.30 -7.26
C TRP B 537 -31.42 30.67 -6.57
N LEU B 538 -31.31 29.35 -6.65
CA LEU B 538 -30.29 28.62 -5.89
C LEU B 538 -29.25 28.03 -6.82
N ASP B 539 -28.04 27.85 -6.27
CA ASP B 539 -26.94 27.16 -6.93
C ASP B 539 -26.97 25.70 -6.49
N MET B 540 -27.62 24.85 -7.28
CA MET B 540 -27.84 23.46 -6.90
C MET B 540 -26.83 22.51 -7.53
N SER B 541 -25.61 22.99 -7.81
CA SER B 541 -24.56 22.11 -8.30
C SER B 541 -23.97 21.23 -7.20
N ASN B 542 -24.13 21.64 -5.95
CA ASN B 542 -23.68 20.84 -4.80
C ASN B 542 -24.91 20.23 -4.15
N GLN B 543 -24.91 18.90 -4.00
CA GLN B 543 -26.09 18.22 -3.48
C GLN B 543 -26.32 18.53 -2.01
N GLN B 544 -25.28 18.43 -1.20
CA GLN B 544 -25.46 18.56 0.25
C GLN B 544 -25.74 20.00 0.65
N ILE B 545 -25.09 20.95 0.00
CA ILE B 545 -25.34 22.35 0.31
C ILE B 545 -26.72 22.77 -0.18
N GLY B 546 -27.12 22.30 -1.36
CA GLY B 546 -28.46 22.60 -1.85
C GLY B 546 -29.55 22.03 -0.96
N ILE B 547 -29.29 20.86 -0.36
CA ILE B 547 -30.25 20.27 0.58
C ILE B 547 -30.39 21.15 1.81
N ILE B 548 -29.28 21.67 2.34
CA ILE B 548 -29.31 22.48 3.55
C ILE B 548 -30.04 23.79 3.30
N LEU B 549 -29.75 24.45 2.19
CA LEU B 549 -30.35 25.76 1.92
C LEU B 549 -31.85 25.65 1.69
N GLN B 550 -32.29 24.62 0.98
CA GLN B 550 -33.72 24.42 0.80
C GLN B 550 -34.39 24.05 2.12
N ARG B 551 -33.74 23.24 2.94
CA ARG B 551 -34.33 22.84 4.22
C ARG B 551 -34.39 24.02 5.19
N ASP B 552 -33.34 24.85 5.23
CA ASP B 552 -33.31 25.97 6.17
C ASP B 552 -34.14 27.16 5.71
N LEU B 553 -34.56 27.20 4.44
CA LEU B 553 -35.39 28.29 3.97
C LEU B 553 -36.87 27.98 4.08
N GLN B 554 -37.26 26.71 3.99
CA GLN B 554 -38.64 26.32 4.23
C GLN B 554 -38.93 26.08 5.70
N LEU B 555 -37.93 25.63 6.47
CA LEU B 555 -38.13 25.44 7.90
C LEU B 555 -38.28 26.77 8.62
N SER B 556 -37.58 27.81 8.16
CA SER B 556 -37.68 29.11 8.78
C SER B 556 -39.06 29.73 8.57
N TYR B 557 -39.71 29.41 7.45
CA TYR B 557 -41.05 29.93 7.22
C TYR B 557 -42.06 29.32 8.19
N GLN B 558 -41.89 28.06 8.55
CA GLN B 558 -42.78 27.44 9.53
C GLN B 558 -42.72 28.16 10.87
N ASP B 559 -41.52 28.48 11.34
CA ASP B 559 -41.37 29.25 12.56
C ASP B 559 -41.93 30.66 12.40
N PHE B 560 -41.71 31.27 11.22
CA PHE B 560 -42.30 32.57 10.95
C PHE B 560 -43.82 32.50 10.92
N ALA B 561 -44.38 31.46 10.31
CA ALA B 561 -45.83 31.33 10.25
C ALA B 561 -46.42 31.02 11.62
N LYS B 562 -45.72 30.22 12.43
CA LYS B 562 -46.15 29.94 13.78
C LYS B 562 -46.02 31.12 14.72
N ASP B 563 -45.34 32.19 14.29
CA ASP B 563 -45.22 33.41 15.06
C ASP B 563 -46.28 34.44 14.69
N LEU B 564 -46.65 34.50 13.41
CA LEU B 564 -47.70 35.43 12.99
C LEU B 564 -49.02 35.09 13.65
N LEU B 565 -49.46 33.85 13.54
CA LEU B 565 -50.59 33.36 14.31
C LEU B 565 -50.08 32.80 15.63
N GLY B 566 -50.69 33.23 16.73
CA GLY B 566 -50.12 33.07 18.05
C GLY B 566 -49.74 34.39 18.69
N ALA B 567 -49.27 35.34 17.88
CA ALA B 567 -49.16 36.73 18.31
C ALA B 567 -50.48 37.47 18.21
N CYS B 568 -51.46 36.93 17.48
CA CYS B 568 -52.81 37.46 17.44
C CYS B 568 -53.80 36.51 18.09
N GLU B 569 -53.31 35.66 19.00
CA GLU B 569 -54.13 34.74 19.79
C GLU B 569 -54.91 33.77 18.89
N GLN B 570 -54.13 32.97 18.15
CA GLN B 570 -54.65 31.87 17.35
C GLN B 570 -53.77 30.66 17.58
N ASN B 571 -54.33 29.48 17.40
CA ASN B 571 -53.49 28.32 17.68
C ASN B 571 -52.47 28.12 16.55
N PRO B 572 -51.24 27.72 16.89
CA PRO B 572 -50.23 27.54 15.84
C PRO B 572 -50.42 26.29 15.01
N ASP B 573 -51.33 25.39 15.40
CA ASP B 573 -51.52 24.17 14.64
C ASP B 573 -52.17 24.40 13.28
N LEU B 574 -52.67 25.61 13.03
CA LEU B 574 -53.30 25.91 11.76
C LEU B 574 -52.32 26.05 10.62
N ALA B 575 -51.02 26.19 10.90
CA ALA B 575 -49.99 26.40 9.89
C ALA B 575 -49.18 25.13 9.64
N GLU B 576 -49.81 23.97 9.66
CA GLU B 576 -49.13 22.71 9.48
C GLU B 576 -49.74 21.93 8.32
N ILE B 577 -48.88 21.33 7.51
CA ILE B 577 -49.32 20.41 6.46
C ILE B 577 -49.93 19.18 7.10
N PRO B 578 -50.97 18.57 6.51
CA PRO B 578 -51.56 17.38 7.15
C PRO B 578 -50.58 16.25 7.36
N ILE B 579 -49.52 16.14 6.57
CA ILE B 579 -48.49 15.14 6.80
C ILE B 579 -47.70 15.55 8.03
N SER B 580 -48.00 14.95 9.17
CA SER B 580 -47.36 15.28 10.43
C SER B 580 -46.45 14.15 10.86
N PHE B 581 -45.21 14.49 11.20
CA PHE B 581 -44.22 13.52 11.61
C PHE B 581 -44.16 13.47 13.14
N LYS B 582 -44.48 12.31 13.70
CA LYS B 582 -44.45 12.12 15.14
C LYS B 582 -43.02 11.86 15.59
N GLU B 583 -42.84 11.49 16.85
CA GLU B 583 -41.50 11.29 17.38
C GLU B 583 -40.85 10.10 16.70
N PRO B 584 -39.59 10.22 16.26
CA PRO B 584 -38.96 9.10 15.54
C PRO B 584 -38.86 7.86 16.42
N ILE B 585 -39.03 6.70 15.79
CA ILE B 585 -38.91 5.45 16.51
C ILE B 585 -37.45 5.18 16.87
N TYR B 586 -36.53 5.45 15.94
CA TYR B 586 -35.10 5.36 16.19
C TYR B 586 -34.42 6.63 15.72
N GLY B 587 -33.35 7.00 16.41
CA GLY B 587 -32.66 8.21 16.02
C GLY B 587 -33.42 9.45 16.47
N SER B 588 -33.08 10.57 15.84
CA SER B 588 -33.70 11.85 16.13
C SER B 588 -33.98 12.58 14.83
N ASN B 589 -34.69 13.71 14.94
CA ASN B 589 -35.04 14.50 13.77
C ASN B 589 -33.86 15.16 13.10
N LYS B 590 -32.69 15.17 13.74
CA LYS B 590 -31.49 15.79 13.18
C LYS B 590 -30.38 14.74 13.18
N PRO B 591 -30.38 13.85 12.21
CA PRO B 591 -29.33 12.84 12.11
C PRO B 591 -28.06 13.43 11.51
N SER B 592 -26.96 12.69 11.67
CA SER B 592 -25.67 13.11 11.18
C SER B 592 -25.08 12.02 10.28
N PHE B 593 -24.34 12.46 9.26
CA PHE B 593 -23.72 11.50 8.36
C PHE B 593 -22.50 10.83 8.98
N THR B 594 -21.82 11.51 9.90
CA THR B 594 -20.65 10.93 10.54
C THR B 594 -21.01 9.77 11.46
N ASP B 595 -22.26 9.69 11.91
CA ASP B 595 -22.70 8.50 12.64
C ASP B 595 -22.95 7.32 11.72
N PHE B 596 -23.25 7.58 10.45
CA PHE B 596 -23.45 6.51 9.50
C PHE B 596 -22.13 5.89 9.06
N VAL B 597 -21.11 6.72 8.87
CA VAL B 597 -19.82 6.23 8.39
C VAL B 597 -18.91 5.73 9.51
N ALA B 598 -19.14 6.15 10.75
CA ALA B 598 -18.29 5.73 11.85
C ALA B 598 -18.18 4.21 12.01
N PRO B 599 -19.26 3.42 11.91
CA PRO B 599 -19.08 1.97 11.98
C PRO B 599 -18.17 1.40 10.89
N GLY B 600 -18.21 1.97 9.68
CA GLY B 600 -17.36 1.46 8.62
C GLY B 600 -15.91 1.81 8.76
N VAL B 601 -15.61 2.95 9.39
CA VAL B 601 -14.22 3.34 9.59
C VAL B 601 -13.56 2.45 10.64
N ILE B 602 -14.30 2.08 11.68
CA ILE B 602 -13.73 1.27 12.75
C ILE B 602 -13.31 -0.09 12.24
N LEU B 603 -14.19 -0.75 11.48
CA LEU B 603 -13.88 -2.09 10.99
C LEU B 603 -12.80 -2.08 9.92
N THR B 604 -12.78 -1.06 9.06
CA THR B 604 -11.80 -1.01 7.99
C THR B 604 -10.39 -0.79 8.53
N ILE B 605 -10.26 0.03 9.56
CA ILE B 605 -8.94 0.28 10.16
C ILE B 605 -8.39 -1.00 10.77
N VAL B 606 -9.22 -1.73 11.51
CA VAL B 606 -8.75 -2.92 12.21
C VAL B 606 -8.48 -4.05 11.21
N PHE B 607 -9.35 -4.22 10.23
CA PHE B 607 -9.22 -5.34 9.30
C PHE B 607 -7.97 -5.20 8.45
N PHE B 608 -7.76 -4.04 7.82
CA PHE B 608 -6.73 -3.88 6.81
C PHE B 608 -5.38 -3.50 7.38
N LEU B 609 -5.31 -3.14 8.66
CA LEU B 609 -4.04 -2.95 9.34
C LEU B 609 -3.50 -4.24 9.93
N ALA B 610 -4.29 -5.32 9.88
CA ALA B 610 -3.82 -6.66 10.23
C ALA B 610 -3.43 -7.48 9.02
N VAL B 611 -4.02 -7.20 7.85
CA VAL B 611 -3.55 -7.80 6.61
C VAL B 611 -2.12 -7.33 6.32
N ALA B 612 -1.85 -6.05 6.54
CA ALA B 612 -0.54 -5.50 6.26
C ALA B 612 0.52 -6.04 7.21
N LEU B 613 0.20 -6.13 8.51
CA LEU B 613 1.20 -6.53 9.48
C LEU B 613 1.56 -7.99 9.36
N THR B 614 0.57 -8.86 9.11
CA THR B 614 0.84 -10.29 9.02
C THR B 614 1.58 -10.65 7.74
N SER B 615 1.15 -10.10 6.61
CA SER B 615 1.79 -10.43 5.33
C SER B 615 3.24 -9.97 5.31
N SER B 616 3.50 -8.76 5.81
CA SER B 616 4.86 -8.23 5.80
C SER B 616 5.77 -9.03 6.73
N ALA B 617 5.26 -9.42 7.90
CA ALA B 617 6.09 -10.14 8.86
C ALA B 617 6.44 -11.54 8.38
N LEU B 618 5.45 -12.27 7.85
CA LEU B 618 5.67 -13.66 7.47
C LEU B 618 6.37 -13.82 6.13
N ILE B 619 6.55 -12.75 5.37
CA ILE B 619 7.23 -12.80 4.09
C ILE B 619 8.69 -12.40 4.21
N ILE B 620 8.97 -11.29 4.90
CA ILE B 620 10.36 -10.89 5.07
C ILE B 620 11.09 -11.87 6.00
N GLU B 621 10.36 -12.55 6.88
CA GLU B 621 10.99 -13.52 7.76
C GLU B 621 11.32 -14.81 7.03
N ARG B 622 10.47 -15.21 6.07
CA ARG B 622 10.70 -16.41 5.30
C ARG B 622 11.76 -16.25 4.23
N MET B 623 11.92 -15.04 3.69
CA MET B 623 12.80 -14.85 2.54
C MET B 623 14.28 -14.85 2.94
N GLU B 624 14.60 -14.46 4.17
CA GLU B 624 15.98 -14.44 4.61
C GLU B 624 16.35 -15.64 5.47
N GLY B 625 15.61 -16.73 5.36
CA GLY B 625 15.99 -17.96 6.02
C GLY B 625 15.92 -17.94 7.52
N LEU B 626 15.12 -17.03 8.09
CA LEU B 626 14.95 -17.01 9.54
C LEU B 626 14.03 -18.13 10.00
N LEU B 627 13.00 -18.45 9.22
CA LEU B 627 12.11 -19.55 9.59
C LEU B 627 12.80 -20.90 9.44
N ASP B 628 13.64 -21.04 8.40
CA ASP B 628 14.32 -22.32 8.18
C ASP B 628 15.43 -22.55 9.18
N ARG B 629 16.07 -21.48 9.66
CA ARG B 629 17.12 -21.65 10.66
C ARG B 629 16.55 -22.09 12.00
N SER B 630 15.44 -21.50 12.42
CA SER B 630 14.86 -21.87 13.70
C SER B 630 14.13 -23.20 13.64
N TRP B 631 13.69 -23.63 12.47
CA TRP B 631 13.10 -24.96 12.34
C TRP B 631 14.12 -26.04 12.65
N VAL B 632 15.37 -25.85 12.18
CA VAL B 632 16.42 -26.80 12.51
C VAL B 632 16.74 -26.77 14.00
N ALA B 633 16.63 -25.60 14.63
CA ALA B 633 16.87 -25.48 16.07
C ALA B 633 15.84 -26.24 16.90
N GLY B 634 14.72 -26.64 16.30
CA GLY B 634 13.73 -27.43 17.00
C GLY B 634 12.41 -26.75 17.26
N VAL B 635 12.13 -25.62 16.61
CA VAL B 635 10.89 -24.89 16.81
C VAL B 635 9.86 -25.41 15.81
N THR B 636 8.86 -26.12 16.31
CA THR B 636 7.86 -26.72 15.45
C THR B 636 7.01 -25.64 14.78
N PRO B 637 6.47 -25.92 13.59
CA PRO B 637 5.63 -24.92 12.92
C PRO B 637 4.40 -24.53 13.71
N GLY B 638 3.91 -25.40 14.59
CA GLY B 638 2.79 -25.02 15.44
C GLY B 638 3.15 -23.94 16.43
N GLU B 639 4.38 -23.98 16.96
CA GLU B 639 4.82 -22.96 17.91
C GLU B 639 5.10 -21.63 17.21
N ILE B 640 5.55 -21.67 15.96
CA ILE B 640 5.75 -20.44 15.21
C ILE B 640 4.42 -19.73 14.98
N LEU B 641 3.38 -20.50 14.64
CA LEU B 641 2.08 -19.90 14.35
C LEU B 641 1.40 -19.41 15.63
N PHE B 642 1.55 -20.15 16.73
CA PHE B 642 0.89 -19.77 17.98
C PHE B 642 1.39 -18.43 18.49
N SER B 643 2.70 -18.19 18.40
CA SER B 643 3.27 -16.93 18.88
C SER B 643 2.87 -15.74 18.01
N HIS B 644 2.73 -15.94 16.71
CA HIS B 644 2.30 -14.85 15.85
C HIS B 644 0.86 -14.45 16.14
N VAL B 645 -0.01 -15.43 16.40
CA VAL B 645 -1.40 -15.13 16.70
C VAL B 645 -1.52 -14.37 18.02
N VAL B 646 -0.76 -14.78 19.03
CA VAL B 646 -0.81 -14.10 20.33
C VAL B 646 -0.26 -12.68 20.21
N THR B 647 0.84 -12.50 19.47
CA THR B 647 1.39 -11.16 19.27
C THR B 647 0.42 -10.27 18.52
N GLN B 648 -0.21 -10.80 17.47
CA GLN B 648 -1.17 -10.00 16.70
C GLN B 648 -2.43 -9.73 17.49
N PHE B 649 -2.86 -10.68 18.34
CA PHE B 649 -4.06 -10.46 19.15
C PHE B 649 -3.86 -9.29 20.11
N VAL B 650 -2.70 -9.19 20.73
CA VAL B 650 -2.43 -8.11 21.67
C VAL B 650 -2.36 -6.77 20.93
N VAL B 651 -1.77 -6.76 19.74
CA VAL B 651 -1.67 -5.52 18.97
C VAL B 651 -3.05 -5.02 18.56
N MET B 652 -3.90 -5.93 18.06
CA MET B 652 -5.24 -5.53 17.65
C MET B 652 -6.11 -5.12 18.83
N CYS B 653 -5.77 -5.56 20.04
CA CYS B 653 -6.49 -5.12 21.22
C CYS B 653 -6.10 -3.70 21.62
N GLY B 654 -4.84 -3.31 21.39
CA GLY B 654 -4.46 -1.92 21.61
C GLY B 654 -5.10 -0.97 20.62
N GLN B 655 -5.19 -1.39 19.35
CA GLN B 655 -5.85 -0.56 18.35
C GLN B 655 -7.33 -0.39 18.66
N THR B 656 -7.98 -1.47 19.11
CA THR B 656 -9.40 -1.38 19.44
C THR B 656 -9.63 -0.42 20.60
N ALA B 657 -8.72 -0.41 21.58
CA ALA B 657 -8.85 0.52 22.69
C ALA B 657 -8.69 1.96 22.23
N LEU B 658 -7.74 2.22 21.33
CA LEU B 658 -7.48 3.59 20.89
C LEU B 658 -8.59 4.09 19.97
N VAL B 659 -9.03 3.26 19.02
CA VAL B 659 -10.06 3.69 18.08
C VAL B 659 -11.37 3.95 18.81
N LEU B 660 -11.77 3.06 19.71
CA LEU B 660 -13.07 3.19 20.36
C LEU B 660 -13.08 4.32 21.39
N ILE B 661 -11.94 4.61 22.02
CA ILE B 661 -11.90 5.69 22.99
C ILE B 661 -12.08 7.03 22.30
N PHE B 662 -11.37 7.24 21.18
CA PHE B 662 -11.46 8.53 20.50
C PHE B 662 -12.80 8.70 19.79
N MET B 663 -13.31 7.63 19.18
CA MET B 663 -14.59 7.74 18.49
C MET B 663 -15.73 8.05 19.45
N ILE B 664 -15.76 7.39 20.61
CA ILE B 664 -16.90 7.45 21.51
C ILE B 664 -16.70 8.47 22.62
N LEU B 665 -15.59 8.38 23.35
CA LEU B 665 -15.43 9.21 24.54
C LEU B 665 -15.10 10.66 24.18
N VAL B 666 -14.25 10.88 23.17
CA VAL B 666 -13.75 12.22 22.88
C VAL B 666 -14.65 12.95 21.89
N PHE B 667 -14.98 12.33 20.77
CA PHE B 667 -15.74 12.97 19.72
C PHE B 667 -17.23 12.70 19.79
N GLY B 668 -17.69 12.00 20.83
CA GLY B 668 -19.11 11.86 21.10
C GLY B 668 -19.94 11.15 20.05
N VAL B 669 -19.45 10.04 19.52
CA VAL B 669 -20.24 9.18 18.65
C VAL B 669 -21.07 8.26 19.53
N GLN B 670 -22.39 8.29 19.36
CA GLN B 670 -23.28 7.59 20.28
C GLN B 670 -23.11 6.08 20.18
N CYS B 671 -23.28 5.41 21.31
CA CYS B 671 -23.29 3.95 21.39
C CYS B 671 -24.47 3.56 22.27
N LYS B 672 -25.62 3.33 21.65
CA LYS B 672 -26.83 2.98 22.39
C LYS B 672 -26.92 1.50 22.74
N GLY B 673 -26.10 0.66 22.13
CA GLY B 673 -26.18 -0.77 22.34
C GLY B 673 -25.21 -1.24 23.42
N ASP B 674 -24.89 -2.54 23.35
CA ASP B 674 -23.99 -3.13 24.32
C ASP B 674 -22.55 -2.87 23.92
N ILE B 675 -21.78 -2.26 24.83
CA ILE B 675 -20.37 -2.02 24.56
C ILE B 675 -19.57 -3.31 24.55
N GLY B 676 -20.04 -4.36 25.23
CA GLY B 676 -19.30 -5.61 25.25
C GLY B 676 -19.26 -6.29 23.90
N TRP B 677 -20.36 -6.27 23.16
CA TRP B 677 -20.43 -6.94 21.87
C TRP B 677 -19.80 -6.11 20.76
N VAL B 678 -19.64 -4.81 20.95
CA VAL B 678 -18.91 -4.00 19.98
C VAL B 678 -17.43 -4.35 20.03
N ILE B 679 -16.90 -4.62 21.22
CA ILE B 679 -15.50 -4.99 21.36
C ILE B 679 -15.26 -6.38 20.77
N VAL B 680 -16.19 -7.31 20.97
CA VAL B 680 -16.04 -8.65 20.43
C VAL B 680 -16.07 -8.64 18.91
N LEU B 681 -17.01 -7.90 18.32
CA LEU B 681 -17.10 -7.86 16.86
C LEU B 681 -15.89 -7.21 16.22
N THR B 682 -15.37 -6.15 16.83
CA THR B 682 -14.18 -5.49 16.28
C THR B 682 -12.98 -6.42 16.31
N ILE B 683 -12.84 -7.21 17.37
CA ILE B 683 -11.72 -8.13 17.48
C ILE B 683 -11.87 -9.27 16.48
N LEU B 684 -13.08 -9.80 16.32
CA LEU B 684 -13.30 -10.88 15.36
C LEU B 684 -12.97 -10.45 13.94
N GLN B 685 -13.16 -9.17 13.62
CA GLN B 685 -12.77 -8.66 12.31
C GLN B 685 -11.27 -8.58 12.18
N GLY B 686 -10.55 -8.30 13.27
CA GLY B 686 -9.10 -8.32 13.22
C GLY B 686 -8.54 -9.70 12.98
N LEU B 687 -9.14 -10.72 13.59
CA LEU B 687 -8.70 -12.10 13.34
C LEU B 687 -9.01 -12.51 11.91
N CYS B 688 -10.17 -12.11 11.38
CA CYS B 688 -10.49 -12.40 10.00
C CYS B 688 -9.52 -11.72 9.04
N GLY B 689 -9.10 -10.49 9.38
CA GLY B 689 -8.10 -9.82 8.57
C GLY B 689 -6.75 -10.49 8.65
N MET B 690 -6.37 -10.96 9.83
CA MET B 690 -5.09 -11.66 9.99
C MET B 690 -5.06 -12.94 9.17
N CYS B 691 -6.18 -13.67 9.14
CA CYS B 691 -6.26 -14.90 8.36
C CYS B 691 -6.14 -14.63 6.86
N PHE B 692 -6.49 -13.44 6.39
CA PHE B 692 -6.28 -13.09 4.99
C PHE B 692 -4.81 -12.83 4.69
N GLY B 693 -4.03 -12.40 5.69
CA GLY B 693 -2.60 -12.28 5.50
C GLY B 693 -1.89 -13.61 5.38
N PHE B 694 -2.49 -14.68 5.89
CA PHE B 694 -1.95 -16.02 5.66
C PHE B 694 -2.11 -16.43 4.20
N VAL B 695 -3.22 -16.06 3.57
CA VAL B 695 -3.42 -16.38 2.17
C VAL B 695 -2.43 -15.60 1.30
N ILE B 696 -2.25 -14.32 1.58
CA ILE B 696 -1.38 -13.49 0.76
C ILE B 696 0.07 -13.97 0.88
N SER B 697 0.52 -14.25 2.11
CA SER B 697 1.90 -14.65 2.30
C SER B 697 2.17 -16.08 1.83
N ALA B 698 1.13 -16.91 1.69
CA ALA B 698 1.32 -18.24 1.14
C ALA B 698 1.30 -18.25 -0.39
N ILE B 699 0.85 -17.18 -1.02
CA ILE B 699 0.83 -17.06 -2.47
C ILE B 699 2.02 -16.25 -2.98
N CYS B 700 2.20 -15.05 -2.43
CA CYS B 700 3.25 -14.15 -2.88
C CYS B 700 4.56 -14.45 -2.19
N GLU B 701 5.65 -14.27 -2.91
CA GLU B 701 7.00 -14.48 -2.38
C GLU B 701 7.80 -13.19 -2.31
N LEU B 702 7.26 -12.09 -2.80
CA LEU B 702 7.95 -10.80 -2.79
C LEU B 702 7.08 -9.76 -2.14
N GLU B 703 7.72 -8.79 -1.49
CA GLU B 703 6.98 -7.74 -0.81
C GLU B 703 6.17 -6.90 -1.78
N ARG B 704 6.73 -6.60 -2.95
CA ARG B 704 6.02 -5.77 -3.92
C ARG B 704 4.79 -6.47 -4.47
N ASN B 705 4.82 -7.78 -4.59
CA ASN B 705 3.64 -8.53 -5.08
C ASN B 705 2.57 -8.64 -3.98
N ALA B 706 2.96 -8.72 -2.70
CA ALA B 706 1.98 -8.82 -1.63
C ALA B 706 1.19 -7.53 -1.47
N ILE B 707 1.85 -6.38 -1.56
CA ILE B 707 1.18 -5.10 -1.39
C ILE B 707 0.26 -4.77 -2.56
N GLN B 708 0.54 -5.28 -3.77
CA GLN B 708 -0.38 -5.10 -4.87
C GLN B 708 -1.64 -5.91 -4.67
N LEU B 709 -1.50 -7.14 -4.14
CA LEU B 709 -2.67 -7.97 -3.89
C LEU B 709 -3.44 -7.51 -2.67
N ALA B 710 -2.76 -6.90 -1.69
CA ALA B 710 -3.46 -6.35 -0.54
C ALA B 710 -4.23 -5.09 -0.92
N LEU B 711 -3.62 -4.21 -1.71
CA LEU B 711 -4.29 -2.99 -2.17
C LEU B 711 -5.29 -3.28 -3.29
N GLY B 712 -5.06 -4.32 -4.08
CA GLY B 712 -5.97 -4.67 -5.14
C GLY B 712 -7.29 -5.25 -4.67
N SER B 713 -7.37 -5.64 -3.39
CA SER B 713 -8.60 -6.13 -2.81
C SER B 713 -9.19 -5.19 -1.76
N PHE B 714 -8.41 -4.23 -1.27
CA PHE B 714 -8.92 -3.25 -0.31
C PHE B 714 -9.82 -2.23 -0.98
N TYR B 715 -9.45 -1.76 -2.17
CA TYR B 715 -10.26 -0.78 -2.87
C TYR B 715 -11.63 -1.32 -3.30
N PRO B 716 -11.74 -2.45 -4.00
CA PRO B 716 -13.08 -2.88 -4.46
C PRO B 716 -14.04 -3.19 -3.33
N THR B 717 -13.57 -3.72 -2.20
CA THR B 717 -14.47 -4.06 -1.11
C THR B 717 -14.92 -2.82 -0.35
N LEU B 718 -14.14 -1.76 -0.37
CA LEU B 718 -14.57 -0.52 0.28
C LEU B 718 -15.79 0.07 -0.40
N LEU B 719 -15.86 -0.02 -1.72
CA LEU B 719 -16.95 0.55 -2.49
C LEU B 719 -18.14 -0.40 -2.62
N LEU B 720 -18.06 -1.61 -2.08
CA LEU B 720 -19.15 -2.56 -2.16
C LEU B 720 -19.71 -2.98 -0.82
N SER B 721 -19.09 -2.58 0.29
CA SER B 721 -19.54 -2.98 1.62
C SER B 721 -20.45 -1.94 2.27
N GLY B 722 -20.80 -0.87 1.57
CA GLY B 722 -21.68 0.13 2.13
C GLY B 722 -21.12 0.90 3.30
N VAL B 723 -19.87 1.34 3.21
CA VAL B 723 -19.27 2.12 4.28
C VAL B 723 -19.62 3.60 4.13
N ILE B 724 -19.44 4.15 2.92
CA ILE B 724 -19.61 5.57 2.69
C ILE B 724 -20.91 5.90 1.96
N TRP B 725 -21.75 4.90 1.68
CA TRP B 725 -23.05 5.15 1.08
C TRP B 725 -23.96 3.99 1.41
N PRO B 726 -25.27 4.22 1.59
CA PRO B 726 -26.19 3.13 1.91
C PRO B 726 -26.17 2.03 0.85
N ILE B 727 -26.32 0.79 1.32
CA ILE B 727 -26.32 -0.36 0.43
C ILE B 727 -27.55 -0.42 -0.46
N GLU B 728 -28.54 0.43 -0.23
CA GLU B 728 -29.76 0.44 -1.03
C GLU B 728 -29.58 1.13 -2.38
N GLY B 729 -28.44 1.78 -2.61
CA GLY B 729 -28.23 2.47 -3.88
C GLY B 729 -27.88 1.55 -5.03
N MET B 730 -27.22 0.44 -4.76
CA MET B 730 -26.79 -0.46 -5.82
C MET B 730 -27.98 -1.19 -6.44
N PRO B 731 -27.83 -1.68 -7.67
CA PRO B 731 -28.89 -2.50 -8.26
C PRO B 731 -29.07 -3.80 -7.51
N THR B 732 -30.19 -4.47 -7.80
CA THR B 732 -30.53 -5.70 -7.08
C THR B 732 -29.49 -6.79 -7.34
N VAL B 733 -29.02 -6.91 -8.59
CA VAL B 733 -28.04 -7.94 -8.90
C VAL B 733 -26.73 -7.69 -8.16
N LEU B 734 -26.29 -6.42 -8.12
CA LEU B 734 -25.07 -6.08 -7.41
C LEU B 734 -25.24 -6.09 -5.90
N ARG B 735 -26.47 -6.00 -5.40
CA ARG B 735 -26.67 -6.05 -3.96
C ARG B 735 -26.54 -7.46 -3.41
N TYR B 736 -26.92 -8.47 -4.20
CA TYR B 736 -26.75 -9.85 -3.76
C TYR B 736 -25.28 -10.19 -3.58
N VAL B 737 -24.44 -9.79 -4.52
CA VAL B 737 -23.03 -10.15 -4.48
C VAL B 737 -22.34 -9.48 -3.30
N SER B 738 -22.67 -8.22 -3.04
CA SER B 738 -21.96 -7.46 -2.02
C SER B 738 -22.17 -8.04 -0.63
N THR B 739 -23.30 -8.71 -0.41
CA THR B 739 -23.59 -9.26 0.92
C THR B 739 -22.56 -10.29 1.33
N PHE B 740 -22.12 -11.14 0.40
CA PHE B 740 -21.17 -12.20 0.70
C PHE B 740 -19.76 -11.70 0.94
N LEU B 741 -19.49 -10.41 0.71
CA LEU B 741 -18.17 -9.87 0.93
C LEU B 741 -17.85 -9.83 2.42
N PRO B 742 -16.57 -9.83 2.80
CA PRO B 742 -16.21 -10.00 4.22
C PRO B 742 -16.78 -8.95 5.16
N LEU B 743 -16.85 -7.68 4.72
CA LEU B 743 -17.16 -6.58 5.62
C LEU B 743 -18.58 -6.04 5.49
N THR B 744 -19.40 -6.63 4.62
CA THR B 744 -20.72 -6.05 4.37
C THR B 744 -21.67 -6.31 5.52
N LEU B 745 -21.84 -7.56 5.92
CA LEU B 745 -22.74 -7.89 7.02
C LEU B 745 -22.17 -7.51 8.37
N ALA B 746 -20.85 -7.36 8.49
CA ALA B 746 -20.26 -6.91 9.74
C ALA B 746 -20.42 -5.42 9.94
N THR B 747 -20.40 -4.62 8.87
CA THR B 747 -20.65 -3.19 8.99
C THR B 747 -22.11 -2.93 9.32
N THR B 748 -23.03 -3.68 8.71
CA THR B 748 -24.44 -3.55 9.03
C THR B 748 -24.72 -3.94 10.48
N SER B 749 -24.08 -5.01 10.95
CA SER B 749 -24.29 -5.47 12.32
C SER B 749 -23.80 -4.45 13.33
N LEU B 750 -22.66 -3.82 13.08
CA LEU B 750 -22.14 -2.82 14.01
C LEU B 750 -22.96 -1.54 13.97
N ARG B 751 -23.55 -1.21 12.82
CA ARG B 751 -24.36 0.00 12.71
C ARG B 751 -25.65 -0.11 13.50
N ALA B 752 -26.20 -1.32 13.65
CA ALA B 752 -27.40 -1.50 14.45
C ALA B 752 -27.10 -1.47 15.95
N MET B 753 -25.91 -1.91 16.36
CA MET B 753 -25.53 -1.82 17.76
C MET B 753 -25.38 -0.38 18.22
N LEU B 754 -24.80 0.47 17.38
CA LEU B 754 -24.51 1.84 17.77
C LEU B 754 -25.71 2.78 17.59
N THR B 755 -26.43 2.64 16.48
CA THR B 755 -27.46 3.62 16.14
C THR B 755 -28.84 3.25 16.63
N ARG B 756 -29.11 1.96 16.85
CA ARG B 756 -30.43 1.52 17.29
C ARG B 756 -30.43 0.83 18.65
N GLY B 757 -29.27 0.38 19.14
CA GLY B 757 -29.22 -0.29 20.42
C GLY B 757 -29.70 -1.73 20.41
N TRP B 758 -29.67 -2.39 19.25
CA TRP B 758 -30.15 -3.76 19.17
C TRP B 758 -29.17 -4.71 19.84
N SER B 759 -29.69 -5.83 20.31
CA SER B 759 -28.92 -6.84 21.03
C SER B 759 -28.54 -7.97 20.08
N ILE B 760 -27.82 -8.95 20.63
CA ILE B 760 -27.35 -10.08 19.83
C ILE B 760 -28.52 -10.93 19.33
N ALA B 761 -29.67 -10.85 19.99
CA ALA B 761 -30.79 -11.70 19.60
C ALA B 761 -31.39 -11.34 18.26
N GLU B 762 -31.17 -10.12 17.77
CA GLU B 762 -31.80 -9.68 16.53
C GLU B 762 -31.14 -10.36 15.31
N PRO B 763 -31.94 -10.77 14.32
CA PRO B 763 -31.35 -11.42 13.14
C PRO B 763 -30.37 -10.56 12.39
N ALA B 764 -30.58 -9.24 12.34
CA ALA B 764 -29.66 -8.38 11.62
C ALA B 764 -28.34 -8.17 12.35
N VAL B 765 -28.23 -8.62 13.59
CA VAL B 765 -27.05 -8.39 14.41
C VAL B 765 -26.13 -9.59 14.43
N TYR B 766 -26.68 -10.79 14.65
CA TYR B 766 -25.85 -11.98 14.69
C TYR B 766 -25.52 -12.51 13.30
N TYR B 767 -26.09 -11.94 12.25
CA TYR B 767 -25.66 -12.27 10.90
C TYR B 767 -24.29 -11.70 10.59
N GLY B 768 -23.87 -10.67 11.30
CA GLY B 768 -22.53 -10.14 11.18
C GLY B 768 -21.51 -10.85 12.03
N PHE B 769 -21.95 -11.69 12.97
CA PHE B 769 -21.06 -12.55 13.73
C PHE B 769 -20.85 -13.89 13.06
N LEU B 770 -21.90 -14.41 12.42
CA LEU B 770 -21.77 -15.68 11.69
C LEU B 770 -21.02 -15.48 10.37
N ALA B 771 -21.10 -14.29 9.78
CA ALA B 771 -20.42 -14.05 8.52
C ALA B 771 -18.92 -13.96 8.70
N THR B 772 -18.46 -13.46 9.84
CA THR B 772 -17.02 -13.41 10.10
C THR B 772 -16.45 -14.79 10.41
N ILE B 773 -17.22 -15.62 11.12
CA ILE B 773 -16.75 -16.96 11.47
C ILE B 773 -16.55 -17.80 10.21
N ILE B 774 -17.47 -17.69 9.26
CA ILE B 774 -17.34 -18.42 8.01
C ILE B 774 -16.11 -17.96 7.24
N TRP B 775 -15.87 -16.65 7.19
CA TRP B 775 -14.73 -16.14 6.45
C TRP B 775 -13.40 -16.45 7.14
N ILE B 776 -13.41 -16.58 8.46
CA ILE B 776 -12.20 -17.04 9.16
C ILE B 776 -11.88 -18.48 8.76
N VAL B 777 -12.91 -19.33 8.69
CA VAL B 777 -12.70 -20.72 8.30
C VAL B 777 -12.32 -20.81 6.82
N ALA B 778 -12.98 -20.01 5.97
CA ALA B 778 -12.70 -20.05 4.54
C ALA B 778 -11.27 -19.58 4.24
N PHE B 779 -10.84 -18.52 4.92
CA PHE B 779 -9.49 -18.00 4.69
C PHE B 779 -8.43 -18.98 5.16
N LEU B 780 -8.72 -19.79 6.18
CA LEU B 780 -7.76 -20.80 6.62
C LEU B 780 -7.72 -22.00 5.67
N THR B 781 -8.87 -22.41 5.15
CA THR B 781 -8.89 -23.53 4.21
C THR B 781 -8.14 -23.20 2.93
N ILE B 782 -8.35 -21.99 2.39
CA ILE B 782 -7.65 -21.60 1.17
C ILE B 782 -6.15 -21.53 1.41
N SER B 783 -5.74 -20.99 2.56
CA SER B 783 -4.32 -20.92 2.87
C SER B 783 -3.70 -22.30 3.01
N MET B 784 -4.42 -23.23 3.66
CA MET B 784 -3.91 -24.58 3.81
C MET B 784 -3.86 -25.30 2.46
N LEU B 785 -4.85 -25.08 1.60
CA LEU B 785 -4.86 -25.71 0.29
C LEU B 785 -3.73 -25.20 -0.60
N VAL B 786 -3.38 -23.93 -0.47
CA VAL B 786 -2.29 -23.39 -1.28
C VAL B 786 -0.97 -24.04 -0.90
N LEU B 787 -0.70 -24.18 0.40
CA LEU B 787 0.54 -24.81 0.84
C LEU B 787 0.60 -26.30 0.55
N ARG B 788 -0.53 -26.93 0.23
CA ARG B 788 -0.51 -28.36 -0.04
C ARG B 788 0.22 -28.66 -1.35
N PHE B 789 -0.11 -27.93 -2.41
CA PHE B 789 0.45 -28.19 -3.72
C PHE B 789 1.61 -27.26 -4.08
N LYS B 790 1.92 -26.30 -3.23
CA LYS B 790 2.98 -25.34 -3.52
C LYS B 790 3.88 -25.10 -2.31
C10 A1EC8 C . -10.72 6.79 -3.27
C11 A1EC8 C . -13.15 6.72 -3.81
C12 A1EC8 C . 3.84 -1.15 -6.22
C01 A1EC8 C . 5.88 -2.33 -6.78
C02 A1EC8 C . 4.98 -1.84 -5.82
C03 A1EC8 C . 2.07 0.80 -3.37
C04 A1EC8 C . 0.72 2.80 -2.42
C05 A1EC8 C . -0.91 4.75 -2.87
C06 A1EC8 C . -2.03 3.48 -4.81
C07 A1EC8 C . -4.35 4.54 -5.25
C08 A1EC8 C . -6.76 5.38 -5.52
C09 A1EC8 C . -9.06 5.41 -4.30
C13 A1EC8 C . 2.14 2.21 -2.75
C14 A1EC8 C . 0.42 4.06 -3.26
C15 A1EC8 C . -2.14 3.96 -3.35
C16 A1EC8 C . -3.41 3.32 -5.48
C17 A1EC8 C . -5.63 4.48 -6.09
C18 A1EC8 C . -7.85 4.55 -4.79
C19 A1EC8 C . -12.10 6.40 -2.76
C20 A1EC8 C . 5.64 -2.11 -8.14
C21 A1EC8 C . 3.17 0.56 -4.45
C22 A1EC8 C . -10.31 5.88 -4.43
C23 A1EC8 C . 4.46 -1.41 -8.54
C24 A1EC8 C . 3.59 -0.95 -7.60
C25 A1EC8 C . -2.28 -2.24 2.48
C26 A1EC8 C . -4.42 -1.43 3.76
C27 A1EC8 C . -3.81 0.27 5.64
C28 A1EC8 C . -5.54 1.83 6.67
C29 A1EC8 C . -8.07 1.95 6.26
C30 A1EC8 C . -9.88 3.73 5.70
C31 A1EC8 C . -11.05 6.07 5.61
C32 A1EC8 C . -12.45 6.56 3.50
C33 A1EC8 C . -12.78 7.31 1.06
C34 A1EC8 C . -12.48 6.48 -0.22
C35 A1EC8 C . -3.72 -2.61 2.98
C36 A1EC8 C . -3.38 -0.36 4.28
C37 A1EC8 C . -5.28 0.72 5.64
C38 A1EC8 C . -6.94 1.72 7.30
C39 A1EC8 C . -8.38 3.46 6.03
C40 A1EC8 C . -10.46 4.94 6.53
C41 A1EC8 C . -11.61 5.52 4.26
C42 A1EC8 C . -11.76 7.02 2.19
N45 A1EC8 C . 2.88 -0.65 -5.23
N46 A1EC8 C . 6.56 -2.60 -9.14
N49 A1EC8 C . -12.39 7.16 -1.53
N50 A1EC8 C . 3.98 -1.06 -9.76
N51 A1EC8 C . 2.57 -0.31 -8.25
O43 A1EC8 C . -10.76 8.11 -3.72
O44 A1EC8 C . 6.89 -3.96 -9.19
O47 A1EC8 C . -14.32 7.15 -3.16
O48 A1EC8 C . 7.03 -1.86 -9.92
O52 A1EC8 C . 2.80 -0.40 -9.58
O53 A1EC8 C . -12.32 5.30 -0.15
C10 A1D7S D . 1.91 8.72 10.70
C13 A1D7S D . 4.62 6.68 8.60
C15 A1D7S D . 7.09 6.39 7.88
C17 A1D7S D . 9.38 5.70 6.91
C21 A1D7S D . 13.11 5.44 7.34
C22 A1D7S D . 13.80 6.04 8.58
C24 A1D7S D . 14.39 8.34 8.87
C26 A1D7S D . 12.88 9.27 7.01
C28 A1D7S D . 11.64 11.14 8.25
C01 A1D7S D . 9.23 10.25 16.70
C02 A1D7S D . 8.77 11.22 15.59
C03 A1D7S D . 7.26 11.58 15.70
C04 A1D7S D . 6.68 12.12 14.37
C05 A1D7S D . 5.12 12.24 14.40
C06 A1D7S D . 4.44 11.37 13.31
C07 A1D7S D . 2.88 11.53 13.29
C08 A1D7S D . 2.16 10.27 12.77
C09 A1D7S D . 2.86 9.64 11.52
C11 A1D7S D . 2.62 8.10 9.46
C12 A1D7S D . 3.86 7.25 9.84
C14 A1D7S D . 6.02 6.12 8.98
C16 A1D7S D . 8.18 5.28 7.82
C18 A1D7S D . 10.75 5.39 7.55
C25 A1D7S D . 14.05 9.55 7.98
C27 A1D7S D . 11.51 9.77 7.54
C29 A1D7S D . 10.79 12.04 7.78
C30 A1D7S D . 9.66 12.49 6.82
C31 A1D7S D . 10.19 12.76 5.40
C32 A1D7S D . 9.24 13.23 4.59
C33 A1D7S D . 7.79 13.68 4.27
C34 A1D7S D . 7.71 15.19 3.98
C35 A1D7S D . 6.93 15.48 2.93
C36 A1D7S D . 7.31 16.95 3.21
C37 A1D7S D . 6.21 17.95 2.74
C38 A1D7S D . 5.05 17.34 2.51
C39 A1D7S D . 3.55 17.35 2.09
C40 A1D7S D . 2.74 16.26 2.79
C41 A1D7S D . 2.00 15.41 2.08
C42 A1D7S D . 1.96 15.52 0.54
C43 A1D7S D . 0.89 14.61 -0.08
C44 A1D7S D . 14.03 5.62 6.12
C50 A1D7S D . 17.38 2.03 5.54
C51 A1D7S D . 18.30 1.27 6.52
N52 A1D7S D . 19.70 1.51 6.19
O19 A1D7S D . 10.84 4.58 8.40
O20 A1D7S D . 11.91 6.11 7.13
O23 A1D7S D . 13.34 7.38 8.74
O45 A1D7S D . 15.12 4.73 6.23
O47 A1D7S D . 13.67 2.72 5.50
O48 A1D7S D . 15.25 3.38 4.03
O49 A1D7S D . 16.11 2.19 6.15
P46 A1D7S D . 15.03 3.25 5.48
C10 A1D7S E . -6.98 -5.92 -10.76
C13 A1D7S E . -3.88 -6.62 -8.36
C15 A1D7S E . -2.50 -8.79 -8.61
C17 A1D7S E . -0.88 -10.79 -8.83
C21 A1D7S E . 2.22 -12.91 -8.54
C22 A1D7S E . 2.30 -13.79 -9.80
C24 A1D7S E . 1.25 -15.91 -10.18
C26 A1D7S E . -0.08 -15.96 -7.96
C28 A1D7S E . -2.56 -16.01 -8.61
C01 A1D7S E . -4.34 -12.62 -17.68
C02 A1D7S E . -5.66 -12.83 -16.89
C03 A1D7S E . -6.47 -11.53 -16.73
C04 A1D7S E . -7.55 -11.63 -15.63
C05 A1D7S E . -8.11 -10.24 -15.22
C06 A1D7S E . -8.02 -9.99 -13.69
C07 A1D7S E . -8.25 -8.48 -13.30
C08 A1D7S E . -7.60 -8.14 -11.92
C09 A1D7S E . -8.14 -6.81 -11.33
C11 A1D7S E . -5.98 -6.73 -9.89
C12 A1D7S E . -4.92 -5.82 -9.20
C14 A1D7S E . -2.88 -7.43 -9.25
C16 A1D7S E . -1.04 -9.24 -8.95
C18 A1D7S E . 0.57 -11.21 -8.46
C25 A1D7S E . 0.27 -16.70 -9.27
C27 A1D7S E . -1.40 -15.16 -8.06
C29 A1D7S E . -3.72 -15.67 -8.05
C30 A1D7S E . -4.58 -14.82 -7.09
C31 A1D7S E . -6.09 -14.90 -7.43
C32 A1D7S E . -6.86 -14.62 -6.38
C33 A1D7S E . -7.07 -14.24 -4.88
C34 A1D7S E . -8.22 -15.05 -4.24
C35 A1D7S E . -7.99 -15.32 -2.94
C36 A1D7S E . -9.36 -16.03 -2.95
C37 A1D7S E . -10.55 -15.04 -2.99
C38 A1D7S E . -10.71 -14.39 -1.83
C39 A1D7S E . -11.43 -13.37 -0.91
C40 A1D7S E . -11.94 -12.15 -1.70
C41 A1D7S E . -11.74 -10.92 -1.23
C42 A1D7S E . -10.98 -10.71 0.11
C43 A1D7S E . -11.08 -9.26 0.61
C44 A1D7S E . 2.79 -13.68 -7.34
C50 A1D7S E . 7.59 -15.07 -8.40
C51 A1D7S E . 8.67 -14.48 -7.48
N52 A1D7S E . 9.98 -15.05 -7.79
O19 A1D7S E . 1.40 -10.39 -8.29
O20 A1D7S E . 0.88 -12.59 -8.30
O23 A1D7S E . 1.08 -14.52 -9.91
O45 A1D7S E . 3.80 -14.55 -7.81
O47 A1D7S E . 5.41 -13.29 -6.20
O48 A1D7S E . 5.67 -15.54 -6.30
O49 A1D7S E . 6.46 -14.21 -8.38
P46 A1D7S E . 5.35 -14.40 -7.17
#